data_2M41
#
_entry.id   2M41
#
loop_
_entity.id
_entity.type
_entity.pdbx_description
1 polymer 'Protein capicua homolog'
2 polymer Ataxin-1
#
loop_
_entity_poly.entity_id
_entity_poly.type
_entity_poly.pdbx_seq_one_letter_code
_entity_poly.pdbx_strand_id
1 'polypeptide(L)' VFPWHSLVPFLAPSQ A
2 'polypeptide(L)'
;GAMAPPTLPPYFMKGSIIQLANGELKKVEDLKTEDFIQSAEISNDLKIDSSTVERIEDSHSPGVAVIQFAVGEHRAQVSV
EVLVEYPFFVFGQGWSSCCPERTSQLFDLPCSKLSVGDVCISLTLK
;
B
#
# COMPACT_ATOMS: atom_id res chain seq x y z
N VAL A 1 -9.70 1.68 17.31
CA VAL A 1 -8.68 1.51 16.26
C VAL A 1 -9.29 0.92 15.00
N PHE A 2 -8.47 0.83 13.97
CA PHE A 2 -8.84 0.17 12.74
C PHE A 2 -7.87 -0.96 12.45
N PRO A 3 -8.39 -2.12 12.01
CA PRO A 3 -7.55 -3.24 11.59
C PRO A 3 -6.51 -2.77 10.58
N TRP A 4 -5.24 -3.05 10.86
CA TRP A 4 -4.13 -2.46 10.13
C TRP A 4 -4.26 -2.56 8.61
N HIS A 5 -4.97 -3.57 8.10
CA HIS A 5 -5.27 -3.63 6.67
C HIS A 5 -6.30 -2.55 6.28
N SER A 6 -5.88 -1.31 6.33
CA SER A 6 -6.75 -0.19 6.04
C SER A 6 -6.18 0.68 4.92
N LEU A 7 -4.90 0.51 4.66
CA LEU A 7 -4.16 1.37 3.73
C LEU A 7 -3.28 0.55 2.80
N VAL A 8 -3.28 -0.77 2.99
CA VAL A 8 -2.48 -1.65 2.16
C VAL A 8 -3.32 -2.20 1.00
N PRO A 9 -3.02 -1.77 -0.22
CA PRO A 9 -3.75 -2.20 -1.40
C PRO A 9 -3.16 -3.49 -1.98
N PHE A 10 -3.88 -4.06 -2.92
CA PHE A 10 -3.42 -5.29 -3.56
C PHE A 10 -3.17 -5.00 -5.03
N LEU A 11 -2.06 -5.50 -5.55
CA LEU A 11 -1.70 -5.28 -6.94
C LEU A 11 -2.48 -6.24 -7.86
N ALA A 12 -3.77 -6.43 -7.52
CA ALA A 12 -4.62 -7.45 -8.13
C ALA A 12 -4.20 -8.84 -7.64
N PRO A 13 -5.10 -9.84 -7.73
CA PRO A 13 -4.78 -11.22 -7.37
C PRO A 13 -3.50 -11.70 -8.05
N SER A 14 -2.42 -11.74 -7.28
CA SER A 14 -1.13 -12.14 -7.78
C SER A 14 -1.09 -13.64 -8.07
N GLN A 15 -0.13 -14.06 -8.86
CA GLN A 15 0.01 -15.45 -9.23
C GLN A 15 1.07 -16.13 -8.39
N ALA B 4 -19.73 18.61 8.17
CA ALA B 4 -18.30 18.40 8.45
C ALA B 4 -18.12 17.60 9.73
N PRO B 5 -17.26 16.58 9.72
CA PRO B 5 -16.96 15.78 10.90
C PRO B 5 -15.84 16.40 11.74
N PRO B 6 -15.64 15.91 12.98
CA PRO B 6 -14.57 16.40 13.86
C PRO B 6 -13.22 16.37 13.14
N THR B 7 -12.85 15.20 12.66
CA THR B 7 -11.69 15.05 11.80
C THR B 7 -12.10 14.33 10.53
N LEU B 8 -11.14 14.05 9.66
CA LEU B 8 -11.40 13.32 8.45
C LEU B 8 -11.87 11.87 8.76
N PRO B 9 -12.32 11.11 7.74
CA PRO B 9 -12.71 9.71 7.94
C PRO B 9 -11.63 8.90 8.67
N PRO B 10 -12.05 7.95 9.52
CA PRO B 10 -11.14 7.19 10.37
C PRO B 10 -10.42 6.04 9.64
N TYR B 11 -10.84 5.76 8.43
CA TYR B 11 -10.22 4.68 7.64
C TYR B 11 -9.08 5.24 6.77
N PHE B 12 -7.85 4.96 7.21
CA PHE B 12 -6.62 5.22 6.44
C PHE B 12 -6.31 6.72 6.22
N MET B 13 -7.30 7.58 6.38
CA MET B 13 -7.07 9.01 6.28
C MET B 13 -6.10 9.46 7.37
N LYS B 14 -5.45 10.60 7.15
CA LYS B 14 -4.39 11.08 8.04
C LYS B 14 -4.87 11.22 9.48
N GLY B 15 -4.16 10.58 10.39
CA GLY B 15 -4.46 10.74 11.80
C GLY B 15 -5.13 9.52 12.38
N SER B 16 -5.60 8.62 11.53
CA SER B 16 -6.19 7.38 12.01
C SER B 16 -5.17 6.59 12.81
N ILE B 17 -5.63 6.01 13.90
CA ILE B 17 -4.77 5.16 14.71
C ILE B 17 -4.93 3.73 14.24
N ILE B 18 -3.94 3.29 13.49
CA ILE B 18 -3.97 1.99 12.87
C ILE B 18 -3.36 0.95 13.81
N GLN B 19 -4.09 -0.12 14.06
CA GLN B 19 -3.63 -1.14 14.98
C GLN B 19 -3.08 -2.33 14.22
N LEU B 20 -1.83 -2.64 14.49
CA LEU B 20 -1.15 -3.73 13.82
C LEU B 20 -1.50 -5.07 14.47
N ALA B 21 -1.09 -6.16 13.83
CA ALA B 21 -1.41 -7.48 14.33
C ALA B 21 -0.67 -7.76 15.64
N ASN B 22 0.45 -7.06 15.83
CA ASN B 22 1.24 -7.21 17.04
C ASN B 22 0.69 -6.32 18.15
N GLY B 23 -0.34 -5.54 17.82
CA GLY B 23 -1.03 -4.75 18.81
C GLY B 23 -0.63 -3.29 18.81
N GLU B 24 0.30 -2.91 17.93
CA GLU B 24 0.77 -1.53 17.90
C GLU B 24 -0.27 -0.57 17.41
N LEU B 25 -0.22 0.62 17.96
CA LEU B 25 -1.17 1.67 17.64
C LEU B 25 -0.44 2.88 17.12
N LYS B 26 -0.37 3.01 15.82
CA LYS B 26 0.48 4.00 15.18
C LYS B 26 -0.32 4.80 14.16
N LYS B 27 0.04 6.07 14.01
CA LYS B 27 -0.59 6.94 13.02
C LYS B 27 -0.35 6.42 11.62
N VAL B 28 -1.36 6.54 10.76
CA VAL B 28 -1.27 6.05 9.37
C VAL B 28 0.05 6.50 8.73
N GLU B 29 0.33 7.78 8.91
CA GLU B 29 1.44 8.45 8.25
C GLU B 29 2.80 7.98 8.75
N ASP B 30 2.81 7.24 9.85
CA ASP B 30 4.05 6.83 10.49
C ASP B 30 4.29 5.34 10.34
N LEU B 31 3.27 4.62 9.92
CA LEU B 31 3.37 3.19 9.73
C LEU B 31 4.48 2.87 8.73
N LYS B 32 5.47 2.14 9.21
CA LYS B 32 6.57 1.72 8.38
C LYS B 32 6.20 0.43 7.68
N THR B 33 6.85 0.12 6.58
CA THR B 33 6.57 -1.11 5.87
C THR B 33 6.83 -2.30 6.79
N GLU B 34 7.86 -2.17 7.63
CA GLU B 34 8.23 -3.20 8.58
C GLU B 34 7.09 -3.48 9.56
N ASP B 35 6.25 -2.46 9.79
CA ASP B 35 5.11 -2.60 10.67
C ASP B 35 4.11 -3.59 10.09
N PHE B 36 3.81 -3.44 8.81
CA PHE B 36 2.88 -4.34 8.14
C PHE B 36 3.52 -5.69 7.93
N ILE B 37 4.81 -5.70 7.59
CA ILE B 37 5.55 -6.93 7.45
C ILE B 37 5.38 -7.80 8.68
N GLN B 38 5.75 -7.26 9.83
CA GLN B 38 5.64 -7.98 11.08
C GLN B 38 4.22 -8.46 11.31
N SER B 39 3.26 -7.54 11.17
CA SER B 39 1.87 -7.86 11.44
C SER B 39 1.38 -9.04 10.59
N ALA B 40 1.82 -9.09 9.34
CA ALA B 40 1.41 -10.16 8.45
C ALA B 40 2.15 -11.45 8.78
N GLU B 41 3.40 -11.31 9.19
CA GLU B 41 4.25 -12.46 9.46
C GLU B 41 3.88 -13.14 10.78
N ILE B 42 3.54 -12.33 11.77
CA ILE B 42 3.09 -12.82 13.06
C ILE B 42 1.76 -13.56 12.92
N SER B 43 1.03 -13.22 11.87
CA SER B 43 -0.24 -13.84 11.59
C SER B 43 -0.09 -14.96 10.57
N ASN B 44 -1.07 -15.86 10.52
CA ASN B 44 -1.02 -16.99 9.59
C ASN B 44 -2.14 -16.90 8.57
N ASP B 45 -3.12 -16.05 8.85
CA ASP B 45 -4.22 -15.81 7.90
C ASP B 45 -3.87 -14.61 7.04
N LEU B 46 -2.72 -14.03 7.32
CA LEU B 46 -2.27 -12.82 6.63
C LEU B 46 -0.85 -13.04 6.12
N LYS B 47 -0.50 -12.41 5.02
CA LYS B 47 0.85 -12.56 4.47
C LYS B 47 1.23 -11.41 3.54
N ILE B 48 2.53 -11.12 3.50
CA ILE B 48 3.09 -10.10 2.62
C ILE B 48 3.55 -10.75 1.31
N ASP B 49 3.60 -9.98 0.25
CA ASP B 49 4.13 -10.47 -1.02
C ASP B 49 5.16 -9.50 -1.56
N SER B 50 6.08 -10.02 -2.35
CA SER B 50 7.12 -9.21 -2.97
C SER B 50 6.89 -9.13 -4.48
N SER B 51 6.35 -8.00 -4.92
CA SER B 51 6.10 -7.77 -6.33
C SER B 51 6.83 -6.50 -6.79
N THR B 52 7.93 -6.69 -7.53
CA THR B 52 8.74 -5.56 -7.99
C THR B 52 8.12 -4.92 -9.22
N VAL B 53 7.60 -3.71 -9.08
CA VAL B 53 7.16 -2.96 -10.23
C VAL B 53 8.32 -2.75 -11.20
N GLU B 54 8.17 -3.30 -12.39
CA GLU B 54 9.19 -3.19 -13.42
C GLU B 54 8.85 -2.08 -14.39
N ARG B 55 7.59 -1.67 -14.42
CA ARG B 55 7.16 -0.61 -15.32
C ARG B 55 5.88 0.05 -14.81
N ILE B 56 5.68 1.29 -15.20
CA ILE B 56 4.52 2.06 -14.79
C ILE B 56 3.99 2.86 -15.97
N GLU B 57 2.76 2.58 -16.35
CA GLU B 57 2.20 3.21 -17.53
C GLU B 57 0.88 3.88 -17.22
N ASP B 58 0.72 5.10 -17.72
CA ASP B 58 -0.53 5.81 -17.59
C ASP B 58 -1.55 5.22 -18.55
N SER B 59 -2.78 5.10 -18.09
CA SER B 59 -3.80 4.41 -18.85
C SER B 59 -4.76 5.39 -19.50
N HIS B 60 -4.41 6.68 -19.46
CA HIS B 60 -5.22 7.75 -20.03
C HIS B 60 -6.48 8.01 -19.21
N SER B 61 -7.10 6.94 -18.74
CA SER B 61 -8.28 7.03 -17.88
C SER B 61 -7.99 7.86 -16.63
N PRO B 62 -9.02 8.57 -16.12
CA PRO B 62 -8.89 9.46 -14.96
C PRO B 62 -8.19 8.83 -13.77
N GLY B 63 -6.99 9.33 -13.49
CA GLY B 63 -6.21 8.87 -12.37
C GLY B 63 -5.87 7.40 -12.44
N VAL B 64 -5.75 6.85 -13.63
CA VAL B 64 -5.46 5.43 -13.78
C VAL B 64 -4.07 5.19 -14.34
N ALA B 65 -3.30 4.40 -13.64
CA ALA B 65 -2.00 3.99 -14.10
C ALA B 65 -1.80 2.52 -13.80
N VAL B 66 -1.34 1.79 -14.78
CA VAL B 66 -1.10 0.37 -14.61
C VAL B 66 0.32 0.14 -14.16
N ILE B 67 0.45 -0.41 -12.98
CA ILE B 67 1.74 -0.76 -12.44
C ILE B 67 2.06 -2.19 -12.84
N GLN B 68 3.11 -2.36 -13.64
CA GLN B 68 3.52 -3.68 -14.08
C GLN B 68 4.44 -4.30 -13.05
N PHE B 69 3.97 -5.33 -12.39
CA PHE B 69 4.73 -5.97 -11.31
C PHE B 69 5.32 -7.29 -11.75
N ALA B 70 6.55 -7.52 -11.31
CA ALA B 70 7.15 -8.83 -11.42
C ALA B 70 7.00 -9.55 -10.09
N VAL B 71 6.00 -10.43 -10.02
CA VAL B 71 5.67 -11.10 -8.78
C VAL B 71 6.65 -12.23 -8.48
N GLY B 72 7.33 -12.12 -7.35
CA GLY B 72 8.22 -13.16 -6.92
C GLY B 72 9.56 -13.12 -7.62
N GLU B 73 10.45 -14.02 -7.21
CA GLU B 73 11.79 -14.09 -7.80
C GLU B 73 11.73 -14.72 -9.19
N HIS B 74 10.62 -15.40 -9.48
CA HIS B 74 10.38 -15.94 -10.80
C HIS B 74 9.84 -14.83 -11.71
N ARG B 75 9.71 -13.63 -11.12
CA ARG B 75 9.37 -12.39 -11.81
C ARG B 75 8.28 -12.59 -12.86
N ALA B 76 7.13 -13.02 -12.39
CA ALA B 76 5.96 -13.16 -13.24
C ALA B 76 5.25 -11.83 -13.34
N GLN B 77 5.17 -11.29 -14.55
CA GLN B 77 4.70 -9.93 -14.74
C GLN B 77 3.18 -9.85 -14.78
N VAL B 78 2.67 -8.92 -13.99
CA VAL B 78 1.24 -8.64 -13.94
C VAL B 78 0.99 -7.18 -14.24
N SER B 79 0.20 -6.91 -15.25
CA SER B 79 -0.17 -5.55 -15.60
C SER B 79 -1.55 -5.23 -15.03
N VAL B 80 -1.57 -4.46 -13.96
CA VAL B 80 -2.81 -4.13 -13.29
C VAL B 80 -3.08 -2.62 -13.31
N GLU B 81 -4.22 -2.23 -13.86
CA GLU B 81 -4.62 -0.83 -13.89
C GLU B 81 -5.17 -0.42 -12.54
N VAL B 82 -4.46 0.46 -11.86
CA VAL B 82 -4.85 0.92 -10.55
C VAL B 82 -5.00 2.44 -10.57
N LEU B 83 -5.85 2.98 -9.71
CA LEU B 83 -5.94 4.43 -9.56
C LEU B 83 -4.70 4.95 -8.84
N VAL B 84 -4.20 6.08 -9.30
CA VAL B 84 -2.96 6.65 -8.80
C VAL B 84 -3.08 7.12 -7.36
N GLU B 85 -4.30 7.17 -6.83
CA GLU B 85 -4.51 7.63 -5.47
C GLU B 85 -4.36 6.47 -4.48
N TYR B 86 -4.12 5.28 -4.99
CA TYR B 86 -3.90 4.12 -4.14
C TYR B 86 -2.50 4.15 -3.55
N PRO B 87 -2.39 4.23 -2.21
CA PRO B 87 -1.12 4.24 -1.53
C PRO B 87 -0.58 2.84 -1.34
N PHE B 88 0.49 2.52 -2.06
CA PHE B 88 1.07 1.19 -2.02
C PHE B 88 2.14 1.08 -0.96
N PHE B 89 1.93 0.19 -0.03
CA PHE B 89 2.96 -0.16 0.93
C PHE B 89 4.05 -0.93 0.21
N VAL B 90 5.29 -0.48 0.35
CA VAL B 90 6.37 -1.10 -0.41
C VAL B 90 7.34 -1.85 0.53
N PHE B 91 7.45 -3.17 0.27
CA PHE B 91 8.09 -4.17 1.16
C PHE B 91 9.30 -3.65 1.95
N GLY B 92 10.37 -3.32 1.27
CA GLY B 92 11.53 -2.77 1.96
C GLY B 92 11.87 -1.42 1.40
N GLN B 93 10.84 -0.73 0.94
CA GLN B 93 11.04 0.48 0.18
C GLN B 93 10.31 1.67 0.82
N GLY B 94 9.22 1.42 1.56
CA GLY B 94 8.61 2.49 2.33
C GLY B 94 7.09 2.59 2.20
N TRP B 95 6.55 3.67 2.78
CA TRP B 95 5.11 3.97 2.72
C TRP B 95 4.85 4.91 1.54
N SER B 96 4.38 4.37 0.43
CA SER B 96 4.38 5.10 -0.82
C SER B 96 3.00 5.10 -1.50
N SER B 97 2.88 5.93 -2.53
CA SER B 97 1.68 5.98 -3.36
C SER B 97 2.08 6.35 -4.78
N CYS B 98 1.27 5.93 -5.74
CA CYS B 98 1.52 6.23 -7.15
C CYS B 98 1.37 7.73 -7.40
N CYS B 99 0.77 8.41 -6.44
CA CYS B 99 0.61 9.84 -6.51
C CYS B 99 0.41 10.41 -5.12
N PRO B 100 1.52 10.64 -4.40
CA PRO B 100 1.49 11.16 -3.03
C PRO B 100 0.73 12.47 -2.94
N GLU B 101 0.80 13.25 -4.01
CA GLU B 101 0.09 14.49 -4.11
C GLU B 101 -1.40 14.25 -3.91
N ARG B 102 -1.95 13.35 -4.70
CA ARG B 102 -3.38 13.07 -4.68
C ARG B 102 -3.80 12.37 -3.39
N THR B 103 -3.00 11.39 -2.95
CA THR B 103 -3.31 10.69 -1.70
C THR B 103 -3.29 11.67 -0.52
N SER B 104 -2.31 12.58 -0.51
CA SER B 104 -2.23 13.57 0.56
C SER B 104 -3.29 14.66 0.37
N GLN B 105 -3.60 14.98 -0.88
CA GLN B 105 -4.63 15.94 -1.18
C GLN B 105 -6.01 15.52 -0.74
N LEU B 106 -6.40 14.32 -1.13
CA LEU B 106 -7.77 13.89 -0.92
C LEU B 106 -7.94 13.22 0.44
N PHE B 107 -6.92 12.49 0.86
CA PHE B 107 -7.01 11.72 2.09
C PHE B 107 -6.17 12.34 3.20
N ASP B 108 -5.54 13.46 2.88
CA ASP B 108 -4.66 14.18 3.82
C ASP B 108 -3.43 13.35 4.18
N LEU B 109 -3.26 12.23 3.49
CA LEU B 109 -2.28 11.24 3.90
C LEU B 109 -1.01 11.33 3.07
N PRO B 110 0.13 11.61 3.74
CA PRO B 110 1.41 11.75 3.05
C PRO B 110 1.93 10.40 2.56
N CYS B 111 2.59 10.43 1.42
CA CYS B 111 3.11 9.21 0.80
C CYS B 111 4.42 9.49 0.09
N SER B 112 5.25 8.46 -0.02
CA SER B 112 6.46 8.53 -0.82
C SER B 112 6.09 8.12 -2.24
N LYS B 113 6.92 8.47 -3.21
CA LYS B 113 6.57 8.15 -4.60
C LYS B 113 6.77 6.67 -4.90
N LEU B 114 5.68 6.02 -5.27
CA LEU B 114 5.73 4.65 -5.72
C LEU B 114 6.14 4.62 -7.19
N SER B 115 7.36 4.20 -7.45
CA SER B 115 7.91 4.17 -8.80
C SER B 115 8.45 2.79 -9.14
N VAL B 116 8.81 2.61 -10.41
CA VAL B 116 9.38 1.38 -10.90
C VAL B 116 10.66 1.02 -10.14
N GLY B 117 10.70 -0.21 -9.64
CA GLY B 117 11.78 -0.65 -8.77
C GLY B 117 11.30 -0.89 -7.35
N ASP B 118 10.16 -0.34 -7.00
CA ASP B 118 9.64 -0.47 -5.65
C ASP B 118 8.85 -1.77 -5.48
N VAL B 119 9.38 -2.67 -4.68
CA VAL B 119 8.71 -3.96 -4.46
C VAL B 119 7.47 -3.78 -3.61
N CYS B 120 6.31 -3.85 -4.23
CA CYS B 120 5.07 -3.53 -3.56
C CYS B 120 4.56 -4.69 -2.72
N ILE B 121 4.02 -4.35 -1.57
CA ILE B 121 3.47 -5.31 -0.64
C ILE B 121 2.07 -5.73 -1.07
N SER B 122 1.91 -6.97 -1.49
CA SER B 122 0.58 -7.53 -1.63
C SER B 122 0.26 -8.27 -0.37
N LEU B 123 -0.77 -7.84 0.33
CA LEU B 123 -1.10 -8.45 1.58
C LEU B 123 -2.41 -9.21 1.47
N THR B 124 -2.38 -10.44 1.93
CA THR B 124 -3.54 -11.29 1.80
C THR B 124 -4.34 -11.32 3.09
N LEU B 125 -5.58 -10.89 3.00
CA LEU B 125 -6.51 -10.99 4.10
C LEU B 125 -7.39 -12.21 3.88
N LYS B 126 -7.04 -13.33 4.50
CA LYS B 126 -7.77 -14.56 4.30
C LYS B 126 -9.16 -14.48 4.91
N VAL A 1 -10.18 1.86 16.40
CA VAL A 1 -9.15 1.63 15.36
C VAL A 1 -9.74 0.99 14.13
N PHE A 2 -8.92 0.87 13.10
CA PHE A 2 -9.27 0.15 11.89
C PHE A 2 -8.22 -0.91 11.63
N PRO A 3 -8.66 -2.12 11.25
CA PRO A 3 -7.75 -3.22 10.89
C PRO A 3 -6.67 -2.74 9.93
N TRP A 4 -5.42 -3.08 10.24
CA TRP A 4 -4.27 -2.49 9.57
C TRP A 4 -4.32 -2.57 8.04
N HIS A 5 -5.04 -3.54 7.47
CA HIS A 5 -5.18 -3.62 6.01
C HIS A 5 -6.13 -2.52 5.47
N SER A 6 -5.87 -1.29 5.89
CA SER A 6 -6.76 -0.18 5.59
C SER A 6 -6.16 0.71 4.51
N LEU A 7 -4.84 0.66 4.39
CA LEU A 7 -4.10 1.54 3.48
C LEU A 7 -3.27 0.71 2.51
N VAL A 8 -3.12 -0.57 2.81
CA VAL A 8 -2.36 -1.46 1.97
C VAL A 8 -3.27 -2.09 0.91
N PRO A 9 -2.89 -1.97 -0.36
CA PRO A 9 -3.63 -2.55 -1.47
C PRO A 9 -3.33 -4.04 -1.64
N PHE A 10 -3.98 -4.66 -2.59
CA PHE A 10 -3.74 -6.06 -2.84
C PHE A 10 -3.18 -6.26 -4.25
N LEU A 11 -1.86 -6.39 -4.33
CA LEU A 11 -1.19 -6.72 -5.56
C LEU A 11 -1.69 -8.09 -6.04
N ALA A 12 -2.26 -8.10 -7.25
CA ALA A 12 -2.84 -9.30 -7.84
C ALA A 12 -1.84 -10.46 -7.86
N PRO A 13 -2.27 -11.65 -7.39
CA PRO A 13 -1.42 -12.84 -7.36
C PRO A 13 -0.76 -13.10 -8.70
N SER A 14 0.56 -13.25 -8.68
CA SER A 14 1.34 -13.38 -9.91
C SER A 14 0.86 -14.54 -10.77
N GLN A 15 0.50 -14.22 -12.01
CA GLN A 15 0.11 -15.24 -12.98
C GLN A 15 1.32 -16.06 -13.39
N ALA B 4 -6.31 16.33 18.33
CA ALA B 4 -7.66 16.53 17.76
C ALA B 4 -7.70 15.99 16.33
N PRO B 5 -8.82 15.35 15.95
CA PRO B 5 -8.99 14.81 14.61
C PRO B 5 -9.22 15.89 13.57
N PRO B 6 -8.73 15.70 12.35
CA PRO B 6 -8.82 16.68 11.26
C PRO B 6 -10.15 16.63 10.51
N THR B 7 -11.16 15.99 11.10
CA THR B 7 -12.49 15.87 10.49
C THR B 7 -12.46 14.90 9.30
N LEU B 8 -11.27 14.46 8.99
CA LEU B 8 -11.04 13.50 7.92
C LEU B 8 -11.41 12.10 8.40
N PRO B 9 -11.94 11.24 7.51
CA PRO B 9 -12.38 9.88 7.86
C PRO B 9 -11.31 9.06 8.57
N PRO B 10 -11.73 8.18 9.49
CA PRO B 10 -10.84 7.43 10.37
C PRO B 10 -10.24 6.17 9.72
N TYR B 11 -10.62 5.88 8.49
CA TYR B 11 -10.14 4.69 7.80
C TYR B 11 -8.61 4.70 7.59
N PHE B 12 -8.16 5.32 6.52
CA PHE B 12 -6.73 5.35 6.21
C PHE B 12 -6.27 6.79 6.11
N MET B 13 -7.20 7.69 6.34
CA MET B 13 -6.92 9.13 6.19
C MET B 13 -5.98 9.59 7.30
N LYS B 14 -5.41 10.78 7.11
CA LYS B 14 -4.45 11.34 8.06
C LYS B 14 -4.99 11.37 9.48
N GLY B 15 -4.18 10.93 10.43
CA GLY B 15 -4.52 11.01 11.83
C GLY B 15 -5.19 9.75 12.34
N SER B 16 -5.51 8.84 11.44
CA SER B 16 -6.09 7.57 11.83
C SER B 16 -5.11 6.74 12.65
N ILE B 17 -5.63 6.05 13.64
CA ILE B 17 -4.83 5.13 14.41
C ILE B 17 -5.01 3.73 13.85
N ILE B 18 -3.98 3.26 13.16
CA ILE B 18 -4.04 1.97 12.51
C ILE B 18 -3.54 0.89 13.46
N GLN B 19 -4.35 -0.14 13.65
CA GLN B 19 -4.01 -1.20 14.57
C GLN B 19 -3.47 -2.41 13.83
N LEU B 20 -2.24 -2.78 14.15
CA LEU B 20 -1.59 -3.90 13.50
C LEU B 20 -2.02 -5.21 14.12
N ALA B 21 -1.64 -6.33 13.51
CA ALA B 21 -2.04 -7.64 14.01
C ALA B 21 -1.54 -7.85 15.44
N ASN B 22 -0.36 -7.32 15.73
CA ASN B 22 0.25 -7.48 17.05
C ASN B 22 -0.41 -6.56 18.06
N GLY B 23 -1.22 -5.61 17.58
CA GLY B 23 -1.96 -4.74 18.47
C GLY B 23 -1.44 -3.33 18.50
N GLU B 24 -0.40 -3.05 17.72
CA GLU B 24 0.18 -1.71 17.68
C GLU B 24 -0.78 -0.67 17.15
N LEU B 25 -0.65 0.51 17.68
CA LEU B 25 -1.49 1.63 17.32
C LEU B 25 -0.64 2.80 16.87
N LYS B 26 -0.50 2.96 15.57
CA LYS B 26 0.39 3.95 15.00
C LYS B 26 -0.35 4.79 13.97
N LYS B 27 0.04 6.06 13.84
CA LYS B 27 -0.56 6.95 12.86
C LYS B 27 -0.24 6.48 11.45
N VAL B 28 -1.20 6.67 10.55
CA VAL B 28 -1.12 6.10 9.19
C VAL B 28 0.22 6.36 8.51
N GLU B 29 0.65 7.61 8.56
CA GLU B 29 1.84 8.04 7.82
C GLU B 29 3.13 7.53 8.46
N ASP B 30 3.01 7.02 9.67
CA ASP B 30 4.19 6.59 10.43
C ASP B 30 4.40 5.09 10.33
N LEU B 31 3.39 4.39 9.84
CA LEU B 31 3.48 2.96 9.65
C LEU B 31 4.62 2.62 8.70
N LYS B 32 5.51 1.77 9.16
CA LYS B 32 6.65 1.34 8.37
C LYS B 32 6.40 -0.05 7.83
N THR B 33 7.21 -0.49 6.88
CA THR B 33 7.02 -1.81 6.29
C THR B 33 7.08 -2.90 7.36
N GLU B 34 8.00 -2.76 8.31
CA GLU B 34 8.19 -3.75 9.37
C GLU B 34 6.90 -3.95 10.16
N ASP B 35 6.09 -2.91 10.23
CA ASP B 35 4.82 -2.97 10.94
C ASP B 35 3.90 -4.00 10.28
N PHE B 36 3.73 -3.88 8.98
CA PHE B 36 2.90 -4.79 8.23
C PHE B 36 3.57 -6.15 8.08
N ILE B 37 4.88 -6.14 7.92
CA ILE B 37 5.66 -7.36 7.88
C ILE B 37 5.41 -8.22 9.11
N GLN B 38 5.66 -7.65 10.29
CA GLN B 38 5.50 -8.36 11.53
C GLN B 38 4.07 -8.83 11.72
N SER B 39 3.11 -7.92 11.53
CA SER B 39 1.71 -8.23 11.75
C SER B 39 1.28 -9.45 10.94
N ALA B 40 1.62 -9.45 9.67
CA ALA B 40 1.30 -10.57 8.78
C ALA B 40 2.01 -11.85 9.23
N GLU B 41 3.23 -11.72 9.72
CA GLU B 41 4.00 -12.87 10.19
C GLU B 41 3.44 -13.44 11.49
N ILE B 42 3.02 -12.56 12.39
CA ILE B 42 2.44 -12.96 13.68
C ILE B 42 1.09 -13.62 13.46
N SER B 43 0.54 -13.44 12.27
CA SER B 43 -0.76 -14.00 11.94
C SER B 43 -0.62 -15.14 10.93
N ASN B 44 -1.70 -15.87 10.74
CA ASN B 44 -1.72 -16.98 9.80
C ASN B 44 -2.59 -16.64 8.61
N ASP B 45 -3.57 -15.78 8.84
CA ASP B 45 -4.52 -15.39 7.81
C ASP B 45 -3.94 -14.27 6.94
N LEU B 46 -2.96 -13.54 7.46
CA LEU B 46 -2.28 -12.53 6.66
C LEU B 46 -0.93 -13.05 6.18
N LYS B 47 -0.48 -12.55 5.04
CA LYS B 47 0.82 -12.90 4.48
C LYS B 47 1.40 -11.72 3.70
N ILE B 48 2.71 -11.54 3.78
CA ILE B 48 3.41 -10.50 3.03
C ILE B 48 3.98 -11.06 1.73
N ASP B 49 4.07 -10.22 0.73
CA ASP B 49 4.74 -10.57 -0.52
C ASP B 49 5.57 -9.39 -1.01
N SER B 50 6.50 -9.65 -1.91
CA SER B 50 7.34 -8.60 -2.49
C SER B 50 7.35 -8.72 -4.00
N SER B 51 6.87 -7.69 -4.68
CA SER B 51 6.84 -7.68 -6.13
C SER B 51 7.39 -6.35 -6.67
N THR B 52 8.40 -6.44 -7.52
CA THR B 52 9.06 -5.25 -8.05
C THR B 52 8.33 -4.71 -9.27
N VAL B 53 7.78 -3.50 -9.16
CA VAL B 53 7.19 -2.83 -10.30
C VAL B 53 8.24 -2.56 -11.37
N GLU B 54 8.00 -3.11 -12.55
CA GLU B 54 8.90 -2.99 -13.68
C GLU B 54 8.48 -1.86 -14.62
N ARG B 55 7.22 -1.47 -14.55
CA ARG B 55 6.70 -0.46 -15.46
C ARG B 55 5.39 0.11 -14.92
N ILE B 56 5.13 1.37 -15.23
CA ILE B 56 3.90 2.02 -14.80
C ILE B 56 3.25 2.72 -15.99
N GLU B 57 2.00 2.36 -16.25
CA GLU B 57 1.28 2.88 -17.39
C GLU B 57 0.00 3.57 -16.94
N ASP B 58 -0.30 4.72 -17.51
CA ASP B 58 -1.55 5.41 -17.24
C ASP B 58 -2.62 4.89 -18.20
N SER B 59 -3.85 4.81 -17.71
CA SER B 59 -4.93 4.19 -18.47
C SER B 59 -5.77 5.25 -19.20
N HIS B 60 -5.33 6.50 -19.15
CA HIS B 60 -6.07 7.63 -19.73
C HIS B 60 -7.46 7.73 -19.12
N SER B 61 -7.60 7.20 -17.92
CA SER B 61 -8.83 7.24 -17.18
C SER B 61 -8.57 8.04 -15.91
N PRO B 62 -9.59 8.74 -15.39
CA PRO B 62 -9.45 9.61 -14.22
C PRO B 62 -8.70 8.97 -13.07
N GLY B 63 -7.49 9.45 -12.87
CA GLY B 63 -6.63 8.99 -11.82
C GLY B 63 -6.35 7.49 -11.87
N VAL B 64 -6.28 6.92 -13.07
CA VAL B 64 -6.06 5.48 -13.19
C VAL B 64 -4.71 5.17 -13.81
N ALA B 65 -3.98 4.26 -13.17
CA ALA B 65 -2.71 3.79 -13.68
C ALA B 65 -2.51 2.33 -13.32
N VAL B 66 -1.99 1.57 -14.25
CA VAL B 66 -1.71 0.16 -14.02
C VAL B 66 -0.24 -0.05 -13.72
N ILE B 67 0.01 -0.64 -12.58
CA ILE B 67 1.37 -0.92 -12.15
C ILE B 67 1.76 -2.33 -12.58
N GLN B 68 2.75 -2.42 -13.45
CA GLN B 68 3.22 -3.70 -13.95
C GLN B 68 4.32 -4.23 -13.05
N PHE B 69 4.08 -5.37 -12.43
CA PHE B 69 5.01 -5.94 -11.46
C PHE B 69 5.71 -7.18 -11.98
N ALA B 70 6.87 -7.44 -11.40
CA ALA B 70 7.57 -8.70 -11.58
C ALA B 70 7.64 -9.40 -10.22
N VAL B 71 6.76 -10.35 -10.02
CA VAL B 71 6.63 -11.02 -8.74
C VAL B 71 7.60 -12.19 -8.64
N GLY B 72 8.22 -12.33 -7.48
CA GLY B 72 9.11 -13.45 -7.23
C GLY B 72 10.45 -13.32 -7.93
N GLU B 73 11.22 -14.39 -7.91
CA GLU B 73 12.56 -14.40 -8.47
C GLU B 73 12.54 -14.71 -9.96
N HIS B 74 11.40 -15.15 -10.46
CA HIS B 74 11.27 -15.46 -11.88
C HIS B 74 10.70 -14.26 -12.64
N ARG B 75 10.40 -13.20 -11.86
CA ARG B 75 9.83 -11.97 -12.39
C ARG B 75 8.51 -12.23 -13.11
N ALA B 76 7.57 -12.86 -12.41
CA ALA B 76 6.25 -13.12 -12.96
C ALA B 76 5.50 -11.81 -13.14
N GLN B 77 5.16 -11.50 -14.37
CA GLN B 77 4.62 -10.19 -14.71
C GLN B 77 3.13 -10.10 -14.42
N VAL B 78 2.75 -8.99 -13.79
CA VAL B 78 1.36 -8.72 -13.43
C VAL B 78 1.02 -7.28 -13.79
N SER B 79 -0.21 -7.06 -14.25
CA SER B 79 -0.64 -5.72 -14.60
C SER B 79 -1.97 -5.40 -13.91
N VAL B 80 -1.90 -4.59 -12.87
CA VAL B 80 -3.08 -4.25 -12.09
C VAL B 80 -3.41 -2.76 -12.23
N GLU B 81 -4.63 -2.48 -12.69
CA GLU B 81 -5.09 -1.12 -12.92
C GLU B 81 -5.76 -0.57 -11.67
N VAL B 82 -5.11 0.41 -11.02
CA VAL B 82 -5.66 1.01 -9.82
C VAL B 82 -5.69 2.52 -9.96
N LEU B 83 -6.39 3.20 -9.05
CA LEU B 83 -6.36 4.64 -9.02
C LEU B 83 -5.04 5.11 -8.44
N VAL B 84 -4.52 6.20 -8.97
CA VAL B 84 -3.22 6.72 -8.56
C VAL B 84 -3.26 7.27 -7.14
N GLU B 85 -4.46 7.39 -6.59
CA GLU B 85 -4.63 7.89 -5.24
C GLU B 85 -4.45 6.77 -4.22
N TYR B 86 -4.34 5.55 -4.72
CA TYR B 86 -4.19 4.39 -3.85
C TYR B 86 -2.77 4.28 -3.30
N PRO B 87 -2.65 4.25 -1.97
CA PRO B 87 -1.38 4.05 -1.29
C PRO B 87 -0.84 2.65 -1.52
N PHE B 88 0.47 2.54 -1.64
CA PHE B 88 1.13 1.26 -1.86
C PHE B 88 2.26 1.07 -0.87
N PHE B 89 2.13 0.08 -0.02
CA PHE B 89 3.17 -0.23 0.94
C PHE B 89 4.32 -0.92 0.23
N VAL B 90 5.48 -0.29 0.23
CA VAL B 90 6.62 -0.81 -0.49
C VAL B 90 7.62 -1.39 0.51
N PHE B 91 7.88 -2.70 0.40
CA PHE B 91 8.60 -3.51 1.41
C PHE B 91 9.88 -2.82 1.95
N GLY B 92 11.05 -3.20 1.45
CA GLY B 92 12.28 -2.57 1.91
C GLY B 92 12.53 -1.27 1.17
N GLN B 93 11.46 -0.51 0.97
CA GLN B 93 11.53 0.70 0.17
C GLN B 93 10.91 1.89 0.91
N GLY B 94 9.64 1.77 1.31
CA GLY B 94 9.02 2.85 2.08
C GLY B 94 7.50 2.88 1.99
N TRP B 95 6.91 3.89 2.63
CA TRP B 95 5.46 4.09 2.63
C TRP B 95 5.08 5.02 1.47
N SER B 96 4.64 4.42 0.37
CA SER B 96 4.49 5.16 -0.88
C SER B 96 3.07 5.11 -1.42
N SER B 97 2.80 5.94 -2.41
CA SER B 97 1.55 5.86 -3.16
C SER B 97 1.82 6.16 -4.63
N CYS B 98 0.99 5.64 -5.52
CA CYS B 98 1.19 5.82 -6.96
C CYS B 98 1.34 7.30 -7.30
N CYS B 99 0.62 8.13 -6.58
CA CYS B 99 0.64 9.56 -6.81
C CYS B 99 0.46 10.30 -5.50
N PRO B 100 1.58 10.53 -4.79
CA PRO B 100 1.58 11.19 -3.48
C PRO B 100 0.83 12.52 -3.50
N GLU B 101 0.91 13.22 -4.63
CA GLU B 101 0.21 14.48 -4.79
C GLU B 101 -1.28 14.31 -4.51
N ARG B 102 -1.88 13.28 -5.09
CA ARG B 102 -3.30 13.04 -4.96
C ARG B 102 -3.65 12.42 -3.60
N THR B 103 -2.89 11.42 -3.18
CA THR B 103 -3.14 10.77 -1.89
C THR B 103 -3.04 11.78 -0.74
N SER B 104 -2.05 12.66 -0.81
CA SER B 104 -1.92 13.72 0.16
C SER B 104 -2.98 14.82 -0.05
N GLN B 105 -3.29 15.12 -1.30
CA GLN B 105 -4.33 16.11 -1.62
C GLN B 105 -5.67 15.78 -1.00
N LEU B 106 -6.12 14.56 -1.22
CA LEU B 106 -7.49 14.20 -0.85
C LEU B 106 -7.54 13.64 0.56
N PHE B 107 -6.56 12.82 0.89
CA PHE B 107 -6.59 12.06 2.14
C PHE B 107 -5.65 12.65 3.17
N ASP B 108 -5.00 13.75 2.80
CA ASP B 108 -4.03 14.45 3.67
C ASP B 108 -2.93 13.51 4.16
N LEU B 109 -2.82 12.36 3.53
CA LEU B 109 -1.88 11.36 3.95
C LEU B 109 -0.58 11.47 3.15
N PRO B 110 0.54 11.78 3.84
CA PRO B 110 1.85 11.82 3.22
C PRO B 110 2.24 10.49 2.60
N CYS B 111 2.78 10.55 1.40
CA CYS B 111 3.14 9.34 0.66
C CYS B 111 4.40 9.56 -0.14
N SER B 112 5.29 8.58 -0.10
CA SER B 112 6.46 8.57 -0.96
C SER B 112 6.03 8.18 -2.37
N LYS B 113 6.85 8.48 -3.35
CA LYS B 113 6.47 8.20 -4.74
C LYS B 113 6.62 6.73 -5.06
N LEU B 114 5.49 6.06 -5.23
CA LEU B 114 5.49 4.70 -5.71
C LEU B 114 5.79 4.73 -7.20
N SER B 115 6.95 4.25 -7.56
CA SER B 115 7.38 4.27 -8.94
C SER B 115 8.00 2.94 -9.35
N VAL B 116 8.25 2.79 -10.64
CA VAL B 116 8.93 1.63 -11.15
C VAL B 116 10.25 1.40 -10.42
N GLY B 117 10.45 0.18 -9.95
CA GLY B 117 11.58 -0.14 -9.11
C GLY B 117 11.19 -0.40 -7.66
N ASP B 118 10.05 0.13 -7.25
CA ASP B 118 9.62 0.00 -5.85
C ASP B 118 8.93 -1.34 -5.60
N VAL B 119 9.55 -2.18 -4.79
CA VAL B 119 9.01 -3.50 -4.50
C VAL B 119 7.78 -3.41 -3.58
N CYS B 120 6.61 -3.62 -4.14
CA CYS B 120 5.38 -3.44 -3.38
C CYS B 120 5.06 -4.67 -2.57
N ILE B 121 4.49 -4.44 -1.40
CA ILE B 121 4.03 -5.47 -0.52
C ILE B 121 2.63 -5.94 -0.93
N SER B 122 2.48 -7.20 -1.23
CA SER B 122 1.15 -7.75 -1.41
C SER B 122 0.71 -8.37 -0.09
N LEU B 123 -0.35 -7.82 0.47
CA LEU B 123 -0.86 -8.32 1.72
C LEU B 123 -2.09 -9.18 1.45
N THR B 124 -2.04 -10.42 1.88
CA THR B 124 -3.14 -11.33 1.61
C THR B 124 -4.08 -11.40 2.81
N LEU B 125 -5.32 -11.01 2.58
CA LEU B 125 -6.35 -11.07 3.61
C LEU B 125 -7.17 -12.34 3.43
N LYS B 126 -6.85 -13.37 4.19
CA LYS B 126 -7.56 -14.63 4.10
C LYS B 126 -8.80 -14.62 4.97
N VAL A 1 -10.53 2.71 16.22
CA VAL A 1 -9.29 2.22 15.58
C VAL A 1 -9.61 1.14 14.56
N PHE A 2 -8.87 1.17 13.47
CA PHE A 2 -9.14 0.30 12.33
C PHE A 2 -8.08 -0.77 12.19
N PRO A 3 -8.48 -1.97 11.72
CA PRO A 3 -7.55 -3.04 11.37
C PRO A 3 -6.56 -2.56 10.31
N TRP A 4 -5.31 -2.95 10.46
CA TRP A 4 -4.21 -2.38 9.70
C TRP A 4 -4.39 -2.51 8.18
N HIS A 5 -5.14 -3.50 7.72
CA HIS A 5 -5.54 -3.54 6.32
C HIS A 5 -6.61 -2.47 6.07
N SER A 6 -6.18 -1.22 6.10
CA SER A 6 -7.06 -0.10 5.86
C SER A 6 -6.46 0.80 4.78
N LEU A 7 -5.16 0.69 4.62
CA LEU A 7 -4.40 1.51 3.68
C LEU A 7 -3.64 0.63 2.72
N VAL A 8 -3.04 -0.44 3.26
CA VAL A 8 -2.29 -1.38 2.46
C VAL A 8 -3.19 -2.15 1.49
N PRO A 9 -2.91 -2.03 0.19
CA PRO A 9 -3.62 -2.79 -0.83
C PRO A 9 -2.87 -4.07 -1.18
N PHE A 10 -3.33 -4.72 -2.23
CA PHE A 10 -2.65 -5.90 -2.75
C PHE A 10 -2.76 -5.91 -4.26
N LEU A 11 -1.61 -5.97 -4.93
CA LEU A 11 -1.59 -5.92 -6.38
C LEU A 11 -2.19 -7.23 -6.93
N ALA A 12 -2.60 -7.21 -8.21
CA ALA A 12 -3.28 -8.36 -8.82
C ALA A 12 -2.58 -9.69 -8.50
N PRO A 13 -3.39 -10.75 -8.23
CA PRO A 13 -2.94 -12.06 -7.76
C PRO A 13 -1.50 -12.39 -8.10
N SER A 14 -0.62 -12.17 -7.12
CA SER A 14 0.81 -12.30 -7.30
C SER A 14 1.22 -13.76 -7.40
N GLN A 15 1.10 -14.48 -6.31
CA GLN A 15 1.52 -15.87 -6.25
C GLN A 15 0.63 -16.66 -5.31
N ALA B 4 -9.18 22.57 5.61
CA ALA B 4 -9.31 21.21 6.17
C ALA B 4 -10.48 21.14 7.14
N PRO B 5 -11.23 20.03 7.12
CA PRO B 5 -12.35 19.82 8.04
C PRO B 5 -11.87 19.38 9.41
N PRO B 6 -12.67 19.62 10.47
CA PRO B 6 -12.32 19.23 11.84
C PRO B 6 -11.81 17.80 11.92
N THR B 7 -12.64 16.85 11.51
CA THR B 7 -12.26 15.46 11.51
C THR B 7 -12.53 14.81 10.16
N LEU B 8 -11.51 14.16 9.62
CA LEU B 8 -11.65 13.41 8.39
C LEU B 8 -11.83 11.91 8.72
N PRO B 9 -12.24 11.08 7.75
CA PRO B 9 -12.52 9.66 8.00
C PRO B 9 -11.38 8.93 8.74
N PRO B 10 -11.74 8.10 9.72
CA PRO B 10 -10.78 7.38 10.57
C PRO B 10 -10.20 6.13 9.91
N TYR B 11 -10.65 5.86 8.69
CA TYR B 11 -10.20 4.68 7.94
C TYR B 11 -8.70 4.70 7.67
N PHE B 12 -8.29 5.34 6.59
CA PHE B 12 -6.88 5.37 6.23
C PHE B 12 -6.41 6.81 6.10
N MET B 13 -7.34 7.73 6.35
CA MET B 13 -7.06 9.15 6.21
C MET B 13 -6.06 9.61 7.27
N LYS B 14 -5.54 10.82 7.13
CA LYS B 14 -4.54 11.34 8.05
C LYS B 14 -5.02 11.28 9.50
N GLY B 15 -4.11 10.93 10.39
CA GLY B 15 -4.37 11.00 11.81
C GLY B 15 -5.08 9.78 12.36
N SER B 16 -5.60 8.95 11.47
CA SER B 16 -6.30 7.75 11.86
C SER B 16 -5.39 6.81 12.62
N ILE B 17 -5.93 6.16 13.64
CA ILE B 17 -5.16 5.22 14.43
C ILE B 17 -5.31 3.83 13.84
N ILE B 18 -4.18 3.30 13.40
CA ILE B 18 -4.17 2.01 12.72
C ILE B 18 -3.60 0.96 13.65
N GLN B 19 -4.34 -0.14 13.82
CA GLN B 19 -3.89 -1.21 14.69
C GLN B 19 -3.28 -2.35 13.91
N LEU B 20 -2.02 -2.60 14.18
CA LEU B 20 -1.29 -3.65 13.50
C LEU B 20 -1.61 -5.01 14.10
N ALA B 21 -1.18 -6.08 13.44
CA ALA B 21 -1.55 -7.43 13.87
C ALA B 21 -1.11 -7.71 15.30
N ASN B 22 0.07 -7.21 15.65
CA ASN B 22 0.65 -7.43 16.96
C ASN B 22 -0.17 -6.71 18.03
N GLY B 23 -0.94 -5.71 17.62
CA GLY B 23 -1.82 -5.03 18.55
C GLY B 23 -1.34 -3.64 18.90
N GLU B 24 -0.39 -3.11 18.14
CA GLU B 24 0.13 -1.78 18.44
C GLU B 24 -0.57 -0.74 17.58
N LEU B 25 -0.64 0.47 18.09
CA LEU B 25 -1.41 1.53 17.45
C LEU B 25 -0.50 2.66 16.97
N LYS B 26 -0.56 2.95 15.69
CA LYS B 26 0.27 3.99 15.10
C LYS B 26 -0.56 4.93 14.24
N LYS B 27 0.02 6.07 13.90
CA LYS B 27 -0.61 7.00 12.97
C LYS B 27 -0.34 6.56 11.54
N VAL B 28 -1.31 6.77 10.67
CA VAL B 28 -1.26 6.21 9.31
C VAL B 28 0.06 6.48 8.60
N GLU B 29 0.50 7.73 8.65
CA GLU B 29 1.65 8.16 7.86
C GLU B 29 2.97 7.70 8.46
N ASP B 30 2.93 7.19 9.68
CA ASP B 30 4.16 6.79 10.37
C ASP B 30 4.34 5.29 10.26
N LEU B 31 3.35 4.62 9.70
CA LEU B 31 3.43 3.20 9.45
C LEU B 31 4.50 2.90 8.42
N LYS B 32 5.46 2.10 8.80
CA LYS B 32 6.54 1.73 7.90
C LYS B 32 6.41 0.28 7.49
N THR B 33 7.18 -0.14 6.50
CA THR B 33 6.98 -1.45 5.90
C THR B 33 7.15 -2.58 6.93
N GLU B 34 8.16 -2.45 7.79
CA GLU B 34 8.46 -3.49 8.77
C GLU B 34 7.30 -3.71 9.72
N ASP B 35 6.51 -2.67 9.94
CA ASP B 35 5.33 -2.75 10.79
C ASP B 35 4.35 -3.74 10.20
N PHE B 36 4.07 -3.59 8.91
CA PHE B 36 3.15 -4.48 8.22
C PHE B 36 3.77 -5.85 8.00
N ILE B 37 5.07 -5.87 7.69
CA ILE B 37 5.81 -7.11 7.53
C ILE B 37 5.62 -7.99 8.75
N GLN B 38 5.96 -7.47 9.92
CA GLN B 38 5.80 -8.20 11.16
C GLN B 38 4.36 -8.59 11.40
N SER B 39 3.45 -7.65 11.17
CA SER B 39 2.04 -7.89 11.39
C SER B 39 1.55 -9.13 10.63
N ALA B 40 1.87 -9.18 9.34
CA ALA B 40 1.43 -10.30 8.51
C ALA B 40 2.10 -11.60 8.94
N GLU B 41 3.33 -11.50 9.41
CA GLU B 41 4.09 -12.67 9.86
C GLU B 41 3.55 -13.22 11.18
N ILE B 42 3.19 -12.32 12.09
CA ILE B 42 2.62 -12.71 13.38
C ILE B 42 1.21 -13.27 13.17
N SER B 43 0.66 -13.04 11.99
CA SER B 43 -0.66 -13.52 11.65
C SER B 43 -0.58 -14.82 10.85
N ASN B 44 -1.66 -15.59 10.89
CA ASN B 44 -1.71 -16.87 10.18
C ASN B 44 -2.75 -16.83 9.07
N ASP B 45 -3.58 -15.80 9.07
CA ASP B 45 -4.55 -15.58 7.99
C ASP B 45 -4.10 -14.43 7.12
N LEU B 46 -2.91 -13.95 7.36
CA LEU B 46 -2.38 -12.81 6.64
C LEU B 46 -0.94 -13.07 6.22
N LYS B 47 -0.50 -12.43 5.15
CA LYS B 47 0.88 -12.60 4.69
C LYS B 47 1.31 -11.45 3.78
N ILE B 48 2.61 -11.22 3.73
CA ILE B 48 3.20 -10.22 2.85
C ILE B 48 3.64 -10.87 1.56
N ASP B 49 3.63 -10.09 0.49
CA ASP B 49 4.13 -10.54 -0.79
C ASP B 49 5.13 -9.54 -1.34
N SER B 50 5.84 -9.94 -2.38
CA SER B 50 6.87 -9.09 -2.96
C SER B 50 6.71 -9.04 -4.48
N SER B 51 6.50 -7.83 -5.00
CA SER B 51 6.32 -7.65 -6.43
C SER B 51 7.06 -6.40 -6.93
N THR B 52 8.19 -6.61 -7.60
CA THR B 52 8.99 -5.50 -8.12
C THR B 52 8.34 -4.88 -9.35
N VAL B 53 7.81 -3.68 -9.19
CA VAL B 53 7.33 -2.92 -10.32
C VAL B 53 8.48 -2.69 -11.31
N GLU B 54 8.31 -3.16 -12.52
CA GLU B 54 9.32 -3.01 -13.56
C GLU B 54 8.93 -1.90 -14.52
N ARG B 55 7.65 -1.55 -14.52
CA ARG B 55 7.16 -0.52 -15.42
C ARG B 55 5.86 0.08 -14.89
N ILE B 56 5.65 1.34 -15.19
CA ILE B 56 4.44 2.04 -14.79
C ILE B 56 3.85 2.78 -15.98
N GLU B 57 2.58 2.52 -16.26
CA GLU B 57 1.92 3.14 -17.39
C GLU B 57 0.69 3.92 -16.93
N ASP B 58 0.53 5.10 -17.47
CA ASP B 58 -0.63 5.92 -17.17
C ASP B 58 -1.82 5.44 -17.99
N SER B 59 -2.96 5.31 -17.33
CA SER B 59 -4.17 4.84 -17.97
C SER B 59 -5.00 6.03 -18.41
N HIS B 60 -5.99 5.77 -19.25
CA HIS B 60 -6.86 6.82 -19.78
C HIS B 60 -8.08 6.97 -18.90
N SER B 61 -8.17 6.12 -17.88
CA SER B 61 -9.22 6.22 -16.88
C SER B 61 -8.81 7.25 -15.83
N PRO B 62 -9.78 8.06 -15.37
CA PRO B 62 -9.54 9.16 -14.43
C PRO B 62 -8.73 8.74 -13.20
N GLY B 63 -7.52 9.25 -13.13
CA GLY B 63 -6.65 8.97 -12.02
C GLY B 63 -6.30 7.51 -11.90
N VAL B 64 -6.09 6.84 -13.02
CA VAL B 64 -5.74 5.43 -13.02
C VAL B 64 -4.37 5.20 -13.66
N ALA B 65 -3.59 4.33 -13.06
CA ALA B 65 -2.30 3.92 -13.61
C ALA B 65 -2.09 2.45 -13.37
N VAL B 66 -1.61 1.75 -14.38
CA VAL B 66 -1.36 0.34 -14.27
C VAL B 66 0.09 0.08 -13.93
N ILE B 67 0.30 -0.57 -12.80
CA ILE B 67 1.62 -0.89 -12.35
C ILE B 67 2.00 -2.29 -12.84
N GLN B 68 3.11 -2.37 -13.55
CA GLN B 68 3.60 -3.64 -14.05
C GLN B 68 4.60 -4.22 -13.07
N PHE B 69 4.25 -5.35 -12.48
CA PHE B 69 5.07 -5.97 -11.45
C PHE B 69 5.76 -7.22 -11.97
N ALA B 70 6.87 -7.55 -11.35
CA ALA B 70 7.52 -8.84 -11.52
C ALA B 70 7.43 -9.62 -10.21
N VAL B 71 6.52 -10.56 -10.16
CA VAL B 71 6.25 -11.29 -8.94
C VAL B 71 7.22 -12.44 -8.74
N GLY B 72 7.85 -12.47 -7.57
CA GLY B 72 8.71 -13.57 -7.19
C GLY B 72 10.02 -13.59 -7.94
N GLU B 73 10.78 -14.65 -7.76
CA GLU B 73 12.05 -14.82 -8.44
C GLU B 73 11.84 -15.20 -9.89
N HIS B 74 10.65 -15.71 -10.19
CA HIS B 74 10.28 -16.06 -11.55
C HIS B 74 9.90 -14.80 -12.33
N ARG B 75 9.92 -13.68 -11.58
CA ARG B 75 9.66 -12.34 -12.10
C ARG B 75 8.47 -12.30 -13.03
N ALA B 76 7.40 -12.94 -12.61
CA ALA B 76 6.18 -13.00 -13.40
C ALA B 76 5.57 -11.62 -13.53
N GLN B 77 5.44 -11.15 -14.76
CA GLN B 77 4.97 -9.80 -14.99
C GLN B 77 3.45 -9.71 -14.94
N VAL B 78 2.97 -8.91 -14.01
CA VAL B 78 1.55 -8.69 -13.81
C VAL B 78 1.22 -7.21 -13.92
N SER B 79 0.33 -6.87 -14.82
CA SER B 79 -0.06 -5.48 -15.02
C SER B 79 -1.48 -5.25 -14.48
N VAL B 80 -1.57 -4.48 -13.41
CA VAL B 80 -2.86 -4.21 -12.79
C VAL B 80 -3.18 -2.71 -12.81
N GLU B 81 -4.33 -2.38 -13.39
CA GLU B 81 -4.78 -1.00 -13.48
C GLU B 81 -5.44 -0.57 -12.18
N VAL B 82 -4.80 0.32 -11.43
CA VAL B 82 -5.35 0.80 -10.18
C VAL B 82 -5.38 2.32 -10.16
N LEU B 83 -6.33 2.90 -9.44
CA LEU B 83 -6.36 4.33 -9.27
C LEU B 83 -5.14 4.81 -8.51
N VAL B 84 -4.65 5.96 -8.94
CA VAL B 84 -3.42 6.52 -8.40
C VAL B 84 -3.59 7.03 -6.97
N GLU B 85 -4.82 7.01 -6.49
CA GLU B 85 -5.12 7.40 -5.12
C GLU B 85 -4.94 6.22 -4.16
N TYR B 86 -4.51 5.09 -4.73
CA TYR B 86 -4.20 3.91 -3.94
C TYR B 86 -2.76 3.96 -3.46
N PRO B 87 -2.55 4.12 -2.15
CA PRO B 87 -1.22 4.12 -1.55
C PRO B 87 -0.70 2.70 -1.35
N PHE B 88 0.40 2.39 -2.01
CA PHE B 88 0.95 1.04 -1.96
C PHE B 88 2.08 0.95 -0.96
N PHE B 89 1.92 0.03 -0.02
CA PHE B 89 3.00 -0.28 0.90
C PHE B 89 4.07 -1.04 0.15
N VAL B 90 5.32 -0.65 0.32
CA VAL B 90 6.36 -1.24 -0.48
C VAL B 90 7.40 -1.97 0.39
N PHE B 91 7.69 -3.22 -0.02
CA PHE B 91 8.43 -4.23 0.75
C PHE B 91 9.60 -3.69 1.60
N GLY B 92 10.55 -3.02 1.00
CA GLY B 92 11.64 -2.43 1.76
C GLY B 92 11.86 -1.01 1.35
N GLN B 93 10.86 -0.46 0.68
CA GLN B 93 10.96 0.84 0.08
C GLN B 93 10.19 1.87 0.90
N GLY B 94 9.17 1.42 1.62
CA GLY B 94 8.47 2.29 2.56
C GLY B 94 6.99 2.45 2.30
N TRP B 95 6.43 3.52 2.86
CA TRP B 95 5.01 3.82 2.75
C TRP B 95 4.78 4.76 1.57
N SER B 96 4.37 4.21 0.44
CA SER B 96 4.37 4.95 -0.81
C SER B 96 2.99 4.98 -1.46
N SER B 97 2.85 5.82 -2.47
CA SER B 97 1.63 5.88 -3.26
C SER B 97 1.96 6.15 -4.71
N CYS B 98 1.08 5.68 -5.60
CA CYS B 98 1.22 5.92 -7.03
C CYS B 98 1.06 7.40 -7.34
N CYS B 99 0.52 8.13 -6.38
CA CYS B 99 0.39 9.57 -6.50
C CYS B 99 0.27 10.17 -5.11
N PRO B 100 1.42 10.38 -4.43
CA PRO B 100 1.45 10.99 -3.11
C PRO B 100 0.77 12.34 -3.10
N GLU B 101 0.77 13.00 -4.24
CA GLU B 101 0.04 14.24 -4.43
C GLU B 101 -1.40 14.06 -3.99
N ARG B 102 -2.14 13.27 -4.78
CA ARG B 102 -3.55 13.00 -4.50
C ARG B 102 -3.77 12.40 -3.11
N THR B 103 -2.94 11.45 -2.70
CA THR B 103 -3.14 10.82 -1.42
C THR B 103 -2.99 11.83 -0.28
N SER B 104 -2.02 12.74 -0.40
CA SER B 104 -1.83 13.79 0.59
C SER B 104 -2.83 14.93 0.38
N GLN B 105 -3.23 15.14 -0.86
CA GLN B 105 -4.20 16.18 -1.21
C GLN B 105 -5.61 15.85 -0.74
N LEU B 106 -6.07 14.68 -1.10
CA LEU B 106 -7.46 14.31 -0.90
C LEU B 106 -7.66 13.69 0.47
N PHE B 107 -6.70 12.87 0.86
CA PHE B 107 -6.80 12.10 2.10
C PHE B 107 -5.92 12.69 3.19
N ASP B 108 -5.22 13.76 2.83
CA ASP B 108 -4.30 14.46 3.75
C ASP B 108 -3.17 13.54 4.21
N LEU B 109 -2.95 12.47 3.46
CA LEU B 109 -2.02 11.43 3.90
C LEU B 109 -0.77 11.43 3.02
N PRO B 110 0.39 11.75 3.60
CA PRO B 110 1.64 11.83 2.86
C PRO B 110 2.21 10.45 2.53
N CYS B 111 2.75 10.31 1.34
CA CYS B 111 3.28 9.03 0.87
C CYS B 111 4.59 9.25 0.13
N SER B 112 5.45 8.25 0.15
CA SER B 112 6.61 8.23 -0.71
C SER B 112 6.15 7.94 -2.13
N LYS B 113 6.92 8.34 -3.12
CA LYS B 113 6.50 8.10 -4.48
C LYS B 113 6.74 6.64 -4.87
N LEU B 114 5.65 5.93 -5.09
CA LEU B 114 5.72 4.56 -5.55
C LEU B 114 6.08 4.56 -7.03
N SER B 115 7.30 4.19 -7.34
CA SER B 115 7.76 4.18 -8.72
C SER B 115 8.40 2.85 -9.09
N VAL B 116 8.67 2.68 -10.38
CA VAL B 116 9.31 1.49 -10.89
C VAL B 116 10.60 1.17 -10.14
N GLY B 117 10.76 -0.11 -9.82
CA GLY B 117 11.91 -0.57 -9.05
C GLY B 117 11.54 -0.86 -7.61
N ASP B 118 10.35 -0.46 -7.19
CA ASP B 118 9.92 -0.66 -5.82
C ASP B 118 9.12 -1.96 -5.68
N VAL B 119 9.63 -2.91 -4.91
CA VAL B 119 8.91 -4.15 -4.70
C VAL B 119 7.71 -3.92 -3.81
N CYS B 120 6.52 -3.94 -4.41
CA CYS B 120 5.30 -3.61 -3.69
C CYS B 120 4.86 -4.76 -2.79
N ILE B 121 4.37 -4.38 -1.63
CA ILE B 121 3.84 -5.33 -0.68
C ILE B 121 2.41 -5.71 -1.07
N SER B 122 2.17 -6.97 -1.31
CA SER B 122 0.81 -7.43 -1.46
C SER B 122 0.38 -8.05 -0.15
N LEU B 123 -0.62 -7.46 0.47
CA LEU B 123 -1.08 -7.96 1.74
C LEU B 123 -2.27 -8.87 1.52
N THR B 124 -2.14 -10.11 1.96
CA THR B 124 -3.18 -11.07 1.74
C THR B 124 -4.08 -11.19 2.96
N LEU B 125 -5.34 -10.86 2.75
CA LEU B 125 -6.37 -11.02 3.75
C LEU B 125 -7.14 -12.30 3.46
N LYS B 126 -6.80 -13.37 4.16
CA LYS B 126 -7.40 -14.68 3.90
C LYS B 126 -8.81 -14.74 4.49
N VAL A 1 -10.27 3.24 15.31
CA VAL A 1 -9.19 2.33 14.89
C VAL A 1 -9.73 1.23 14.00
N PHE A 2 -8.86 0.72 13.16
CA PHE A 2 -9.22 -0.32 12.20
C PHE A 2 -8.11 -1.35 12.10
N PRO A 3 -8.45 -2.57 11.62
CA PRO A 3 -7.44 -3.57 11.26
C PRO A 3 -6.49 -3.00 10.23
N TRP A 4 -5.24 -3.43 10.27
CA TRP A 4 -4.18 -2.79 9.50
C TRP A 4 -4.41 -2.81 8.00
N HIS A 5 -5.33 -3.64 7.51
CA HIS A 5 -5.74 -3.52 6.12
C HIS A 5 -6.70 -2.33 5.97
N SER A 6 -6.12 -1.15 5.83
CA SER A 6 -6.91 0.06 5.59
C SER A 6 -6.21 0.94 4.55
N LEU A 7 -4.97 0.60 4.27
CA LEU A 7 -4.09 1.39 3.39
C LEU A 7 -3.05 0.47 2.74
N VAL A 8 -3.13 -0.82 3.04
CA VAL A 8 -2.21 -1.80 2.50
C VAL A 8 -2.75 -2.35 1.18
N PRO A 9 -1.90 -2.41 0.17
CA PRO A 9 -2.29 -2.88 -1.16
C PRO A 9 -2.26 -4.39 -1.30
N PHE A 10 -2.82 -4.86 -2.41
CA PHE A 10 -2.74 -6.25 -2.78
C PHE A 10 -2.21 -6.33 -4.21
N LEU A 11 -2.20 -5.17 -4.86
CA LEU A 11 -1.80 -4.99 -6.26
C LEU A 11 -2.67 -5.79 -7.22
N ALA A 12 -2.61 -7.09 -7.10
CA ALA A 12 -3.33 -8.02 -7.96
C ALA A 12 -3.05 -9.44 -7.47
N PRO A 13 -3.84 -10.43 -7.92
CA PRO A 13 -3.60 -11.84 -7.57
C PRO A 13 -2.21 -12.31 -8.01
N SER A 14 -1.27 -12.23 -7.10
CA SER A 14 0.11 -12.63 -7.36
C SER A 14 0.18 -14.13 -7.59
N GLN A 15 0.59 -14.51 -8.79
CA GLN A 15 0.75 -15.91 -9.13
C GLN A 15 2.22 -16.30 -9.01
N ALA B 4 -7.35 13.03 20.89
CA ALA B 4 -7.41 13.81 19.64
C ALA B 4 -8.64 13.43 18.84
N PRO B 5 -9.38 14.41 18.31
CA PRO B 5 -10.61 14.16 17.57
C PRO B 5 -10.35 13.75 16.12
N PRO B 6 -11.15 12.82 15.62
CA PRO B 6 -11.08 12.38 14.23
C PRO B 6 -11.74 13.39 13.30
N THR B 7 -11.02 14.44 12.95
CA THR B 7 -11.55 15.47 12.08
C THR B 7 -11.81 14.91 10.69
N LEU B 8 -10.98 13.97 10.33
CA LEU B 8 -11.09 13.26 9.09
C LEU B 8 -11.63 11.85 9.35
N PRO B 9 -12.15 11.17 8.31
CA PRO B 9 -12.58 9.78 8.43
C PRO B 9 -11.51 8.91 9.09
N PRO B 10 -11.93 7.98 9.95
CA PRO B 10 -11.02 7.16 10.76
C PRO B 10 -10.36 6.05 9.97
N TYR B 11 -10.75 5.93 8.71
CA TYR B 11 -10.19 4.92 7.82
C TYR B 11 -9.15 5.54 6.87
N PHE B 12 -7.87 5.29 7.17
CA PHE B 12 -6.74 5.60 6.28
C PHE B 12 -6.44 7.10 6.11
N MET B 13 -7.42 7.95 6.36
CA MET B 13 -7.20 9.40 6.30
C MET B 13 -6.22 9.82 7.39
N LYS B 14 -5.72 11.05 7.31
CA LYS B 14 -4.76 11.53 8.30
C LYS B 14 -5.40 11.61 9.68
N GLY B 15 -4.79 10.91 10.63
CA GLY B 15 -5.31 10.88 11.99
C GLY B 15 -5.99 9.58 12.29
N SER B 16 -6.13 8.74 11.28
CA SER B 16 -6.65 7.40 11.46
C SER B 16 -5.62 6.57 12.22
N ILE B 17 -6.09 5.84 13.21
CA ILE B 17 -5.22 5.00 13.98
C ILE B 17 -5.34 3.56 13.49
N ILE B 18 -4.24 3.04 13.01
CA ILE B 18 -4.22 1.73 12.39
C ILE B 18 -3.69 0.69 13.37
N GLN B 19 -4.40 -0.43 13.49
CA GLN B 19 -4.01 -1.47 14.42
C GLN B 19 -3.35 -2.63 13.70
N LEU B 20 -2.09 -2.84 14.01
CA LEU B 20 -1.32 -3.88 13.36
C LEU B 20 -1.60 -5.24 13.98
N ALA B 21 -1.07 -6.30 13.37
CA ALA B 21 -1.37 -7.65 13.84
C ALA B 21 -0.85 -7.87 15.26
N ASN B 22 0.32 -7.30 15.53
CA ASN B 22 0.95 -7.43 16.84
C ASN B 22 0.13 -6.68 17.90
N GLY B 23 -0.74 -5.79 17.44
CA GLY B 23 -1.68 -5.14 18.34
C GLY B 23 -1.31 -3.70 18.65
N GLU B 24 -0.29 -3.17 18.00
CA GLU B 24 0.12 -1.81 18.27
C GLU B 24 -0.67 -0.85 17.40
N LEU B 25 -0.82 0.38 17.87
CA LEU B 25 -1.63 1.37 17.21
C LEU B 25 -0.76 2.53 16.76
N LYS B 26 -0.83 2.85 15.48
CA LYS B 26 -0.01 3.92 14.93
C LYS B 26 -0.81 4.82 14.00
N LYS B 27 -0.34 6.05 13.88
CA LYS B 27 -0.88 6.99 12.93
C LYS B 27 -0.53 6.57 11.51
N VAL B 28 -1.50 6.66 10.60
CA VAL B 28 -1.35 6.14 9.23
C VAL B 28 -0.01 6.52 8.60
N GLU B 29 0.32 7.80 8.72
CA GLU B 29 1.44 8.38 8.01
C GLU B 29 2.79 7.89 8.54
N ASP B 30 2.80 7.36 9.76
CA ASP B 30 4.04 7.00 10.42
C ASP B 30 4.25 5.49 10.39
N LEU B 31 3.27 4.78 9.88
CA LEU B 31 3.38 3.36 9.67
C LEU B 31 4.56 3.04 8.76
N LYS B 32 5.43 2.17 9.22
CA LYS B 32 6.56 1.75 8.43
C LYS B 32 6.27 0.40 7.81
N THR B 33 6.90 0.12 6.70
CA THR B 33 6.67 -1.13 5.99
C THR B 33 7.04 -2.33 6.86
N GLU B 34 8.04 -2.13 7.72
CA GLU B 34 8.47 -3.17 8.63
C GLU B 34 7.36 -3.56 9.59
N ASP B 35 6.50 -2.60 9.87
CA ASP B 35 5.38 -2.81 10.78
C ASP B 35 4.38 -3.78 10.17
N PHE B 36 4.10 -3.60 8.89
CA PHE B 36 3.19 -4.50 8.17
C PHE B 36 3.87 -5.83 7.92
N ILE B 37 5.17 -5.78 7.59
CA ILE B 37 5.96 -6.99 7.45
C ILE B 37 5.81 -7.86 8.68
N GLN B 38 6.16 -7.31 9.84
CA GLN B 38 6.06 -8.03 11.09
C GLN B 38 4.64 -8.52 11.33
N SER B 39 3.67 -7.64 11.13
CA SER B 39 2.28 -8.00 11.35
C SER B 39 1.89 -9.26 10.58
N ALA B 40 2.34 -9.35 9.35
CA ALA B 40 2.02 -10.50 8.51
C ALA B 40 2.86 -11.72 8.92
N GLU B 41 4.09 -11.48 9.34
CA GLU B 41 5.02 -12.55 9.68
C GLU B 41 4.62 -13.22 11.00
N ILE B 42 4.21 -12.39 11.95
CA ILE B 42 3.74 -12.88 13.25
C ILE B 42 2.47 -13.70 13.07
N SER B 43 1.70 -13.34 12.06
CA SER B 43 0.44 -14.00 11.79
C SER B 43 0.61 -15.16 10.82
N ASN B 44 -0.45 -15.93 10.64
CA ASN B 44 -0.45 -17.04 9.71
C ASN B 44 -1.50 -16.84 8.64
N ASP B 45 -2.60 -16.19 9.00
CA ASP B 45 -3.66 -15.89 8.05
C ASP B 45 -3.23 -14.77 7.13
N LEU B 46 -2.41 -13.86 7.63
CA LEU B 46 -1.88 -12.79 6.83
C LEU B 46 -0.45 -13.12 6.40
N LYS B 47 -0.03 -12.61 5.24
CA LYS B 47 1.34 -12.79 4.78
C LYS B 47 1.68 -11.78 3.68
N ILE B 48 2.95 -11.36 3.68
CA ILE B 48 3.45 -10.34 2.76
C ILE B 48 3.93 -10.98 1.45
N ASP B 49 3.88 -10.20 0.38
CA ASP B 49 4.44 -10.64 -0.90
C ASP B 49 5.50 -9.65 -1.37
N SER B 50 6.37 -10.10 -2.26
CA SER B 50 7.36 -9.23 -2.87
C SER B 50 7.15 -9.17 -4.38
N SER B 51 6.46 -8.14 -4.85
CA SER B 51 6.24 -7.95 -6.27
C SER B 51 6.91 -6.66 -6.75
N THR B 52 8.03 -6.80 -7.46
CA THR B 52 8.82 -5.64 -7.86
C THR B 52 8.30 -5.01 -9.14
N VAL B 53 7.75 -3.79 -9.04
CA VAL B 53 7.31 -3.05 -10.20
C VAL B 53 8.42 -2.90 -11.23
N GLU B 54 8.19 -3.45 -12.41
CA GLU B 54 9.13 -3.39 -13.50
C GLU B 54 8.78 -2.27 -14.46
N ARG B 55 7.52 -1.85 -14.45
CA ARG B 55 7.05 -0.86 -15.41
C ARG B 55 5.75 -0.22 -14.93
N ILE B 56 5.63 1.07 -15.17
CA ILE B 56 4.44 1.83 -14.80
C ILE B 56 3.88 2.53 -16.03
N GLU B 57 2.67 2.18 -16.41
CA GLU B 57 2.06 2.74 -17.60
C GLU B 57 0.81 3.50 -17.23
N ASP B 58 0.60 4.63 -17.88
CA ASP B 58 -0.57 5.44 -17.64
C ASP B 58 -1.72 4.98 -18.52
N SER B 59 -2.91 4.95 -17.95
CA SER B 59 -4.10 4.53 -18.67
C SER B 59 -4.92 5.77 -18.99
N HIS B 60 -5.60 5.78 -20.13
CA HIS B 60 -6.45 6.92 -20.49
C HIS B 60 -7.76 6.86 -19.73
N SER B 61 -7.64 7.11 -18.45
CA SER B 61 -8.75 7.10 -17.51
C SER B 61 -8.33 7.93 -16.29
N PRO B 62 -9.28 8.68 -15.71
CA PRO B 62 -9.00 9.59 -14.58
C PRO B 62 -8.20 8.95 -13.46
N GLY B 63 -6.96 9.40 -13.35
CA GLY B 63 -6.08 8.94 -12.29
C GLY B 63 -5.80 7.45 -12.33
N VAL B 64 -5.75 6.87 -13.53
CA VAL B 64 -5.52 5.44 -13.64
C VAL B 64 -4.15 5.13 -14.21
N ALA B 65 -3.41 4.28 -13.51
CA ALA B 65 -2.12 3.82 -13.96
C ALA B 65 -1.97 2.34 -13.65
N VAL B 66 -1.47 1.60 -14.61
CA VAL B 66 -1.27 0.17 -14.42
C VAL B 66 0.17 -0.12 -14.06
N ILE B 67 0.34 -0.62 -12.85
CA ILE B 67 1.65 -0.95 -12.35
C ILE B 67 1.94 -2.41 -12.67
N GLN B 68 2.96 -2.63 -13.48
CA GLN B 68 3.33 -3.98 -13.89
C GLN B 68 4.41 -4.52 -12.97
N PHE B 69 4.05 -5.51 -12.17
CA PHE B 69 4.94 -6.05 -11.15
C PHE B 69 5.54 -7.39 -11.56
N ALA B 70 6.74 -7.64 -11.05
CA ALA B 70 7.38 -8.92 -11.16
C ALA B 70 7.09 -9.75 -9.91
N VAL B 71 6.20 -10.71 -10.06
CA VAL B 71 5.79 -11.53 -8.94
C VAL B 71 6.63 -12.80 -8.84
N GLY B 72 7.23 -13.00 -7.67
CA GLY B 72 7.95 -14.22 -7.40
C GLY B 72 9.40 -14.14 -7.83
N GLU B 73 10.13 -15.21 -7.59
CA GLU B 73 11.55 -15.26 -7.90
C GLU B 73 11.78 -15.41 -9.39
N HIS B 74 10.72 -15.72 -10.13
CA HIS B 74 10.79 -15.87 -11.58
C HIS B 74 10.40 -14.58 -12.29
N ARG B 75 10.01 -13.58 -11.49
CA ARG B 75 9.57 -12.28 -11.99
C ARG B 75 8.40 -12.41 -12.95
N ALA B 76 7.35 -13.11 -12.52
CA ALA B 76 6.17 -13.27 -13.35
C ALA B 76 5.39 -11.97 -13.40
N GLN B 77 5.22 -11.44 -14.60
CA GLN B 77 4.63 -10.12 -14.78
C GLN B 77 3.14 -10.10 -14.48
N VAL B 78 2.70 -8.95 -13.98
CA VAL B 78 1.31 -8.72 -13.63
C VAL B 78 0.98 -7.25 -13.83
N SER B 79 0.08 -6.96 -14.76
CA SER B 79 -0.30 -5.59 -15.04
C SER B 79 -1.68 -5.29 -14.47
N VAL B 80 -1.73 -4.41 -13.48
CA VAL B 80 -2.98 -4.04 -12.84
C VAL B 80 -3.24 -2.54 -12.91
N GLU B 81 -4.38 -2.16 -13.47
CA GLU B 81 -4.78 -0.76 -13.58
C GLU B 81 -5.46 -0.30 -12.29
N VAL B 82 -4.76 0.50 -11.50
CA VAL B 82 -5.32 1.04 -10.28
C VAL B 82 -5.36 2.56 -10.37
N LEU B 83 -6.15 3.19 -9.51
CA LEU B 83 -6.11 4.63 -9.38
C LEU B 83 -4.81 5.01 -8.69
N VAL B 84 -4.24 6.12 -9.14
CA VAL B 84 -2.95 6.57 -8.65
C VAL B 84 -3.06 7.03 -7.19
N GLU B 85 -4.28 7.30 -6.75
CA GLU B 85 -4.53 7.76 -5.38
C GLU B 85 -4.57 6.59 -4.41
N TYR B 86 -4.47 5.38 -4.95
CA TYR B 86 -4.47 4.19 -4.12
C TYR B 86 -3.13 4.08 -3.39
N PRO B 87 -3.18 3.92 -2.06
CA PRO B 87 -1.97 3.78 -1.23
C PRO B 87 -1.24 2.47 -1.49
N PHE B 88 0.07 2.56 -1.71
CA PHE B 88 0.87 1.37 -1.94
C PHE B 88 1.98 1.24 -0.90
N PHE B 89 1.79 0.34 0.04
CA PHE B 89 2.83 0.00 0.99
C PHE B 89 3.90 -0.81 0.28
N VAL B 90 5.14 -0.36 0.38
CA VAL B 90 6.20 -0.95 -0.40
C VAL B 90 7.16 -1.76 0.49
N PHE B 91 7.33 -3.04 0.10
CA PHE B 91 7.95 -4.10 0.90
C PHE B 91 9.07 -3.65 1.86
N GLY B 92 10.12 -3.05 1.34
CA GLY B 92 11.16 -2.54 2.20
C GLY B 92 11.64 -1.20 1.72
N GLN B 93 10.78 -0.55 0.95
CA GLN B 93 11.15 0.66 0.24
C GLN B 93 10.49 1.88 0.89
N GLY B 94 9.28 1.70 1.44
CA GLY B 94 8.67 2.77 2.19
C GLY B 94 7.16 2.87 2.02
N TRP B 95 6.58 3.90 2.64
CA TRP B 95 5.15 4.18 2.57
C TRP B 95 4.88 5.09 1.37
N SER B 96 4.37 4.51 0.28
CA SER B 96 4.29 5.23 -0.99
C SER B 96 2.89 5.21 -1.60
N SER B 97 2.71 6.06 -2.61
CA SER B 97 1.52 6.08 -3.43
C SER B 97 1.89 6.56 -4.83
N CYS B 98 1.06 6.23 -5.82
CA CYS B 98 1.35 6.58 -7.20
C CYS B 98 1.12 8.07 -7.44
N CYS B 99 0.47 8.73 -6.49
CA CYS B 99 0.29 10.16 -6.57
C CYS B 99 0.23 10.75 -5.16
N PRO B 100 1.40 10.87 -4.52
CA PRO B 100 1.49 11.36 -3.14
C PRO B 100 0.79 12.69 -2.97
N GLU B 101 0.88 13.53 -3.99
CA GLU B 101 0.25 14.83 -3.99
C GLU B 101 -1.25 14.71 -3.74
N ARG B 102 -1.92 13.88 -4.53
CA ARG B 102 -3.36 13.69 -4.41
C ARG B 102 -3.72 12.95 -3.13
N THR B 103 -2.95 11.94 -2.77
CA THR B 103 -3.21 11.17 -1.55
C THR B 103 -3.08 12.07 -0.31
N SER B 104 -2.10 12.96 -0.30
CA SER B 104 -1.93 13.92 0.78
C SER B 104 -2.92 15.08 0.64
N GLN B 105 -3.21 15.49 -0.58
CA GLN B 105 -4.17 16.56 -0.82
C GLN B 105 -5.57 16.23 -0.33
N LEU B 106 -6.06 15.08 -0.72
CA LEU B 106 -7.47 14.75 -0.53
C LEU B 106 -7.69 13.97 0.76
N PHE B 107 -6.70 13.15 1.12
CA PHE B 107 -6.82 12.29 2.29
C PHE B 107 -5.95 12.80 3.43
N ASP B 108 -5.15 13.83 3.10
CA ASP B 108 -4.20 14.41 4.04
C ASP B 108 -3.13 13.41 4.45
N LEU B 109 -3.04 12.32 3.71
CA LEU B 109 -2.10 11.26 4.03
C LEU B 109 -0.84 11.39 3.19
N PRO B 110 0.30 11.69 3.82
CA PRO B 110 1.57 11.87 3.12
C PRO B 110 2.15 10.53 2.64
N CYS B 111 2.68 10.54 1.44
CA CYS B 111 3.15 9.32 0.78
C CYS B 111 4.41 9.59 -0.02
N SER B 112 5.19 8.56 -0.22
CA SER B 112 6.36 8.63 -1.07
C SER B 112 5.94 8.30 -2.50
N LYS B 113 6.64 8.82 -3.48
CA LYS B 113 6.29 8.56 -4.87
C LYS B 113 6.65 7.14 -5.26
N LEU B 114 5.64 6.31 -5.43
CA LEU B 114 5.85 4.95 -5.88
C LEU B 114 6.34 4.94 -7.32
N SER B 115 7.38 4.17 -7.58
CA SER B 115 8.01 4.16 -8.89
C SER B 115 8.60 2.78 -9.19
N VAL B 116 9.19 2.65 -10.38
CA VAL B 116 9.80 1.40 -10.79
C VAL B 116 10.93 1.02 -9.85
N GLY B 117 10.97 -0.24 -9.44
CA GLY B 117 11.94 -0.69 -8.48
C GLY B 117 11.36 -0.90 -7.10
N ASP B 118 10.17 -0.37 -6.88
CA ASP B 118 9.54 -0.47 -5.58
C ASP B 118 8.65 -1.70 -5.50
N VAL B 119 9.17 -2.74 -4.89
CA VAL B 119 8.41 -3.97 -4.76
C VAL B 119 7.27 -3.79 -3.78
N CYS B 120 6.06 -3.84 -4.32
CA CYS B 120 4.84 -3.60 -3.55
C CYS B 120 4.59 -4.74 -2.57
N ILE B 121 4.04 -4.37 -1.45
CA ILE B 121 3.57 -5.34 -0.49
C ILE B 121 2.19 -5.82 -0.91
N SER B 122 2.08 -7.04 -1.38
CA SER B 122 0.77 -7.63 -1.55
C SER B 122 0.43 -8.35 -0.27
N LEU B 123 -0.61 -7.89 0.40
CA LEU B 123 -1.01 -8.51 1.63
C LEU B 123 -2.25 -9.34 1.39
N THR B 124 -2.15 -10.62 1.63
CA THR B 124 -3.29 -11.50 1.44
C THR B 124 -3.95 -11.78 2.79
N LEU B 125 -5.26 -11.57 2.85
CA LEU B 125 -5.99 -11.70 4.09
C LEU B 125 -6.90 -12.92 4.05
N LYS B 126 -6.45 -14.00 4.64
CA LYS B 126 -7.24 -15.21 4.72
C LYS B 126 -8.40 -15.03 5.69
N VAL A 1 -9.42 2.06 16.75
CA VAL A 1 -8.40 1.60 15.78
C VAL A 1 -9.03 1.02 14.54
N PHE A 2 -8.27 1.00 13.46
CA PHE A 2 -8.69 0.33 12.24
C PHE A 2 -7.69 -0.75 11.89
N PRO A 3 -8.19 -1.97 11.57
CA PRO A 3 -7.35 -3.09 11.16
C PRO A 3 -6.33 -2.67 10.11
N TRP A 4 -5.07 -2.99 10.37
CA TRP A 4 -3.94 -2.47 9.63
C TRP A 4 -4.11 -2.52 8.11
N HIS A 5 -4.79 -3.54 7.60
CA HIS A 5 -5.09 -3.62 6.17
C HIS A 5 -6.14 -2.59 5.75
N SER A 6 -5.83 -1.32 5.97
CA SER A 6 -6.73 -0.24 5.63
C SER A 6 -6.08 0.67 4.57
N LEU A 7 -4.77 0.55 4.46
CA LEU A 7 -3.97 1.40 3.59
C LEU A 7 -3.08 0.55 2.69
N VAL A 8 -3.18 -0.77 2.84
CA VAL A 8 -2.39 -1.67 2.06
C VAL A 8 -3.28 -2.60 1.23
N PRO A 9 -3.29 -2.42 -0.09
CA PRO A 9 -4.04 -3.27 -1.00
C PRO A 9 -3.19 -4.43 -1.52
N PHE A 10 -3.71 -5.13 -2.51
CA PHE A 10 -2.97 -6.18 -3.17
C PHE A 10 -2.77 -5.83 -4.63
N LEU A 11 -1.65 -6.24 -5.21
CA LEU A 11 -1.30 -5.87 -6.58
C LEU A 11 -1.99 -6.79 -7.59
N ALA A 12 -3.17 -7.29 -7.19
CA ALA A 12 -3.90 -8.33 -7.91
C ALA A 12 -3.26 -9.69 -7.65
N PRO A 13 -4.00 -10.79 -7.83
CA PRO A 13 -3.47 -12.14 -7.65
C PRO A 13 -2.15 -12.34 -8.41
N SER A 14 -1.08 -12.58 -7.66
CA SER A 14 0.24 -12.78 -8.22
C SER A 14 0.27 -14.07 -9.04
N GLN A 15 0.28 -13.94 -10.36
CA GLN A 15 0.23 -15.09 -11.23
C GLN A 15 1.09 -14.87 -12.48
N ALA B 4 -14.32 23.29 15.84
CA ALA B 4 -14.04 21.88 15.53
C ALA B 4 -13.00 21.77 14.43
N PRO B 5 -12.01 20.88 14.61
CA PRO B 5 -10.92 20.70 13.65
C PRO B 5 -11.37 19.91 12.42
N PRO B 6 -10.74 20.17 11.27
CA PRO B 6 -11.07 19.47 10.02
C PRO B 6 -10.71 17.99 10.08
N THR B 7 -11.61 17.21 10.67
CA THR B 7 -11.40 15.79 10.86
C THR B 7 -11.62 15.02 9.57
N LEU B 8 -10.75 14.05 9.32
CA LEU B 8 -10.85 13.20 8.15
C LEU B 8 -11.49 11.88 8.54
N PRO B 9 -12.00 11.11 7.56
CA PRO B 9 -12.51 9.76 7.80
C PRO B 9 -11.52 8.91 8.62
N PRO B 10 -12.03 7.95 9.38
CA PRO B 10 -11.26 7.23 10.39
C PRO B 10 -10.37 6.11 9.84
N TYR B 11 -10.52 5.80 8.56
CA TYR B 11 -9.77 4.70 7.95
C TYR B 11 -8.26 4.92 7.89
N PHE B 12 -7.76 5.37 6.74
CA PHE B 12 -6.33 5.52 6.55
C PHE B 12 -5.97 6.98 6.42
N MET B 13 -6.97 7.83 6.60
CA MET B 13 -6.78 9.27 6.45
C MET B 13 -5.80 9.78 7.50
N LYS B 14 -5.21 10.94 7.26
CA LYS B 14 -4.18 11.47 8.14
C LYS B 14 -4.66 11.58 9.59
N GLY B 15 -3.93 10.94 10.48
CA GLY B 15 -4.24 11.00 11.90
C GLY B 15 -4.93 9.75 12.41
N SER B 16 -5.34 8.88 11.51
CA SER B 16 -6.01 7.65 11.88
C SER B 16 -5.04 6.71 12.57
N ILE B 17 -5.49 6.06 13.62
CA ILE B 17 -4.67 5.13 14.36
C ILE B 17 -4.81 3.73 13.80
N ILE B 18 -3.77 3.29 13.13
CA ILE B 18 -3.77 2.02 12.47
C ILE B 18 -3.25 0.95 13.42
N GLN B 19 -4.00 -0.12 13.59
CA GLN B 19 -3.61 -1.18 14.50
C GLN B 19 -3.10 -2.39 13.75
N LEU B 20 -1.86 -2.72 14.02
CA LEU B 20 -1.20 -3.83 13.36
C LEU B 20 -1.60 -5.15 13.97
N ALA B 21 -1.17 -6.26 13.39
CA ALA B 21 -1.56 -7.56 13.91
C ALA B 21 -0.89 -7.82 15.26
N ASN B 22 0.27 -7.21 15.46
CA ASN B 22 1.01 -7.36 16.70
C ASN B 22 0.41 -6.48 17.79
N GLY B 23 -0.48 -5.57 17.39
CA GLY B 23 -1.20 -4.77 18.35
C GLY B 23 -0.75 -3.33 18.40
N GLU B 24 0.25 -2.97 17.60
CA GLU B 24 0.74 -1.60 17.59
C GLU B 24 -0.28 -0.62 17.08
N LEU B 25 -0.25 0.55 17.68
CA LEU B 25 -1.19 1.62 17.36
C LEU B 25 -0.42 2.86 16.95
N LYS B 26 -0.31 3.07 15.65
CA LYS B 26 0.55 4.11 15.12
C LYS B 26 -0.18 4.94 14.07
N LYS B 27 0.24 6.18 13.90
CA LYS B 27 -0.33 7.05 12.88
C LYS B 27 -0.04 6.50 11.49
N VAL B 28 -0.97 6.71 10.57
CA VAL B 28 -0.87 6.13 9.23
C VAL B 28 0.49 6.38 8.60
N GLU B 29 0.93 7.63 8.64
CA GLU B 29 2.13 8.06 7.93
C GLU B 29 3.40 7.53 8.60
N ASP B 30 3.27 7.15 9.85
CA ASP B 30 4.41 6.75 10.65
C ASP B 30 4.65 5.25 10.56
N LEU B 31 3.69 4.56 10.00
CA LEU B 31 3.81 3.13 9.79
C LEU B 31 4.97 2.81 8.86
N LYS B 32 5.82 1.91 9.30
CA LYS B 32 6.96 1.46 8.51
C LYS B 32 6.67 0.10 7.93
N THR B 33 7.48 -0.35 6.99
CA THR B 33 7.23 -1.61 6.31
C THR B 33 7.18 -2.77 7.32
N GLU B 34 8.15 -2.80 8.23
CA GLU B 34 8.29 -3.92 9.17
C GLU B 34 7.09 -4.03 10.08
N ASP B 35 6.44 -2.90 10.32
CA ASP B 35 5.18 -2.88 11.06
C ASP B 35 4.22 -3.89 10.43
N PHE B 36 4.04 -3.74 9.12
CA PHE B 36 3.17 -4.62 8.36
C PHE B 36 3.79 -5.99 8.16
N ILE B 37 5.13 -6.03 7.98
CA ILE B 37 5.84 -7.30 7.84
C ILE B 37 5.46 -8.25 8.97
N GLN B 38 5.71 -7.81 10.19
CA GLN B 38 5.41 -8.61 11.37
C GLN B 38 3.95 -8.95 11.45
N SER B 39 3.09 -7.99 11.13
CA SER B 39 1.66 -8.20 11.24
C SER B 39 1.19 -9.41 10.44
N ALA B 40 1.61 -9.51 9.18
CA ALA B 40 1.19 -10.60 8.33
C ALA B 40 1.86 -11.91 8.74
N GLU B 41 3.06 -11.80 9.28
CA GLU B 41 3.82 -12.95 9.71
C GLU B 41 3.21 -13.56 10.97
N ILE B 42 2.75 -12.71 11.88
CA ILE B 42 2.12 -13.15 13.12
C ILE B 42 0.73 -13.73 12.85
N SER B 43 -0.07 -13.00 12.10
CA SER B 43 -1.42 -13.46 11.77
C SER B 43 -1.42 -14.22 10.44
N ASN B 44 -1.50 -15.54 10.54
CA ASN B 44 -1.37 -16.42 9.37
C ASN B 44 -2.44 -16.16 8.30
N ASP B 45 -3.58 -15.61 8.71
CA ASP B 45 -4.66 -15.30 7.77
C ASP B 45 -4.21 -14.23 6.79
N LEU B 46 -3.21 -13.46 7.17
CA LEU B 46 -2.67 -12.45 6.30
C LEU B 46 -1.29 -12.84 5.83
N LYS B 47 -0.83 -12.26 4.73
CA LYS B 47 0.52 -12.51 4.26
C LYS B 47 1.05 -11.34 3.43
N ILE B 48 2.32 -11.04 3.64
CA ILE B 48 3.01 -10.00 2.88
C ILE B 48 3.51 -10.57 1.56
N ASP B 49 3.55 -9.75 0.55
CA ASP B 49 4.07 -10.14 -0.74
C ASP B 49 5.08 -9.12 -1.22
N SER B 50 6.05 -9.56 -1.98
CA SER B 50 7.09 -8.68 -2.48
C SER B 50 7.19 -8.76 -4.00
N SER B 51 6.64 -7.77 -4.67
CA SER B 51 6.61 -7.74 -6.12
C SER B 51 7.21 -6.43 -6.64
N THR B 52 8.31 -6.53 -7.38
CA THR B 52 9.00 -5.36 -7.89
C THR B 52 8.32 -4.79 -9.12
N VAL B 53 7.82 -3.56 -9.00
CA VAL B 53 7.32 -2.85 -10.16
C VAL B 53 8.45 -2.62 -11.17
N GLU B 54 8.30 -3.21 -12.34
CA GLU B 54 9.28 -3.06 -13.40
C GLU B 54 8.92 -1.93 -14.33
N ARG B 55 7.65 -1.54 -14.32
CA ARG B 55 7.18 -0.52 -15.24
C ARG B 55 5.85 0.07 -14.74
N ILE B 56 5.56 1.29 -15.15
CA ILE B 56 4.37 2.00 -14.70
C ILE B 56 3.69 2.67 -15.87
N GLU B 57 2.51 2.18 -16.19
CA GLU B 57 1.82 2.59 -17.39
C GLU B 57 0.60 3.43 -17.05
N ASP B 58 0.40 4.50 -17.80
CA ASP B 58 -0.76 5.35 -17.56
C ASP B 58 -1.92 4.88 -18.44
N SER B 59 -3.06 4.69 -17.81
CA SER B 59 -4.25 4.23 -18.49
C SER B 59 -5.15 5.41 -18.84
N HIS B 60 -5.95 5.25 -19.89
CA HIS B 60 -6.87 6.30 -20.31
C HIS B 60 -8.14 6.24 -19.51
N SER B 61 -7.99 6.51 -18.24
CA SER B 61 -9.09 6.53 -17.30
C SER B 61 -8.73 7.42 -16.11
N PRO B 62 -9.73 8.09 -15.52
CA PRO B 62 -9.53 9.04 -14.41
C PRO B 62 -8.68 8.48 -13.29
N GLY B 63 -7.48 9.03 -13.16
CA GLY B 63 -6.57 8.66 -12.10
C GLY B 63 -6.18 7.19 -12.13
N VAL B 64 -6.09 6.62 -13.32
CA VAL B 64 -5.75 5.21 -13.43
C VAL B 64 -4.35 4.99 -13.99
N ALA B 65 -3.57 4.21 -13.25
CA ALA B 65 -2.26 3.81 -13.71
C ALA B 65 -2.06 2.33 -13.40
N VAL B 66 -1.61 1.60 -14.38
CA VAL B 66 -1.35 0.20 -14.21
C VAL B 66 0.11 -0.01 -13.83
N ILE B 67 0.31 -0.56 -12.65
CA ILE B 67 1.64 -0.85 -12.19
C ILE B 67 2.02 -2.27 -12.62
N GLN B 68 3.08 -2.37 -13.39
CA GLN B 68 3.52 -3.65 -13.92
C GLN B 68 4.58 -4.25 -13.01
N PHE B 69 4.23 -5.35 -12.34
CA PHE B 69 5.11 -5.96 -11.35
C PHE B 69 5.73 -7.25 -11.87
N ALA B 70 6.94 -7.53 -11.39
CA ALA B 70 7.56 -8.81 -11.58
C ALA B 70 7.48 -9.60 -10.28
N VAL B 71 6.70 -10.66 -10.30
CA VAL B 71 6.46 -11.46 -9.12
C VAL B 71 7.46 -12.61 -9.01
N GLY B 72 8.12 -12.68 -7.85
CA GLY B 72 9.01 -13.79 -7.56
C GLY B 72 10.31 -13.73 -8.34
N GLU B 73 11.02 -14.86 -8.37
CA GLU B 73 12.35 -14.94 -8.96
C GLU B 73 12.32 -14.90 -10.47
N HIS B 74 11.32 -15.52 -11.09
CA HIS B 74 11.26 -15.58 -12.56
C HIS B 74 10.49 -14.41 -13.14
N ARG B 75 10.26 -13.40 -12.29
CA ARG B 75 9.69 -12.12 -12.70
C ARG B 75 8.37 -12.29 -13.44
N ALA B 76 7.49 -13.13 -12.91
CA ALA B 76 6.16 -13.28 -13.47
C ALA B 76 5.43 -11.95 -13.41
N GLN B 77 5.12 -11.40 -14.56
CA GLN B 77 4.65 -10.03 -14.62
C GLN B 77 3.15 -9.94 -14.49
N VAL B 78 2.73 -9.00 -13.64
CA VAL B 78 1.32 -8.71 -13.45
C VAL B 78 1.07 -7.23 -13.67
N SER B 79 0.23 -6.92 -14.64
CA SER B 79 -0.16 -5.55 -14.90
C SER B 79 -1.55 -5.29 -14.31
N VAL B 80 -1.58 -4.50 -13.26
CA VAL B 80 -2.81 -4.22 -12.55
C VAL B 80 -3.16 -2.73 -12.61
N GLU B 81 -4.35 -2.42 -13.11
CA GLU B 81 -4.80 -1.04 -13.24
C GLU B 81 -5.36 -0.54 -11.92
N VAL B 82 -4.60 0.33 -11.27
CA VAL B 82 -4.95 0.84 -9.96
C VAL B 82 -5.21 2.34 -10.06
N LEU B 83 -6.13 2.86 -9.24
CA LEU B 83 -6.29 4.30 -9.15
C LEU B 83 -5.10 4.88 -8.40
N VAL B 84 -4.55 5.95 -8.95
CA VAL B 84 -3.32 6.54 -8.44
C VAL B 84 -3.46 7.02 -7.00
N GLU B 85 -4.70 7.15 -6.53
CA GLU B 85 -4.96 7.60 -5.18
C GLU B 85 -4.90 6.45 -4.19
N TYR B 86 -4.56 5.26 -4.68
CA TYR B 86 -4.41 4.11 -3.81
C TYR B 86 -3.03 4.07 -3.17
N PRO B 87 -2.99 4.10 -1.83
CA PRO B 87 -1.73 3.98 -1.08
C PRO B 87 -1.10 2.60 -1.27
N PHE B 88 0.21 2.57 -1.36
CA PHE B 88 0.93 1.33 -1.58
C PHE B 88 2.11 1.22 -0.64
N PHE B 89 2.00 0.35 0.34
CA PHE B 89 3.09 0.08 1.24
C PHE B 89 4.17 -0.66 0.48
N VAL B 90 5.41 -0.22 0.61
CA VAL B 90 6.48 -0.82 -0.16
C VAL B 90 7.47 -1.54 0.77
N PHE B 91 7.79 -2.78 0.40
CA PHE B 91 8.48 -3.76 1.26
C PHE B 91 9.92 -3.38 1.60
N GLY B 92 10.09 -2.37 2.44
CA GLY B 92 11.43 -1.94 2.83
C GLY B 92 11.90 -0.75 2.01
N GLN B 93 11.07 -0.34 1.09
CA GLN B 93 11.39 0.77 0.21
C GLN B 93 10.78 2.05 0.76
N GLY B 94 9.61 1.94 1.40
CA GLY B 94 9.01 3.09 2.05
C GLY B 94 7.50 3.10 2.01
N TRP B 95 6.91 3.97 2.82
CA TRP B 95 5.46 4.15 2.85
C TRP B 95 5.04 5.06 1.68
N SER B 96 4.60 4.45 0.59
CA SER B 96 4.42 5.19 -0.66
C SER B 96 2.98 5.11 -1.16
N SER B 97 2.67 5.92 -2.16
CA SER B 97 1.42 5.81 -2.88
C SER B 97 1.65 6.09 -4.35
N CYS B 98 0.75 5.57 -5.18
CA CYS B 98 0.85 5.72 -6.63
C CYS B 98 0.85 7.19 -7.03
N CYS B 99 0.30 8.03 -6.16
CA CYS B 99 0.26 9.45 -6.38
C CYS B 99 0.08 10.17 -5.06
N PRO B 100 1.19 10.47 -4.38
CA PRO B 100 1.19 11.19 -3.10
C PRO B 100 0.47 12.52 -3.23
N GLU B 101 0.52 13.08 -4.43
CA GLU B 101 -0.20 14.30 -4.73
C GLU B 101 -1.67 14.12 -4.40
N ARG B 102 -2.31 13.17 -5.07
CA ARG B 102 -3.74 12.95 -4.92
C ARG B 102 -4.08 12.33 -3.55
N THR B 103 -3.27 11.39 -3.08
CA THR B 103 -3.51 10.76 -1.80
C THR B 103 -3.47 11.79 -0.67
N SER B 104 -2.50 12.70 -0.71
CA SER B 104 -2.42 13.77 0.28
C SER B 104 -3.45 14.87 -0.01
N GLN B 105 -3.79 15.05 -1.28
CA GLN B 105 -4.84 15.98 -1.68
C GLN B 105 -6.17 15.69 -0.99
N LEU B 106 -6.60 14.45 -1.10
CA LEU B 106 -7.95 14.08 -0.71
C LEU B 106 -7.98 13.49 0.69
N PHE B 107 -6.96 12.71 1.01
CA PHE B 107 -6.93 11.99 2.27
C PHE B 107 -5.98 12.67 3.25
N ASP B 108 -5.27 13.69 2.76
CA ASP B 108 -4.27 14.43 3.53
C ASP B 108 -3.20 13.50 4.07
N LEU B 109 -3.09 12.34 3.47
CA LEU B 109 -2.25 11.29 3.99
C LEU B 109 -0.93 11.27 3.24
N PRO B 110 0.14 11.68 3.93
CA PRO B 110 1.47 11.80 3.33
C PRO B 110 2.02 10.46 2.88
N CYS B 111 2.51 10.44 1.66
CA CYS B 111 3.01 9.23 1.04
C CYS B 111 4.25 9.52 0.22
N SER B 112 5.16 8.56 0.17
CA SER B 112 6.31 8.64 -0.71
C SER B 112 5.87 8.35 -2.13
N LYS B 113 6.56 8.90 -3.11
CA LYS B 113 6.21 8.69 -4.50
C LYS B 113 6.58 7.28 -4.92
N LEU B 114 5.56 6.45 -5.09
CA LEU B 114 5.77 5.09 -5.58
C LEU B 114 6.22 5.13 -7.02
N SER B 115 7.17 4.29 -7.36
CA SER B 115 7.72 4.28 -8.70
C SER B 115 8.34 2.94 -9.03
N VAL B 116 8.70 2.77 -10.29
CA VAL B 116 9.33 1.57 -10.78
C VAL B 116 10.62 1.28 -10.01
N GLY B 117 10.76 0.04 -9.59
CA GLY B 117 11.84 -0.35 -8.72
C GLY B 117 11.38 -0.60 -7.30
N ASP B 118 10.22 -0.05 -6.93
CA ASP B 118 9.71 -0.21 -5.58
C ASP B 118 8.97 -1.53 -5.41
N VAL B 119 9.53 -2.42 -4.61
CA VAL B 119 8.89 -3.70 -4.36
C VAL B 119 7.66 -3.50 -3.49
N CYS B 120 6.49 -3.61 -4.10
CA CYS B 120 5.26 -3.27 -3.40
C CYS B 120 4.81 -4.41 -2.48
N ILE B 121 4.31 -4.02 -1.32
CA ILE B 121 3.74 -4.95 -0.39
C ILE B 121 2.31 -5.26 -0.79
N SER B 122 2.09 -6.42 -1.35
CA SER B 122 0.74 -6.83 -1.63
C SER B 122 0.24 -7.69 -0.49
N LEU B 123 -0.81 -7.24 0.17
CA LEU B 123 -1.33 -7.93 1.32
C LEU B 123 -2.53 -8.77 0.92
N THR B 124 -2.49 -10.04 1.26
CA THR B 124 -3.60 -10.92 1.01
C THR B 124 -4.44 -11.06 2.28
N LEU B 125 -5.70 -10.66 2.18
CA LEU B 125 -6.60 -10.73 3.31
C LEU B 125 -7.47 -11.97 3.19
N LYS B 126 -7.09 -13.04 3.88
CA LYS B 126 -7.81 -14.29 3.81
C LYS B 126 -9.05 -14.26 4.68
N VAL A 1 -10.25 1.44 16.23
CA VAL A 1 -9.17 1.18 15.24
C VAL A 1 -9.74 0.62 13.95
N PHE A 2 -8.90 0.62 12.93
CA PHE A 2 -9.19 -0.09 11.70
C PHE A 2 -8.12 -1.14 11.48
N PRO A 3 -8.53 -2.34 11.03
CA PRO A 3 -7.60 -3.41 10.68
C PRO A 3 -6.54 -2.90 9.74
N TRP A 4 -5.29 -3.23 10.04
CA TRP A 4 -4.14 -2.66 9.36
C TRP A 4 -4.23 -2.80 7.83
N HIS A 5 -4.96 -3.80 7.34
CA HIS A 5 -5.26 -3.86 5.91
C HIS A 5 -6.34 -2.84 5.56
N SER A 6 -5.90 -1.63 5.35
CA SER A 6 -6.78 -0.54 4.97
C SER A 6 -6.09 0.31 3.91
N LEU A 7 -4.97 0.87 4.32
CA LEU A 7 -4.09 1.66 3.46
C LEU A 7 -3.24 0.75 2.60
N VAL A 8 -2.93 -0.43 3.12
CA VAL A 8 -2.15 -1.41 2.39
C VAL A 8 -3.04 -2.20 1.43
N PRO A 9 -2.81 -2.04 0.14
CA PRO A 9 -3.54 -2.76 -0.88
C PRO A 9 -2.86 -4.06 -1.28
N PHE A 10 -3.22 -4.57 -2.43
CA PHE A 10 -2.60 -5.76 -2.99
C PHE A 10 -2.56 -5.62 -4.49
N LEU A 11 -1.50 -6.09 -5.11
CA LEU A 11 -1.42 -6.04 -6.56
C LEU A 11 -2.24 -7.19 -7.13
N ALA A 12 -2.61 -7.12 -8.41
CA ALA A 12 -3.52 -8.09 -9.02
C ALA A 12 -3.12 -9.54 -8.69
N PRO A 13 -4.12 -10.35 -8.26
CA PRO A 13 -3.93 -11.75 -7.87
C PRO A 13 -2.99 -12.50 -8.81
N SER A 14 -1.76 -12.72 -8.35
CA SER A 14 -0.72 -13.30 -9.18
C SER A 14 -0.85 -14.81 -9.27
N GLN A 15 -0.42 -15.51 -8.23
CA GLN A 15 -0.46 -16.95 -8.22
C GLN A 15 -1.77 -17.43 -7.60
N ALA B 4 -15.31 23.30 14.47
CA ALA B 4 -14.22 22.33 14.26
C ALA B 4 -14.72 21.14 13.46
N PRO B 5 -13.92 20.68 12.48
CA PRO B 5 -14.32 19.60 11.58
C PRO B 5 -14.31 18.24 12.27
N PRO B 6 -15.11 17.29 11.78
CA PRO B 6 -15.16 15.92 12.33
C PRO B 6 -14.00 15.07 11.81
N THR B 7 -12.84 15.71 11.64
CA THR B 7 -11.64 15.09 11.10
C THR B 7 -11.90 14.33 9.81
N LEU B 8 -10.90 13.59 9.37
CA LEU B 8 -11.00 12.78 8.17
C LEU B 8 -11.42 11.36 8.54
N PRO B 9 -12.08 10.65 7.60
CA PRO B 9 -12.49 9.27 7.79
C PRO B 9 -11.35 8.40 8.34
N PRO B 10 -11.69 7.54 9.31
CA PRO B 10 -10.71 6.78 10.10
C PRO B 10 -10.15 5.56 9.37
N TYR B 11 -10.62 5.37 8.15
CA TYR B 11 -10.15 4.25 7.32
C TYR B 11 -8.64 4.27 7.12
N PHE B 12 -8.15 5.15 6.27
CA PHE B 12 -6.73 5.21 5.98
C PHE B 12 -6.27 6.65 5.94
N MET B 13 -7.19 7.57 6.19
CA MET B 13 -6.89 8.98 6.04
C MET B 13 -6.10 9.51 7.22
N LYS B 14 -5.46 10.66 7.05
CA LYS B 14 -4.52 11.19 8.05
C LYS B 14 -5.16 11.31 9.43
N GLY B 15 -4.45 10.79 10.43
CA GLY B 15 -4.88 10.93 11.81
C GLY B 15 -5.59 9.69 12.32
N SER B 16 -5.97 8.82 11.41
CA SER B 16 -6.64 7.58 11.77
C SER B 16 -5.70 6.65 12.52
N ILE B 17 -6.25 5.88 13.45
CA ILE B 17 -5.46 4.94 14.22
C ILE B 17 -5.53 3.56 13.59
N ILE B 18 -4.42 3.12 13.03
CA ILE B 18 -4.35 1.84 12.37
C ILE B 18 -3.82 0.80 13.33
N GLN B 19 -4.49 -0.34 13.40
CA GLN B 19 -4.08 -1.39 14.31
C GLN B 19 -3.37 -2.51 13.58
N LEU B 20 -2.13 -2.71 13.93
CA LEU B 20 -1.29 -3.72 13.32
C LEU B 20 -1.52 -5.06 14.00
N ALA B 21 -1.12 -6.14 13.32
CA ALA B 21 -1.44 -7.48 13.77
C ALA B 21 -0.74 -7.83 15.08
N ASN B 22 0.31 -7.08 15.40
CA ASN B 22 1.05 -7.30 16.63
C ASN B 22 0.38 -6.57 17.79
N GLY B 23 -0.65 -5.79 17.48
CA GLY B 23 -1.45 -5.18 18.51
C GLY B 23 -1.05 -3.77 18.84
N GLU B 24 -0.17 -3.17 18.07
CA GLU B 24 0.22 -1.80 18.33
C GLU B 24 -0.57 -0.84 17.44
N LEU B 25 -0.80 0.36 17.95
CA LEU B 25 -1.64 1.32 17.28
C LEU B 25 -0.83 2.54 16.87
N LYS B 26 -0.90 2.90 15.59
CA LYS B 26 -0.10 4.00 15.08
C LYS B 26 -0.93 4.86 14.13
N LYS B 27 -0.51 6.10 13.95
CA LYS B 27 -1.13 6.99 12.99
C LYS B 27 -0.70 6.61 11.58
N VAL B 28 -1.62 6.72 10.63
CA VAL B 28 -1.43 6.21 9.28
C VAL B 28 -0.07 6.57 8.68
N GLU B 29 0.31 7.84 8.82
CA GLU B 29 1.48 8.37 8.13
C GLU B 29 2.79 7.79 8.66
N ASP B 30 2.78 7.37 9.92
CA ASP B 30 4.02 6.96 10.58
C ASP B 30 4.20 5.44 10.52
N LEU B 31 3.22 4.76 9.95
CA LEU B 31 3.32 3.34 9.74
C LEU B 31 4.47 3.02 8.80
N LYS B 32 5.38 2.19 9.28
CA LYS B 32 6.56 1.84 8.53
C LYS B 32 6.39 0.46 7.90
N THR B 33 7.21 0.14 6.91
CA THR B 33 7.10 -1.14 6.23
C THR B 33 7.31 -2.30 7.21
N GLU B 34 8.25 -2.13 8.14
CA GLU B 34 8.58 -3.18 9.12
C GLU B 34 7.37 -3.47 10.00
N ASP B 35 6.52 -2.48 10.19
CA ASP B 35 5.33 -2.64 11.00
C ASP B 35 4.39 -3.64 10.33
N PHE B 36 4.15 -3.44 9.05
CA PHE B 36 3.26 -4.32 8.29
C PHE B 36 3.92 -5.67 8.04
N ILE B 37 5.24 -5.65 7.79
CA ILE B 37 6.00 -6.87 7.63
C ILE B 37 5.75 -7.81 8.80
N GLN B 38 6.02 -7.33 10.00
CA GLN B 38 5.80 -8.12 11.21
C GLN B 38 4.37 -8.59 11.31
N SER B 39 3.43 -7.67 11.09
CA SER B 39 2.02 -7.97 11.26
C SER B 39 1.60 -9.21 10.46
N ALA B 40 2.01 -9.26 9.20
CA ALA B 40 1.63 -10.37 8.34
C ALA B 40 2.41 -11.64 8.69
N GLU B 41 3.61 -11.46 9.20
CA GLU B 41 4.45 -12.58 9.60
C GLU B 41 3.91 -13.26 10.86
N ILE B 42 3.46 -12.46 11.81
CA ILE B 42 2.93 -12.95 13.06
C ILE B 42 1.61 -13.69 12.87
N SER B 43 0.68 -13.05 12.20
CA SER B 43 -0.63 -13.64 11.94
C SER B 43 -0.62 -14.40 10.61
N ASN B 44 -0.75 -15.72 10.70
CA ASN B 44 -0.60 -16.59 9.53
C ASN B 44 -1.72 -16.39 8.51
N ASP B 45 -2.85 -15.86 8.97
CA ASP B 45 -3.99 -15.60 8.09
C ASP B 45 -3.63 -14.50 7.09
N LEU B 46 -2.64 -13.71 7.42
CA LEU B 46 -2.14 -12.69 6.53
C LEU B 46 -0.76 -13.06 6.01
N LYS B 47 -0.30 -12.35 5.01
CA LYS B 47 1.07 -12.49 4.55
C LYS B 47 1.43 -11.39 3.56
N ILE B 48 2.68 -10.95 3.65
CA ILE B 48 3.22 -9.93 2.78
C ILE B 48 3.70 -10.56 1.49
N ASP B 49 3.55 -9.83 0.40
CA ASP B 49 4.06 -10.28 -0.87
C ASP B 49 5.25 -9.45 -1.30
N SER B 50 5.97 -9.95 -2.28
CA SER B 50 7.09 -9.23 -2.84
C SER B 50 7.00 -9.23 -4.36
N SER B 51 6.63 -8.10 -4.93
CA SER B 51 6.48 -7.98 -6.37
C SER B 51 7.10 -6.67 -6.85
N THR B 52 8.23 -6.77 -7.55
CA THR B 52 8.96 -5.60 -8.02
C THR B 52 8.31 -4.99 -9.26
N VAL B 53 7.79 -3.77 -9.12
CA VAL B 53 7.29 -3.05 -10.28
C VAL B 53 8.40 -2.83 -11.28
N GLU B 54 8.18 -3.33 -12.48
CA GLU B 54 9.15 -3.23 -13.56
C GLU B 54 8.73 -2.18 -14.56
N ARG B 55 7.45 -1.83 -14.55
CA ARG B 55 6.93 -0.85 -15.49
C ARG B 55 5.67 -0.20 -14.96
N ILE B 56 5.48 1.07 -15.28
CA ILE B 56 4.30 1.80 -14.86
C ILE B 56 3.69 2.51 -16.05
N GLU B 57 2.42 2.25 -16.29
CA GLU B 57 1.74 2.81 -17.45
C GLU B 57 0.51 3.59 -17.03
N ASP B 58 0.29 4.70 -17.70
CA ASP B 58 -0.89 5.52 -17.43
C ASP B 58 -2.09 4.96 -18.18
N SER B 59 -3.22 4.90 -17.50
CA SER B 59 -4.43 4.38 -18.11
C SER B 59 -5.36 5.53 -18.47
N HIS B 60 -6.14 5.35 -19.53
CA HIS B 60 -7.09 6.37 -19.94
C HIS B 60 -8.35 6.24 -19.11
N SER B 61 -8.19 6.49 -17.83
CA SER B 61 -9.24 6.39 -16.85
C SER B 61 -8.89 7.33 -15.69
N PRO B 62 -9.90 8.00 -15.11
CA PRO B 62 -9.70 8.99 -14.04
C PRO B 62 -8.82 8.49 -12.91
N GLY B 63 -7.63 9.09 -12.83
CA GLY B 63 -6.70 8.77 -11.77
C GLY B 63 -6.23 7.33 -11.78
N VAL B 64 -6.13 6.73 -12.96
CA VAL B 64 -5.74 5.33 -13.04
C VAL B 64 -4.36 5.16 -13.67
N ALA B 65 -3.55 4.35 -13.02
CA ALA B 65 -2.27 3.95 -13.54
C ALA B 65 -2.05 2.48 -13.24
N VAL B 66 -1.62 1.74 -14.23
CA VAL B 66 -1.42 0.32 -14.08
C VAL B 66 0.04 0.03 -13.76
N ILE B 67 0.25 -0.54 -12.60
CA ILE B 67 1.58 -0.88 -12.15
C ILE B 67 1.89 -2.33 -12.53
N GLN B 68 2.95 -2.52 -13.29
CA GLN B 68 3.34 -3.85 -13.74
C GLN B 68 4.42 -4.41 -12.83
N PHE B 69 4.06 -5.43 -12.07
CA PHE B 69 4.97 -6.03 -11.10
C PHE B 69 5.48 -7.38 -11.57
N ALA B 70 6.72 -7.66 -11.28
CA ALA B 70 7.29 -8.99 -11.47
C ALA B 70 7.15 -9.78 -10.19
N VAL B 71 6.14 -10.64 -10.13
CA VAL B 71 5.81 -11.35 -8.92
C VAL B 71 6.65 -12.61 -8.74
N GLY B 72 7.24 -12.75 -7.56
CA GLY B 72 8.02 -13.93 -7.23
C GLY B 72 9.40 -13.90 -7.87
N GLU B 73 10.19 -14.93 -7.59
CA GLU B 73 11.53 -15.01 -8.15
C GLU B 73 11.48 -15.40 -9.61
N HIS B 74 10.37 -16.01 -10.03
CA HIS B 74 10.16 -16.30 -11.44
C HIS B 74 9.72 -15.04 -12.16
N ARG B 75 9.52 -13.98 -11.38
CA ARG B 75 9.31 -12.64 -11.90
C ARG B 75 8.27 -12.62 -13.01
N ALA B 76 7.03 -12.93 -12.62
CA ALA B 76 5.93 -12.93 -13.56
C ALA B 76 5.25 -11.57 -13.57
N GLN B 77 5.32 -10.92 -14.72
CA GLN B 77 4.76 -9.59 -14.88
C GLN B 77 3.25 -9.59 -14.81
N VAL B 78 2.75 -8.92 -13.78
CA VAL B 78 1.32 -8.73 -13.58
C VAL B 78 1.02 -7.23 -13.56
N SER B 79 0.18 -6.79 -14.46
CA SER B 79 -0.14 -5.38 -14.57
C SER B 79 -1.53 -5.10 -13.98
N VAL B 80 -1.58 -4.28 -12.94
CA VAL B 80 -2.81 -3.98 -12.26
C VAL B 80 -3.15 -2.48 -12.36
N GLU B 81 -4.33 -2.18 -12.89
CA GLU B 81 -4.79 -0.79 -13.01
C GLU B 81 -5.31 -0.30 -11.66
N VAL B 82 -4.52 0.50 -10.98
CA VAL B 82 -4.90 1.03 -9.69
C VAL B 82 -5.12 2.54 -9.81
N LEU B 83 -5.82 3.12 -8.85
CA LEU B 83 -5.94 4.56 -8.80
C LEU B 83 -4.68 5.15 -8.21
N VAL B 84 -4.24 6.25 -8.79
CA VAL B 84 -3.00 6.90 -8.40
C VAL B 84 -3.12 7.53 -7.01
N GLU B 85 -4.35 7.82 -6.61
CA GLU B 85 -4.60 8.42 -5.31
C GLU B 85 -4.56 7.35 -4.22
N TYR B 86 -4.50 6.10 -4.63
CA TYR B 86 -4.38 4.99 -3.72
C TYR B 86 -2.91 4.71 -3.42
N PRO B 87 -2.55 4.59 -2.14
CA PRO B 87 -1.18 4.38 -1.72
C PRO B 87 -0.76 2.92 -1.79
N PHE B 88 0.54 2.71 -1.79
CA PHE B 88 1.13 1.39 -1.86
C PHE B 88 2.27 1.26 -0.85
N PHE B 89 2.07 0.40 0.14
CA PHE B 89 3.15 0.05 1.02
C PHE B 89 4.20 -0.72 0.24
N VAL B 90 5.46 -0.37 0.39
CA VAL B 90 6.50 -0.99 -0.41
C VAL B 90 7.45 -1.81 0.45
N PHE B 91 7.70 -3.04 0.00
CA PHE B 91 8.40 -4.12 0.76
C PHE B 91 9.82 -3.74 1.21
N GLY B 92 9.91 -3.05 2.33
CA GLY B 92 11.21 -2.64 2.82
C GLY B 92 11.61 -1.28 2.28
N GLN B 93 10.86 -0.80 1.30
CA GLN B 93 11.12 0.47 0.69
C GLN B 93 10.45 1.60 1.47
N GLY B 94 9.25 1.33 2.00
CA GLY B 94 8.61 2.30 2.87
C GLY B 94 7.14 2.54 2.57
N TRP B 95 6.67 3.70 2.97
CA TRP B 95 5.26 4.07 2.85
C TRP B 95 5.08 4.98 1.63
N SER B 96 4.60 4.42 0.53
CA SER B 96 4.57 5.14 -0.74
C SER B 96 3.16 5.15 -1.33
N SER B 97 3.00 5.97 -2.37
CA SER B 97 1.77 6.02 -3.14
C SER B 97 2.11 6.32 -4.59
N CYS B 98 1.25 5.85 -5.50
CA CYS B 98 1.42 6.10 -6.92
C CYS B 98 1.38 7.60 -7.19
N CYS B 99 0.77 8.34 -6.28
CA CYS B 99 0.69 9.77 -6.39
C CYS B 99 0.53 10.38 -5.01
N PRO B 100 1.65 10.59 -4.31
CA PRO B 100 1.65 11.19 -2.98
C PRO B 100 1.00 12.56 -3.00
N GLU B 101 1.07 13.19 -4.15
CA GLU B 101 0.39 14.44 -4.40
C GLU B 101 -1.07 14.32 -4.02
N ARG B 102 -1.79 13.52 -4.80
CA ARG B 102 -3.23 13.35 -4.64
C ARG B 102 -3.57 12.71 -3.30
N THR B 103 -2.79 11.71 -2.88
CA THR B 103 -3.06 11.04 -1.60
C THR B 103 -2.98 12.03 -0.44
N SER B 104 -1.99 12.92 -0.47
CA SER B 104 -1.86 13.93 0.56
C SER B 104 -2.83 15.09 0.31
N GLN B 105 -3.16 15.33 -0.95
CA GLN B 105 -4.13 16.35 -1.33
C GLN B 105 -5.51 16.07 -0.75
N LEU B 106 -5.99 14.87 -0.99
CA LEU B 106 -7.39 14.55 -0.74
C LEU B 106 -7.56 13.87 0.61
N PHE B 107 -6.58 13.08 0.99
CA PHE B 107 -6.66 12.30 2.22
C PHE B 107 -5.72 12.86 3.27
N ASP B 108 -5.02 13.95 2.91
CA ASP B 108 -4.04 14.60 3.79
C ASP B 108 -2.94 13.64 4.22
N LEU B 109 -2.81 12.53 3.50
CA LEU B 109 -1.91 11.47 3.91
C LEU B 109 -0.61 11.53 3.10
N PRO B 110 0.52 11.76 3.77
CA PRO B 110 1.82 11.88 3.11
C PRO B 110 2.33 10.52 2.63
N CYS B 111 2.94 10.52 1.46
CA CYS B 111 3.41 9.30 0.84
C CYS B 111 4.72 9.56 0.07
N SER B 112 5.51 8.52 -0.06
CA SER B 112 6.68 8.56 -0.91
C SER B 112 6.25 8.16 -2.31
N LYS B 113 6.97 8.57 -3.34
CA LYS B 113 6.55 8.24 -4.68
C LYS B 113 6.79 6.77 -4.99
N LEU B 114 5.69 6.04 -5.14
CA LEU B 114 5.75 4.66 -5.58
C LEU B 114 5.98 4.65 -7.08
N SER B 115 7.15 4.20 -7.49
CA SER B 115 7.46 4.12 -8.90
C SER B 115 8.14 2.79 -9.21
N VAL B 116 8.54 2.65 -10.44
CA VAL B 116 9.14 1.43 -10.94
C VAL B 116 10.46 1.13 -10.22
N GLY B 117 10.66 -0.14 -9.92
CA GLY B 117 11.81 -0.57 -9.15
C GLY B 117 11.50 -0.84 -7.69
N ASP B 118 10.26 -0.56 -7.28
CA ASP B 118 9.87 -0.77 -5.89
C ASP B 118 9.01 -2.03 -5.73
N VAL B 119 9.46 -2.95 -4.89
CA VAL B 119 8.67 -4.16 -4.63
C VAL B 119 7.45 -3.85 -3.77
N CYS B 120 6.26 -3.99 -4.34
CA CYS B 120 5.03 -3.66 -3.63
C CYS B 120 4.80 -4.61 -2.47
N ILE B 121 4.30 -4.07 -1.39
CA ILE B 121 3.75 -4.89 -0.34
C ILE B 121 2.31 -5.20 -0.67
N SER B 122 2.07 -6.39 -1.19
CA SER B 122 0.73 -6.84 -1.41
C SER B 122 0.30 -7.66 -0.22
N LEU B 123 -0.75 -7.22 0.46
CA LEU B 123 -1.23 -7.92 1.62
C LEU B 123 -2.44 -8.73 1.27
N THR B 124 -2.36 -10.03 1.45
CA THR B 124 -3.48 -10.89 1.15
C THR B 124 -4.23 -11.23 2.44
N LEU B 125 -5.52 -10.98 2.42
CA LEU B 125 -6.37 -11.25 3.56
C LEU B 125 -7.12 -12.55 3.36
N LYS B 126 -6.71 -13.59 4.07
CA LYS B 126 -7.35 -14.88 3.99
C LYS B 126 -8.70 -14.85 4.68
N VAL A 1 -10.44 2.81 15.59
CA VAL A 1 -9.30 2.07 15.05
C VAL A 1 -9.76 0.96 14.13
N PHE A 2 -8.92 0.60 13.19
CA PHE A 2 -9.24 -0.41 12.19
C PHE A 2 -8.07 -1.36 11.99
N PRO A 3 -8.34 -2.60 11.56
CA PRO A 3 -7.30 -3.56 11.20
C PRO A 3 -6.36 -2.98 10.15
N TRP A 4 -5.09 -3.34 10.23
CA TRP A 4 -4.05 -2.70 9.45
C TRP A 4 -4.25 -2.80 7.94
N HIS A 5 -5.09 -3.73 7.48
CA HIS A 5 -5.50 -3.71 6.10
C HIS A 5 -6.50 -2.58 5.87
N SER A 6 -6.00 -1.36 5.87
CA SER A 6 -6.82 -0.19 5.68
C SER A 6 -6.23 0.69 4.58
N LEU A 7 -4.92 0.56 4.39
CA LEU A 7 -4.16 1.39 3.47
C LEU A 7 -3.18 0.53 2.67
N VAL A 8 -3.38 -0.78 2.71
CA VAL A 8 -2.51 -1.70 2.02
C VAL A 8 -3.33 -2.58 1.06
N PRO A 9 -3.46 -2.13 -0.19
CA PRO A 9 -4.19 -2.88 -1.22
C PRO A 9 -3.35 -4.02 -1.78
N PHE A 10 -3.91 -4.70 -2.77
CA PHE A 10 -3.19 -5.78 -3.42
C PHE A 10 -3.06 -5.50 -4.91
N LEU A 11 -1.90 -5.83 -5.45
CA LEU A 11 -1.56 -5.59 -6.84
C LEU A 11 -2.23 -6.62 -7.78
N ALA A 12 -3.48 -6.97 -7.46
CA ALA A 12 -4.19 -8.09 -8.08
C ALA A 12 -3.66 -9.41 -7.50
N PRO A 13 -4.45 -10.50 -7.61
CA PRO A 13 -4.05 -11.81 -7.08
C PRO A 13 -2.73 -12.32 -7.66
N SER A 14 -1.65 -12.13 -6.92
CA SER A 14 -0.33 -12.58 -7.32
C SER A 14 -0.32 -14.08 -7.61
N GLN A 15 0.64 -14.52 -8.40
CA GLN A 15 0.79 -15.92 -8.73
C GLN A 15 1.54 -16.65 -7.63
N ALA B 4 -10.88 22.41 17.98
CA ALA B 4 -10.73 21.10 17.32
C ALA B 4 -10.74 21.26 15.81
N PRO B 5 -9.84 20.55 15.11
CA PRO B 5 -9.73 20.65 13.66
C PRO B 5 -10.80 19.85 12.94
N PRO B 6 -11.05 20.15 11.64
CA PRO B 6 -12.04 19.43 10.83
C PRO B 6 -11.98 17.91 11.03
N THR B 7 -10.77 17.37 10.92
CA THR B 7 -10.53 15.94 11.09
C THR B 7 -11.09 15.13 9.92
N LEU B 8 -10.46 14.01 9.64
CA LEU B 8 -10.79 13.18 8.51
C LEU B 8 -11.28 11.82 8.99
N PRO B 9 -11.93 11.05 8.10
CA PRO B 9 -12.35 9.67 8.40
C PRO B 9 -11.25 8.87 9.10
N PRO B 10 -11.65 8.02 10.06
CA PRO B 10 -10.73 7.30 10.96
C PRO B 10 -10.10 6.07 10.33
N TYR B 11 -10.48 5.79 9.09
CA TYR B 11 -10.02 4.59 8.41
C TYR B 11 -8.56 4.67 7.96
N PHE B 12 -8.30 5.26 6.80
CA PHE B 12 -6.94 5.31 6.29
C PHE B 12 -6.49 6.75 6.12
N MET B 13 -7.37 7.67 6.46
CA MET B 13 -7.09 9.09 6.29
C MET B 13 -6.01 9.55 7.26
N LYS B 14 -5.54 10.78 7.11
CA LYS B 14 -4.48 11.30 7.97
C LYS B 14 -4.87 11.25 9.45
N GLY B 15 -3.95 10.77 10.27
CA GLY B 15 -4.13 10.79 11.72
C GLY B 15 -4.89 9.59 12.24
N SER B 16 -5.39 8.76 11.34
CA SER B 16 -6.12 7.57 11.73
C SER B 16 -5.23 6.58 12.48
N ILE B 17 -5.82 5.87 13.42
CA ILE B 17 -5.10 4.88 14.19
C ILE B 17 -5.25 3.51 13.56
N ILE B 18 -4.13 2.97 13.10
CA ILE B 18 -4.12 1.70 12.41
C ILE B 18 -3.58 0.61 13.34
N GLN B 19 -4.33 -0.48 13.47
CA GLN B 19 -3.93 -1.56 14.37
C GLN B 19 -3.27 -2.69 13.59
N LEU B 20 -2.01 -2.93 13.91
CA LEU B 20 -1.24 -3.94 13.22
C LEU B 20 -1.51 -5.33 13.78
N ALA B 21 -1.00 -6.36 13.13
CA ALA B 21 -1.28 -7.73 13.57
C ALA B 21 -0.69 -7.97 14.95
N ASN B 22 0.43 -7.33 15.22
CA ASN B 22 1.10 -7.45 16.51
C ASN B 22 0.35 -6.66 17.58
N GLY B 23 -0.64 -5.89 17.15
CA GLY B 23 -1.50 -5.19 18.09
C GLY B 23 -1.15 -3.73 18.24
N GLU B 24 -0.18 -3.25 17.47
CA GLU B 24 0.21 -1.85 17.55
C GLU B 24 -0.86 -0.93 17.04
N LEU B 25 -0.87 0.24 17.63
CA LEU B 25 -1.80 1.28 17.25
C LEU B 25 -1.02 2.50 16.80
N LYS B 26 -0.78 2.57 15.50
CA LYS B 26 0.14 3.53 14.93
C LYS B 26 -0.61 4.50 14.03
N LYS B 27 -0.01 5.65 13.78
CA LYS B 27 -0.61 6.64 12.90
C LYS B 27 -0.33 6.29 11.45
N VAL B 28 -1.32 6.45 10.60
CA VAL B 28 -1.23 6.01 9.19
C VAL B 28 0.09 6.44 8.55
N GLU B 29 0.40 7.70 8.74
CA GLU B 29 1.51 8.34 8.06
C GLU B 29 2.87 7.85 8.59
N ASP B 30 2.89 7.32 9.80
CA ASP B 30 4.15 6.97 10.45
C ASP B 30 4.35 5.47 10.52
N LEU B 31 3.38 4.72 10.00
CA LEU B 31 3.54 3.30 9.77
C LEU B 31 4.76 3.05 8.90
N LYS B 32 5.63 2.15 9.33
CA LYS B 32 6.80 1.79 8.55
C LYS B 32 6.58 0.46 7.87
N THR B 33 7.32 0.17 6.81
CA THR B 33 7.12 -1.07 6.06
C THR B 33 7.32 -2.28 6.96
N GLU B 34 8.30 -2.17 7.87
CA GLU B 34 8.63 -3.26 8.77
C GLU B 34 7.47 -3.58 9.70
N ASP B 35 6.67 -2.57 10.00
CA ASP B 35 5.51 -2.75 10.86
C ASP B 35 4.49 -3.67 10.21
N PHE B 36 4.25 -3.45 8.92
CA PHE B 36 3.36 -4.33 8.16
C PHE B 36 4.02 -5.66 7.91
N ILE B 37 5.32 -5.64 7.59
CA ILE B 37 6.09 -6.84 7.42
C ILE B 37 5.93 -7.77 8.61
N GLN B 38 6.28 -7.27 9.79
CA GLN B 38 6.20 -8.04 11.01
C GLN B 38 4.81 -8.58 11.23
N SER B 39 3.81 -7.72 11.06
CA SER B 39 2.43 -8.12 11.25
C SER B 39 2.08 -9.35 10.44
N ALA B 40 2.47 -9.36 9.18
CA ALA B 40 2.16 -10.48 8.30
C ALA B 40 3.07 -11.68 8.54
N GLU B 41 4.23 -11.43 9.11
CA GLU B 41 5.18 -12.51 9.41
C GLU B 41 4.72 -13.26 10.64
N ILE B 42 4.18 -12.50 11.58
CA ILE B 42 3.54 -13.05 12.76
C ILE B 42 2.30 -13.85 12.33
N SER B 43 1.80 -13.50 11.14
CA SER B 43 0.82 -14.31 10.42
C SER B 43 -0.43 -14.63 11.23
N ASN B 44 -1.32 -13.66 11.31
CA ASN B 44 -2.63 -13.89 11.89
C ASN B 44 -3.66 -13.95 10.77
N ASP B 45 -3.50 -14.95 9.88
CA ASP B 45 -4.30 -15.07 8.66
C ASP B 45 -3.96 -13.91 7.72
N LEU B 46 -2.70 -13.52 7.73
CA LEU B 46 -2.24 -12.32 7.02
C LEU B 46 -0.80 -12.51 6.55
N LYS B 47 -0.54 -12.24 5.27
CA LYS B 47 0.80 -12.44 4.70
C LYS B 47 1.19 -11.31 3.75
N ILE B 48 2.49 -10.98 3.73
CA ILE B 48 3.04 -9.99 2.82
C ILE B 48 3.36 -10.65 1.47
N ASP B 49 3.31 -9.86 0.41
CA ASP B 49 3.71 -10.34 -0.91
C ASP B 49 4.82 -9.45 -1.45
N SER B 50 5.71 -10.04 -2.23
CA SER B 50 6.83 -9.30 -2.77
C SER B 50 6.79 -9.26 -4.30
N SER B 51 6.32 -8.14 -4.82
CA SER B 51 6.19 -7.97 -6.26
C SER B 51 6.85 -6.66 -6.70
N THR B 52 7.93 -6.76 -7.47
CA THR B 52 8.69 -5.59 -7.88
C THR B 52 8.18 -5.01 -9.19
N VAL B 53 7.70 -3.78 -9.14
CA VAL B 53 7.28 -3.08 -10.34
C VAL B 53 8.44 -2.89 -11.30
N GLU B 54 8.27 -3.42 -12.50
CA GLU B 54 9.27 -3.29 -13.54
C GLU B 54 8.87 -2.20 -14.53
N ARG B 55 7.59 -1.86 -14.55
CA ARG B 55 7.08 -0.88 -15.50
C ARG B 55 5.81 -0.22 -14.97
N ILE B 56 5.61 1.03 -15.36
CA ILE B 56 4.45 1.81 -14.94
C ILE B 56 3.91 2.57 -16.14
N GLU B 57 2.62 2.45 -16.37
CA GLU B 57 2.01 3.08 -17.54
C GLU B 57 0.72 3.78 -17.16
N ASP B 58 0.50 4.96 -17.72
CA ASP B 58 -0.76 5.65 -17.57
C ASP B 58 -1.79 5.01 -18.50
N SER B 59 -2.98 4.76 -17.98
CA SER B 59 -3.98 4.04 -18.73
C SER B 59 -4.96 4.98 -19.40
N HIS B 60 -4.59 6.26 -19.50
CA HIS B 60 -5.42 7.30 -20.14
C HIS B 60 -6.63 7.65 -19.28
N SER B 61 -7.25 6.63 -18.70
CA SER B 61 -8.37 6.80 -17.78
C SER B 61 -8.00 7.71 -16.61
N PRO B 62 -8.98 8.48 -16.11
CA PRO B 62 -8.79 9.45 -15.02
C PRO B 62 -8.06 8.88 -13.82
N GLY B 63 -6.85 9.37 -13.62
CA GLY B 63 -6.03 8.97 -12.49
C GLY B 63 -5.73 7.48 -12.49
N VAL B 64 -5.62 6.87 -13.66
CA VAL B 64 -5.35 5.44 -13.72
C VAL B 64 -3.96 5.17 -14.25
N ALA B 65 -3.20 4.41 -13.49
CA ALA B 65 -1.88 3.98 -13.90
C ALA B 65 -1.70 2.52 -13.52
N VAL B 66 -1.26 1.73 -14.48
CA VAL B 66 -1.05 0.32 -14.26
C VAL B 66 0.38 0.07 -13.85
N ILE B 67 0.53 -0.47 -12.65
CA ILE B 67 1.83 -0.85 -12.16
C ILE B 67 2.10 -2.30 -12.54
N GLN B 68 3.06 -2.50 -13.44
CA GLN B 68 3.40 -3.84 -13.89
C GLN B 68 4.46 -4.43 -12.98
N PHE B 69 4.06 -5.43 -12.20
CA PHE B 69 4.94 -6.04 -11.21
C PHE B 69 5.46 -7.39 -11.67
N ALA B 70 6.72 -7.65 -11.36
CA ALA B 70 7.29 -8.97 -11.51
C ALA B 70 7.14 -9.71 -10.18
N VAL B 71 6.14 -10.57 -10.12
CA VAL B 71 5.81 -11.28 -8.89
C VAL B 71 6.82 -12.37 -8.57
N GLY B 72 7.44 -12.26 -7.40
CA GLY B 72 8.34 -13.28 -6.92
C GLY B 72 9.66 -13.31 -7.68
N GLU B 73 10.48 -14.31 -7.38
CA GLU B 73 11.75 -14.47 -8.05
C GLU B 73 11.55 -14.95 -9.49
N HIS B 74 10.37 -15.52 -9.76
CA HIS B 74 10.04 -15.97 -11.11
C HIS B 74 9.68 -14.78 -11.99
N ARG B 75 9.42 -13.66 -11.32
CA ARG B 75 9.24 -12.36 -11.97
C ARG B 75 8.06 -12.37 -12.94
N ALA B 76 6.99 -13.08 -12.58
CA ALA B 76 5.79 -13.11 -13.41
C ALA B 76 5.14 -11.73 -13.41
N GLN B 77 5.03 -11.14 -14.58
CA GLN B 77 4.58 -9.77 -14.67
C GLN B 77 3.06 -9.67 -14.65
N VAL B 78 2.57 -9.00 -13.63
CA VAL B 78 1.15 -8.75 -13.46
C VAL B 78 0.86 -7.28 -13.70
N SER B 79 0.08 -7.00 -14.72
CA SER B 79 -0.30 -5.64 -15.05
C SER B 79 -1.61 -5.29 -14.37
N VAL B 80 -1.54 -4.49 -13.32
CA VAL B 80 -2.72 -4.11 -12.58
C VAL B 80 -3.00 -2.62 -12.72
N GLU B 81 -4.19 -2.29 -13.22
CA GLU B 81 -4.58 -0.90 -13.44
C GLU B 81 -5.17 -0.30 -12.17
N VAL B 82 -4.40 0.53 -11.51
CA VAL B 82 -4.78 1.10 -10.24
C VAL B 82 -4.98 2.62 -10.38
N LEU B 83 -5.80 3.20 -9.52
CA LEU B 83 -5.92 4.65 -9.47
C LEU B 83 -4.72 5.23 -8.73
N VAL B 84 -4.20 6.32 -9.25
CA VAL B 84 -2.97 6.92 -8.73
C VAL B 84 -3.13 7.44 -7.30
N GLU B 85 -4.37 7.53 -6.83
CA GLU B 85 -4.63 8.03 -5.49
C GLU B 85 -4.51 6.91 -4.46
N TYR B 86 -4.25 5.70 -4.92
CA TYR B 86 -4.09 4.56 -4.03
C TYR B 86 -2.67 4.50 -3.49
N PRO B 87 -2.54 4.45 -2.16
CA PRO B 87 -1.26 4.28 -1.51
C PRO B 87 -0.89 2.81 -1.38
N PHE B 88 0.39 2.52 -1.55
CA PHE B 88 0.88 1.16 -1.48
C PHE B 88 2.07 1.09 -0.55
N PHE B 89 1.95 0.28 0.48
CA PHE B 89 3.07 -0.01 1.33
C PHE B 89 4.10 -0.77 0.52
N VAL B 90 5.36 -0.39 0.62
CA VAL B 90 6.36 -0.98 -0.23
C VAL B 90 7.36 -1.83 0.59
N PHE B 91 7.54 -3.07 0.17
CA PHE B 91 8.28 -4.14 0.87
C PHE B 91 9.74 -3.78 1.19
N GLY B 92 9.95 -3.03 2.26
CA GLY B 92 11.29 -2.65 2.64
C GLY B 92 11.69 -1.32 2.05
N GLN B 93 10.88 -0.83 1.12
CA GLN B 93 11.13 0.43 0.47
C GLN B 93 10.54 1.58 1.30
N GLY B 94 9.27 1.43 1.73
CA GLY B 94 8.69 2.44 2.59
C GLY B 94 7.18 2.55 2.46
N TRP B 95 6.66 3.75 2.73
CA TRP B 95 5.22 4.01 2.73
C TRP B 95 4.90 4.98 1.59
N SER B 96 4.48 4.44 0.45
CA SER B 96 4.39 5.23 -0.77
C SER B 96 3.02 5.14 -1.44
N SER B 97 2.78 6.00 -2.43
CA SER B 97 1.58 5.91 -3.25
C SER B 97 1.91 6.30 -4.67
N CYS B 98 1.08 5.84 -5.61
CA CYS B 98 1.28 6.08 -7.04
C CYS B 98 1.24 7.57 -7.35
N CYS B 99 0.68 8.34 -6.43
CA CYS B 99 0.67 9.78 -6.54
C CYS B 99 0.44 10.39 -5.17
N PRO B 100 1.54 10.61 -4.42
CA PRO B 100 1.46 11.17 -3.06
C PRO B 100 0.68 12.47 -3.03
N GLU B 101 0.81 13.24 -4.10
CA GLU B 101 0.10 14.48 -4.25
C GLU B 101 -1.40 14.27 -4.06
N ARG B 102 -1.96 13.32 -4.80
CA ARG B 102 -3.39 13.09 -4.79
C ARG B 102 -3.84 12.41 -3.50
N THR B 103 -3.03 11.47 -3.00
CA THR B 103 -3.34 10.81 -1.75
C THR B 103 -3.37 11.83 -0.60
N SER B 104 -2.37 12.70 -0.57
CA SER B 104 -2.31 13.77 0.41
C SER B 104 -3.38 14.84 0.15
N GLN B 105 -3.63 15.12 -1.12
CA GLN B 105 -4.65 16.09 -1.51
C GLN B 105 -6.02 15.74 -0.99
N LEU B 106 -6.46 14.53 -1.25
CA LEU B 106 -7.83 14.14 -0.99
C LEU B 106 -7.99 13.51 0.38
N PHE B 107 -7.00 12.73 0.79
CA PHE B 107 -7.10 11.95 2.02
C PHE B 107 -6.22 12.54 3.12
N ASP B 108 -5.48 13.59 2.78
CA ASP B 108 -4.55 14.26 3.71
C ASP B 108 -3.42 13.34 4.14
N LEU B 109 -3.36 12.16 3.53
CA LEU B 109 -2.36 11.18 3.90
C LEU B 109 -1.10 11.37 3.06
N PRO B 110 0.03 11.69 3.70
CA PRO B 110 1.31 11.88 3.02
C PRO B 110 1.95 10.56 2.65
N CYS B 111 2.46 10.46 1.43
CA CYS B 111 3.04 9.22 0.93
C CYS B 111 4.36 9.49 0.24
N SER B 112 5.22 8.50 0.22
CA SER B 112 6.42 8.54 -0.58
C SER B 112 6.07 8.20 -2.02
N LYS B 113 6.93 8.52 -2.96
CA LYS B 113 6.62 8.27 -4.36
C LYS B 113 6.74 6.80 -4.71
N LEU B 114 5.63 6.21 -5.11
CA LEU B 114 5.62 4.83 -5.58
C LEU B 114 6.00 4.82 -7.05
N SER B 115 7.16 4.25 -7.36
CA SER B 115 7.65 4.21 -8.73
C SER B 115 8.50 2.98 -8.98
N VAL B 116 8.60 2.62 -10.26
CA VAL B 116 9.23 1.39 -10.72
C VAL B 116 10.58 1.12 -10.02
N GLY B 117 10.76 -0.13 -9.66
CA GLY B 117 11.89 -0.52 -8.85
C GLY B 117 11.49 -0.78 -7.41
N ASP B 118 10.22 -0.55 -7.10
CA ASP B 118 9.73 -0.85 -5.77
C ASP B 118 9.10 -2.23 -5.76
N VAL B 119 9.29 -2.97 -4.69
CA VAL B 119 8.47 -4.14 -4.48
C VAL B 119 7.30 -3.78 -3.59
N CYS B 120 6.11 -3.70 -4.17
CA CYS B 120 4.93 -3.31 -3.41
C CYS B 120 4.50 -4.42 -2.47
N ILE B 121 4.05 -4.00 -1.32
CA ILE B 121 3.49 -4.90 -0.33
C ILE B 121 2.02 -5.13 -0.63
N SER B 122 1.71 -6.27 -1.19
CA SER B 122 0.33 -6.64 -1.33
C SER B 122 -0.01 -7.66 -0.28
N LEU B 123 -0.97 -7.32 0.57
CA LEU B 123 -1.24 -8.09 1.74
C LEU B 123 -2.34 -9.10 1.46
N THR B 124 -2.15 -10.31 1.96
CA THR B 124 -3.13 -11.35 1.79
C THR B 124 -3.99 -11.45 3.04
N LEU B 125 -5.28 -11.23 2.86
CA LEU B 125 -6.20 -11.22 3.98
C LEU B 125 -7.01 -12.51 3.96
N LYS B 126 -6.60 -13.48 4.75
CA LYS B 126 -7.26 -14.78 4.78
C LYS B 126 -8.57 -14.70 5.56
N VAL A 1 -11.00 1.62 15.62
CA VAL A 1 -9.79 1.31 14.84
C VAL A 1 -10.07 0.19 13.85
N PHE A 2 -9.36 0.21 12.74
CA PHE A 2 -9.53 -0.76 11.68
C PHE A 2 -8.38 -1.76 11.67
N PRO A 3 -8.58 -2.92 11.06
CA PRO A 3 -7.48 -3.85 10.77
C PRO A 3 -6.44 -3.15 9.92
N TRP A 4 -5.18 -3.46 10.16
CA TRP A 4 -4.07 -2.77 9.52
C TRP A 4 -4.12 -2.84 7.99
N HIS A 5 -4.97 -3.71 7.44
CA HIS A 5 -5.18 -3.74 6.00
C HIS A 5 -6.16 -2.64 5.60
N SER A 6 -5.85 -1.41 6.03
CA SER A 6 -6.70 -0.25 5.77
C SER A 6 -6.03 0.67 4.76
N LEU A 7 -4.77 0.35 4.46
CA LEU A 7 -3.94 1.19 3.60
C LEU A 7 -3.00 0.32 2.76
N VAL A 8 -2.67 -0.87 3.29
CA VAL A 8 -1.89 -1.82 2.53
C VAL A 8 -2.78 -2.58 1.56
N PRO A 9 -2.47 -2.52 0.25
CA PRO A 9 -3.27 -3.15 -0.79
C PRO A 9 -2.76 -4.53 -1.19
N PHE A 10 -3.33 -5.04 -2.27
CA PHE A 10 -2.86 -6.26 -2.90
C PHE A 10 -2.85 -6.01 -4.41
N LEU A 11 -1.66 -6.10 -5.02
CA LEU A 11 -1.45 -5.60 -6.38
C LEU A 11 -2.45 -6.14 -7.38
N ALA A 12 -2.76 -7.41 -7.24
CA ALA A 12 -3.68 -8.13 -8.13
C ALA A 12 -3.51 -9.62 -7.93
N PRO A 13 -4.54 -10.42 -8.21
CA PRO A 13 -4.43 -11.88 -8.21
C PRO A 13 -3.34 -12.32 -9.19
N SER A 14 -2.15 -12.57 -8.67
CA SER A 14 -0.99 -12.80 -9.49
C SER A 14 -1.11 -14.11 -10.27
N GLN A 15 -0.97 -14.01 -11.58
CA GLN A 15 -1.13 -15.15 -12.47
C GLN A 15 0.12 -16.03 -12.41
N ALA B 4 -3.82 16.41 18.51
CA ALA B 4 -4.27 16.46 17.10
C ALA B 4 -5.62 15.76 16.96
N PRO B 5 -6.56 16.38 16.24
CA PRO B 5 -7.90 15.84 16.07
C PRO B 5 -7.94 14.75 15.00
N PRO B 6 -8.99 13.90 15.02
CA PRO B 6 -9.18 12.83 14.03
C PRO B 6 -9.64 13.38 12.69
N THR B 7 -8.74 14.11 12.03
CA THR B 7 -9.03 14.72 10.75
C THR B 7 -9.35 13.69 9.69
N LEU B 8 -10.35 14.00 8.85
CA LEU B 8 -10.84 13.10 7.84
C LEU B 8 -11.34 11.78 8.41
N PRO B 9 -12.09 10.99 7.62
CA PRO B 9 -12.50 9.64 7.99
C PRO B 9 -11.35 8.80 8.58
N PRO B 10 -11.70 7.85 9.45
CA PRO B 10 -10.74 7.06 10.25
C PRO B 10 -10.07 5.94 9.45
N TYR B 11 -10.46 5.81 8.21
CA TYR B 11 -9.87 4.81 7.34
C TYR B 11 -8.67 5.39 6.56
N PHE B 12 -7.47 5.00 7.01
CA PHE B 12 -6.16 5.39 6.42
C PHE B 12 -5.88 6.89 6.36
N MET B 13 -6.87 7.74 6.53
CA MET B 13 -6.65 9.17 6.36
C MET B 13 -5.86 9.74 7.53
N LYS B 14 -5.38 10.96 7.38
CA LYS B 14 -4.41 11.53 8.33
C LYS B 14 -4.95 11.55 9.77
N GLY B 15 -4.23 10.86 10.64
CA GLY B 15 -4.57 10.85 12.06
C GLY B 15 -5.33 9.62 12.47
N SER B 16 -5.71 8.81 11.49
CA SER B 16 -6.42 7.57 11.77
C SER B 16 -5.53 6.59 12.52
N ILE B 17 -6.11 5.91 13.49
CA ILE B 17 -5.41 4.88 14.22
C ILE B 17 -5.49 3.56 13.49
N ILE B 18 -4.34 3.00 13.18
CA ILE B 18 -4.26 1.73 12.47
C ILE B 18 -3.75 0.65 13.42
N GLN B 19 -4.50 -0.43 13.55
CA GLN B 19 -4.10 -1.50 14.46
C GLN B 19 -3.38 -2.61 13.72
N LEU B 20 -2.17 -2.90 14.16
CA LEU B 20 -1.38 -3.93 13.55
C LEU B 20 -1.71 -5.30 14.14
N ALA B 21 -1.21 -6.36 13.52
CA ALA B 21 -1.56 -7.72 13.95
C ALA B 21 -1.08 -7.99 15.37
N ASN B 22 0.06 -7.41 15.70
CA ASN B 22 0.65 -7.59 17.03
C ASN B 22 -0.17 -6.89 18.11
N GLY B 23 -1.10 -6.03 17.67
CA GLY B 23 -2.04 -5.43 18.59
C GLY B 23 -1.68 -4.02 18.99
N GLU B 24 -0.75 -3.40 18.29
CA GLU B 24 -0.35 -2.04 18.62
C GLU B 24 -1.02 -1.05 17.68
N LEU B 25 -1.19 0.17 18.16
CA LEU B 25 -1.90 1.20 17.42
C LEU B 25 -0.96 2.32 17.02
N LYS B 26 -0.81 2.54 15.72
CA LYS B 26 0.07 3.59 15.22
C LYS B 26 -0.68 4.48 14.24
N LYS B 27 -0.31 5.75 14.19
CA LYS B 27 -0.92 6.70 13.26
C LYS B 27 -0.50 6.40 11.84
N VAL B 28 -1.43 6.50 10.91
CA VAL B 28 -1.19 6.12 9.50
C VAL B 28 0.13 6.69 8.99
N GLU B 29 0.29 7.97 9.27
CA GLU B 29 1.33 8.79 8.68
C GLU B 29 2.74 8.34 9.04
N ASP B 30 2.87 7.50 10.06
CA ASP B 30 4.19 7.12 10.53
C ASP B 30 4.37 5.60 10.56
N LEU B 31 3.39 4.89 10.03
CA LEU B 31 3.50 3.46 9.86
C LEU B 31 4.68 3.10 8.97
N LYS B 32 5.51 2.22 9.48
CA LYS B 32 6.69 1.78 8.76
C LYS B 32 6.43 0.41 8.14
N THR B 33 7.22 0.03 7.16
CA THR B 33 6.99 -1.22 6.46
C THR B 33 7.24 -2.41 7.38
N GLU B 34 8.25 -2.27 8.24
CA GLU B 34 8.60 -3.32 9.21
C GLU B 34 7.40 -3.64 10.10
N ASP B 35 6.53 -2.64 10.30
CA ASP B 35 5.34 -2.80 11.12
C ASP B 35 4.40 -3.81 10.48
N PHE B 36 4.13 -3.62 9.19
CA PHE B 36 3.24 -4.51 8.46
C PHE B 36 3.91 -5.84 8.22
N ILE B 37 5.21 -5.80 7.91
CA ILE B 37 6.00 -7.01 7.77
C ILE B 37 5.83 -7.91 8.98
N GLN B 38 6.14 -7.38 10.16
CA GLN B 38 6.00 -8.14 11.39
C GLN B 38 4.59 -8.64 11.57
N SER B 39 3.62 -7.76 11.35
CA SER B 39 2.22 -8.12 11.53
C SER B 39 1.83 -9.30 10.64
N ALA B 40 2.31 -9.30 9.40
CA ALA B 40 1.98 -10.36 8.46
C ALA B 40 2.79 -11.62 8.73
N GLU B 41 3.93 -11.45 9.38
CA GLU B 41 4.77 -12.59 9.74
C GLU B 41 4.25 -13.28 10.99
N ILE B 42 3.91 -12.49 12.02
CA ILE B 42 3.24 -13.00 13.20
C ILE B 42 1.93 -13.64 12.76
N SER B 43 1.16 -12.86 12.02
CA SER B 43 0.05 -13.36 11.21
C SER B 43 -1.00 -14.15 11.98
N ASN B 44 -1.82 -14.81 11.19
CA ASN B 44 -2.96 -15.61 11.60
C ASN B 44 -3.76 -15.88 10.34
N ASP B 45 -3.81 -14.85 9.49
CA ASP B 45 -4.52 -14.91 8.21
C ASP B 45 -3.80 -14.08 7.14
N LEU B 46 -2.62 -13.54 7.48
CA LEU B 46 -1.98 -12.55 6.62
C LEU B 46 -0.69 -13.05 5.99
N LYS B 47 -0.35 -12.50 4.83
CA LYS B 47 0.92 -12.79 4.16
C LYS B 47 1.39 -11.58 3.35
N ILE B 48 2.65 -11.21 3.52
CA ILE B 48 3.28 -10.18 2.68
C ILE B 48 3.64 -10.78 1.33
N ASP B 49 3.65 -9.96 0.30
CA ASP B 49 4.09 -10.38 -1.02
C ASP B 49 5.19 -9.47 -1.51
N SER B 50 6.04 -9.99 -2.37
CA SER B 50 7.11 -9.20 -2.95
C SER B 50 6.96 -9.18 -4.47
N SER B 51 6.46 -8.06 -4.97
CA SER B 51 6.24 -7.90 -6.40
C SER B 51 6.86 -6.59 -6.88
N THR B 52 7.98 -6.69 -7.58
CA THR B 52 8.73 -5.52 -8.03
C THR B 52 8.15 -4.94 -9.31
N VAL B 53 7.58 -3.75 -9.22
CA VAL B 53 7.14 -3.04 -10.39
C VAL B 53 8.29 -2.84 -11.37
N GLU B 54 8.18 -3.50 -12.52
CA GLU B 54 9.17 -3.40 -13.57
C GLU B 54 8.85 -2.26 -14.52
N ARG B 55 7.60 -1.84 -14.55
CA ARG B 55 7.18 -0.81 -15.48
C ARG B 55 5.86 -0.18 -15.06
N ILE B 56 5.68 1.08 -15.39
CA ILE B 56 4.48 1.80 -15.06
C ILE B 56 3.90 2.48 -16.30
N GLU B 57 2.62 2.27 -16.54
CA GLU B 57 2.00 2.75 -17.76
C GLU B 57 0.77 3.59 -17.48
N ASP B 58 0.51 4.55 -18.35
CA ASP B 58 -0.69 5.36 -18.29
C ASP B 58 -1.87 4.57 -18.84
N SER B 59 -3.03 4.77 -18.26
CA SER B 59 -4.24 4.10 -18.73
C SER B 59 -5.12 5.08 -19.50
N HIS B 60 -4.71 6.36 -19.47
CA HIS B 60 -5.47 7.44 -20.10
C HIS B 60 -6.89 7.48 -19.58
N SER B 61 -7.05 7.01 -18.36
CA SER B 61 -8.32 7.03 -17.67
C SER B 61 -8.16 7.87 -16.42
N PRO B 62 -9.23 8.52 -15.94
CA PRO B 62 -9.18 9.43 -14.80
C PRO B 62 -8.43 8.86 -13.61
N GLY B 63 -7.25 9.45 -13.38
CA GLY B 63 -6.39 9.05 -12.30
C GLY B 63 -6.04 7.57 -12.32
N VAL B 64 -5.87 7.00 -13.51
CA VAL B 64 -5.57 5.57 -13.61
C VAL B 64 -4.21 5.32 -14.23
N ALA B 65 -3.42 4.51 -13.54
CA ALA B 65 -2.14 4.06 -14.06
C ALA B 65 -1.97 2.58 -13.74
N VAL B 66 -1.39 1.84 -14.66
CA VAL B 66 -1.16 0.44 -14.47
C VAL B 66 0.27 0.18 -14.05
N ILE B 67 0.41 -0.44 -12.90
CA ILE B 67 1.70 -0.80 -12.38
C ILE B 67 2.00 -2.25 -12.76
N GLN B 68 2.99 -2.44 -13.63
CA GLN B 68 3.35 -3.79 -14.06
C GLN B 68 4.36 -4.39 -13.09
N PHE B 69 3.89 -5.35 -12.30
CA PHE B 69 4.70 -5.95 -11.26
C PHE B 69 5.29 -7.27 -11.70
N ALA B 70 6.52 -7.53 -11.29
CA ALA B 70 7.12 -8.82 -11.39
C ALA B 70 6.99 -9.54 -10.06
N VAL B 71 5.99 -10.40 -9.97
CA VAL B 71 5.65 -11.04 -8.70
C VAL B 71 6.55 -12.22 -8.40
N GLY B 72 7.15 -12.21 -7.22
CA GLY B 72 7.95 -13.33 -6.78
C GLY B 72 9.36 -13.30 -7.32
N GLU B 73 10.09 -14.37 -7.07
CA GLU B 73 11.47 -14.48 -7.50
C GLU B 73 11.54 -14.85 -8.98
N HIS B 74 10.47 -15.46 -9.48
CA HIS B 74 10.39 -15.84 -10.89
C HIS B 74 10.00 -14.65 -11.76
N ARG B 75 9.64 -13.56 -11.08
CA ARG B 75 9.30 -12.29 -11.73
C ARG B 75 8.11 -12.43 -12.67
N ALA B 76 7.05 -13.06 -12.20
CA ALA B 76 5.84 -13.19 -13.01
C ALA B 76 5.15 -11.84 -13.12
N GLN B 77 5.10 -11.32 -14.34
CA GLN B 77 4.63 -9.95 -14.54
C GLN B 77 3.12 -9.87 -14.61
N VAL B 78 2.57 -8.95 -13.83
CA VAL B 78 1.14 -8.71 -13.77
C VAL B 78 0.87 -7.21 -13.88
N SER B 79 0.08 -6.83 -14.88
CA SER B 79 -0.28 -5.44 -15.09
C SER B 79 -1.64 -5.15 -14.45
N VAL B 80 -1.65 -4.21 -13.51
CA VAL B 80 -2.87 -3.85 -12.80
C VAL B 80 -3.15 -2.35 -12.90
N GLU B 81 -4.32 -2.01 -13.41
CA GLU B 81 -4.71 -0.61 -13.57
C GLU B 81 -5.43 -0.12 -12.32
N VAL B 82 -4.74 0.65 -11.49
CA VAL B 82 -5.33 1.19 -10.29
C VAL B 82 -5.40 2.71 -10.37
N LEU B 83 -6.23 3.32 -9.53
CA LEU B 83 -6.20 4.76 -9.40
C LEU B 83 -4.90 5.18 -8.77
N VAL B 84 -4.33 6.26 -9.29
CA VAL B 84 -3.04 6.75 -8.86
C VAL B 84 -3.07 7.27 -7.42
N GLU B 85 -4.28 7.50 -6.92
CA GLU B 85 -4.47 8.00 -5.56
C GLU B 85 -4.50 6.85 -4.57
N TYR B 86 -4.42 5.62 -5.08
CA TYR B 86 -4.46 4.44 -4.25
C TYR B 86 -3.08 4.18 -3.66
N PRO B 87 -2.99 4.12 -2.32
CA PRO B 87 -1.72 3.96 -1.60
C PRO B 87 -1.13 2.56 -1.77
N PHE B 88 0.19 2.48 -1.74
CA PHE B 88 0.91 1.23 -1.88
C PHE B 88 2.06 1.14 -0.88
N PHE B 89 1.89 0.31 0.13
CA PHE B 89 2.97 0.01 1.05
C PHE B 89 4.03 -0.76 0.31
N VAL B 90 5.28 -0.34 0.40
CA VAL B 90 6.32 -1.00 -0.34
C VAL B 90 7.28 -1.76 0.59
N PHE B 91 7.63 -2.99 0.19
CA PHE B 91 8.28 -4.00 1.05
C PHE B 91 9.40 -3.46 1.94
N GLY B 92 10.37 -2.78 1.35
CA GLY B 92 11.42 -2.18 2.15
C GLY B 92 11.80 -0.83 1.59
N GLN B 93 10.88 -0.30 0.79
CA GLN B 93 11.15 0.88 -0.02
C GLN B 93 10.50 2.10 0.61
N GLY B 94 9.38 1.90 1.32
CA GLY B 94 8.76 2.98 2.04
C GLY B 94 7.24 2.94 2.02
N TRP B 95 6.64 3.96 2.63
CA TRP B 95 5.19 4.12 2.65
C TRP B 95 4.79 5.00 1.47
N SER B 96 4.45 4.38 0.35
CA SER B 96 4.36 5.08 -0.91
C SER B 96 2.96 5.03 -1.53
N SER B 97 2.76 5.84 -2.56
CA SER B 97 1.55 5.78 -3.37
C SER B 97 1.90 6.10 -4.82
N CYS B 98 1.11 5.58 -5.75
CA CYS B 98 1.35 5.77 -7.18
C CYS B 98 1.38 7.25 -7.54
N CYS B 99 0.72 8.05 -6.71
CA CYS B 99 0.69 9.48 -6.88
C CYS B 99 0.45 10.15 -5.54
N PRO B 100 1.56 10.43 -4.82
CA PRO B 100 1.51 11.05 -3.50
C PRO B 100 0.73 12.35 -3.51
N GLU B 101 0.66 12.98 -4.68
CA GLU B 101 -0.09 14.20 -4.85
C GLU B 101 -1.51 14.03 -4.33
N ARG B 102 -2.25 13.12 -4.94
CA ARG B 102 -3.65 12.91 -4.58
C ARG B 102 -3.81 12.35 -3.17
N THR B 103 -3.05 11.32 -2.81
CA THR B 103 -3.22 10.69 -1.51
C THR B 103 -3.00 11.71 -0.38
N SER B 104 -2.02 12.59 -0.54
CA SER B 104 -1.77 13.66 0.40
C SER B 104 -2.75 14.83 0.22
N GLN B 105 -3.13 15.12 -1.02
CA GLN B 105 -4.08 16.17 -1.31
C GLN B 105 -5.48 15.88 -0.78
N LEU B 106 -5.98 14.72 -1.11
CA LEU B 106 -7.38 14.39 -0.89
C LEU B 106 -7.60 13.82 0.50
N PHE B 107 -6.62 13.08 0.98
CA PHE B 107 -6.76 12.39 2.26
C PHE B 107 -5.82 12.97 3.31
N ASP B 108 -5.04 13.98 2.90
CA ASP B 108 -4.01 14.60 3.75
C ASP B 108 -3.03 13.56 4.27
N LEU B 109 -2.93 12.46 3.56
CA LEU B 109 -2.18 11.32 4.03
C LEU B 109 -0.87 11.20 3.26
N PRO B 110 0.25 11.13 4.00
CA PRO B 110 1.60 11.20 3.41
C PRO B 110 1.97 9.94 2.65
N CYS B 111 2.63 10.12 1.54
CA CYS B 111 3.00 9.02 0.69
C CYS B 111 4.26 9.33 -0.11
N SER B 112 5.20 8.42 -0.07
CA SER B 112 6.39 8.51 -0.91
C SER B 112 6.03 8.10 -2.32
N LYS B 113 6.85 8.46 -3.29
CA LYS B 113 6.54 8.15 -4.67
C LYS B 113 6.72 6.67 -4.97
N LEU B 114 5.61 6.01 -5.24
CA LEU B 114 5.65 4.63 -5.70
C LEU B 114 5.95 4.64 -7.19
N SER B 115 7.10 4.11 -7.56
CA SER B 115 7.48 4.05 -8.95
C SER B 115 8.15 2.73 -9.28
N VAL B 116 8.53 2.56 -10.54
CA VAL B 116 9.19 1.37 -10.99
C VAL B 116 10.47 1.10 -10.19
N GLY B 117 10.62 -0.13 -9.74
CA GLY B 117 11.70 -0.49 -8.85
C GLY B 117 11.22 -0.83 -7.45
N ASP B 118 10.03 -0.34 -7.10
CA ASP B 118 9.51 -0.55 -5.75
C ASP B 118 8.75 -1.85 -5.65
N VAL B 119 9.33 -2.84 -4.98
CA VAL B 119 8.62 -4.08 -4.75
C VAL B 119 7.53 -3.88 -3.70
N CYS B 120 6.29 -3.86 -4.19
CA CYS B 120 5.16 -3.48 -3.37
C CYS B 120 4.77 -4.58 -2.42
N ILE B 121 4.31 -4.16 -1.26
CA ILE B 121 3.74 -5.08 -0.30
C ILE B 121 2.30 -5.35 -0.68
N SER B 122 2.07 -6.47 -1.30
CA SER B 122 0.73 -6.88 -1.57
C SER B 122 0.32 -7.87 -0.48
N LEU B 123 -0.65 -7.49 0.32
CA LEU B 123 -0.97 -8.26 1.49
C LEU B 123 -2.35 -8.87 1.37
N THR B 124 -2.40 -10.16 1.60
CA THR B 124 -3.62 -10.90 1.42
C THR B 124 -4.31 -11.15 2.78
N LEU B 125 -5.60 -10.90 2.80
CA LEU B 125 -6.43 -11.22 3.94
C LEU B 125 -7.14 -12.54 3.70
N LYS B 126 -6.61 -13.61 4.28
CA LYS B 126 -7.17 -14.94 4.11
C LYS B 126 -8.60 -15.03 4.61
N VAL A 1 -9.99 1.25 17.22
CA VAL A 1 -8.98 1.24 16.13
C VAL A 1 -9.26 0.09 15.18
N PHE A 2 -8.89 0.29 13.93
CA PHE A 2 -9.34 -0.57 12.84
C PHE A 2 -8.25 -1.53 12.42
N PRO A 3 -8.64 -2.68 11.84
CA PRO A 3 -7.70 -3.65 11.26
C PRO A 3 -6.74 -2.99 10.28
N TRP A 4 -5.48 -3.34 10.39
CA TRP A 4 -4.42 -2.66 9.65
C TRP A 4 -4.61 -2.72 8.13
N HIS A 5 -5.38 -3.68 7.64
CA HIS A 5 -5.77 -3.68 6.24
C HIS A 5 -6.78 -2.56 5.98
N SER A 6 -6.28 -1.33 5.92
CA SER A 6 -7.10 -0.17 5.65
C SER A 6 -6.41 0.75 4.64
N LEU A 7 -5.16 0.41 4.33
CA LEU A 7 -4.28 1.25 3.51
C LEU A 7 -3.33 0.36 2.69
N VAL A 8 -2.97 -0.78 3.27
CA VAL A 8 -2.10 -1.73 2.60
C VAL A 8 -2.88 -2.53 1.54
N PRO A 9 -2.49 -2.40 0.27
CA PRO A 9 -3.18 -3.05 -0.83
C PRO A 9 -2.65 -4.44 -1.14
N PHE A 10 -3.19 -5.02 -2.19
CA PHE A 10 -2.74 -6.30 -2.72
C PHE A 10 -2.76 -6.20 -4.23
N LEU A 11 -1.58 -6.24 -4.85
CA LEU A 11 -1.50 -6.11 -6.30
C LEU A 11 -2.18 -7.32 -6.95
N ALA A 12 -2.61 -7.17 -8.21
CA ALA A 12 -3.37 -8.20 -8.91
C ALA A 12 -2.71 -9.59 -8.78
N PRO A 13 -3.54 -10.64 -8.58
CA PRO A 13 -3.07 -12.00 -8.38
C PRO A 13 -1.94 -12.39 -9.33
N SER A 14 -0.85 -12.91 -8.76
CA SER A 14 0.34 -13.22 -9.52
C SER A 14 0.08 -14.32 -10.54
N GLN A 15 -0.11 -13.91 -11.78
CA GLN A 15 -0.39 -14.83 -12.86
C GLN A 15 0.69 -14.72 -13.94
N ALA B 4 -13.84 17.96 21.24
CA ALA B 4 -12.80 17.39 20.37
C ALA B 4 -13.39 17.02 19.01
N PRO B 5 -12.72 17.41 17.92
CA PRO B 5 -13.17 17.09 16.59
C PRO B 5 -12.72 15.70 16.16
N PRO B 6 -13.55 15.00 15.40
CA PRO B 6 -13.24 13.66 14.90
C PRO B 6 -12.33 13.69 13.68
N THR B 7 -11.83 14.89 13.36
CA THR B 7 -10.99 15.14 12.20
C THR B 7 -11.56 14.53 10.93
N LEU B 8 -10.72 14.35 9.92
CA LEU B 8 -11.12 13.67 8.70
C LEU B 8 -11.38 12.19 9.00
N PRO B 9 -12.04 11.46 8.08
CA PRO B 9 -12.39 10.04 8.27
C PRO B 9 -11.28 9.21 8.92
N PRO B 10 -11.67 8.29 9.81
CA PRO B 10 -10.76 7.53 10.66
C PRO B 10 -10.09 6.35 9.94
N TYR B 11 -10.54 6.06 8.73
CA TYR B 11 -9.91 5.00 7.93
C TYR B 11 -8.82 5.57 7.03
N PHE B 12 -7.59 5.14 7.31
CA PHE B 12 -6.41 5.31 6.43
C PHE B 12 -6.00 6.76 6.16
N MET B 13 -6.89 7.72 6.36
CA MET B 13 -6.56 9.11 6.07
C MET B 13 -5.62 9.66 7.14
N LYS B 14 -5.09 10.86 6.92
CA LYS B 14 -4.06 11.43 7.78
C LYS B 14 -4.37 11.27 9.27
N GLY B 15 -3.40 10.74 10.00
CA GLY B 15 -3.51 10.65 11.45
C GLY B 15 -4.53 9.64 11.93
N SER B 16 -5.02 8.80 11.03
CA SER B 16 -5.89 7.70 11.42
C SER B 16 -5.08 6.67 12.18
N ILE B 17 -5.58 6.26 13.33
CA ILE B 17 -4.90 5.27 14.14
C ILE B 17 -5.16 3.88 13.58
N ILE B 18 -4.09 3.19 13.25
CA ILE B 18 -4.18 1.88 12.64
C ILE B 18 -3.68 0.82 13.63
N GLN B 19 -4.42 -0.28 13.74
CA GLN B 19 -4.04 -1.35 14.64
C GLN B 19 -3.49 -2.53 13.87
N LEU B 20 -2.24 -2.86 14.15
CA LEU B 20 -1.56 -3.93 13.45
C LEU B 20 -1.91 -5.29 14.04
N ALA B 21 -1.34 -6.35 13.49
CA ALA B 21 -1.71 -7.70 13.93
C ALA B 21 -1.24 -7.96 15.35
N ASN B 22 -0.07 -7.42 15.69
CA ASN B 22 0.47 -7.57 17.04
C ASN B 22 -0.33 -6.72 18.01
N GLY B 23 -0.97 -5.68 17.49
CA GLY B 23 -1.91 -4.92 18.24
C GLY B 23 -1.39 -3.58 18.71
N GLU B 24 -0.29 -3.17 18.13
CA GLU B 24 0.21 -1.84 18.36
C GLU B 24 -0.65 -0.85 17.58
N LEU B 25 -0.55 0.40 17.97
CA LEU B 25 -1.37 1.44 17.38
C LEU B 25 -0.50 2.60 16.91
N LYS B 26 -0.55 2.87 15.61
CA LYS B 26 0.25 3.93 15.01
C LYS B 26 -0.60 4.70 14.01
N LYS B 27 -0.24 5.96 13.78
CA LYS B 27 -0.91 6.74 12.76
C LYS B 27 -0.34 6.42 11.39
N VAL B 28 -1.19 6.56 10.38
CA VAL B 28 -0.91 6.07 9.02
C VAL B 28 0.49 6.44 8.53
N GLU B 29 0.83 7.71 8.68
CA GLU B 29 1.99 8.26 8.03
C GLU B 29 3.30 7.78 8.66
N ASP B 30 3.21 7.18 9.83
CA ASP B 30 4.40 6.75 10.55
C ASP B 30 4.55 5.24 10.49
N LEU B 31 3.60 4.58 9.84
CA LEU B 31 3.67 3.15 9.64
C LEU B 31 4.84 2.82 8.72
N LYS B 32 5.70 1.94 9.18
CA LYS B 32 6.84 1.52 8.39
C LYS B 32 6.60 0.14 7.83
N THR B 33 7.42 -0.25 6.87
CA THR B 33 7.25 -1.55 6.22
C THR B 33 7.32 -2.68 7.24
N GLU B 34 8.24 -2.56 8.20
CA GLU B 34 8.48 -3.59 9.20
C GLU B 34 7.23 -3.84 10.03
N ASP B 35 6.44 -2.80 10.22
CA ASP B 35 5.23 -2.91 11.03
C ASP B 35 4.26 -3.89 10.39
N PHE B 36 4.01 -3.71 9.10
CA PHE B 36 3.11 -4.59 8.36
C PHE B 36 3.76 -5.94 8.14
N ILE B 37 5.08 -5.94 7.89
CA ILE B 37 5.83 -7.17 7.78
C ILE B 37 5.60 -8.04 9.01
N GLN B 38 5.90 -7.49 10.18
CA GLN B 38 5.74 -8.22 11.41
C GLN B 38 4.31 -8.67 11.61
N SER B 39 3.35 -7.77 11.36
CA SER B 39 1.94 -8.10 11.52
C SER B 39 1.57 -9.38 10.75
N ALA B 40 2.05 -9.50 9.52
CA ALA B 40 1.73 -10.66 8.71
C ALA B 40 2.55 -11.89 9.14
N GLU B 41 3.75 -11.64 9.63
CA GLU B 41 4.65 -12.71 10.05
C GLU B 41 4.20 -13.35 11.35
N ILE B 42 3.69 -12.52 12.26
CA ILE B 42 3.13 -13.01 13.52
C ILE B 42 1.90 -13.87 13.25
N SER B 43 1.37 -13.70 12.03
CA SER B 43 0.39 -14.60 11.42
C SER B 43 -0.98 -14.58 12.09
N ASN B 44 -1.98 -14.99 11.30
CA ASN B 44 -3.36 -15.14 11.75
C ASN B 44 -4.21 -15.46 10.53
N ASP B 45 -4.32 -14.48 9.64
CA ASP B 45 -4.99 -14.65 8.35
C ASP B 45 -4.20 -13.92 7.27
N LEU B 46 -3.08 -13.33 7.65
CA LEU B 46 -2.35 -12.43 6.77
C LEU B 46 -1.02 -13.01 6.32
N LYS B 47 -0.54 -12.52 5.18
CA LYS B 47 0.78 -12.84 4.69
C LYS B 47 1.27 -11.75 3.74
N ILE B 48 2.55 -11.41 3.85
CA ILE B 48 3.17 -10.36 3.03
C ILE B 48 3.58 -10.93 1.67
N ASP B 49 3.62 -10.07 0.68
CA ASP B 49 4.10 -10.42 -0.66
C ASP B 49 5.10 -9.39 -1.12
N SER B 50 5.97 -9.77 -2.03
CA SER B 50 6.99 -8.87 -2.54
C SER B 50 7.11 -8.97 -4.05
N SER B 51 6.64 -7.92 -4.73
CA SER B 51 6.66 -7.88 -6.20
C SER B 51 7.23 -6.54 -6.68
N THR B 52 8.30 -6.60 -7.47
CA THR B 52 8.96 -5.39 -7.95
C THR B 52 8.26 -4.81 -9.16
N VAL B 53 7.79 -3.58 -9.05
CA VAL B 53 7.26 -2.89 -10.20
C VAL B 53 8.34 -2.64 -11.25
N GLU B 54 8.14 -3.17 -12.43
CA GLU B 54 9.08 -3.04 -13.53
C GLU B 54 8.66 -1.92 -14.47
N ARG B 55 7.39 -1.53 -14.43
CA ARG B 55 6.90 -0.48 -15.31
C ARG B 55 5.63 0.15 -14.75
N ILE B 56 5.35 1.36 -15.20
CA ILE B 56 4.17 2.10 -14.77
C ILE B 56 3.59 2.85 -15.96
N GLU B 57 2.38 2.51 -16.33
CA GLU B 57 1.78 3.05 -17.54
C GLU B 57 0.46 3.73 -17.25
N ASP B 58 0.26 4.90 -17.85
CA ASP B 58 -0.98 5.64 -17.72
C ASP B 58 -2.05 5.05 -18.64
N SER B 59 -3.25 4.92 -18.11
CA SER B 59 -4.33 4.27 -18.84
C SER B 59 -5.29 5.30 -19.42
N HIS B 60 -4.92 6.59 -19.29
CA HIS B 60 -5.70 7.71 -19.82
C HIS B 60 -6.95 7.96 -18.99
N SER B 61 -7.57 6.88 -18.51
CA SER B 61 -8.68 6.96 -17.58
C SER B 61 -8.30 7.82 -16.38
N PRO B 62 -9.26 8.60 -15.85
CA PRO B 62 -9.02 9.54 -14.75
C PRO B 62 -8.23 8.95 -13.60
N GLY B 63 -7.00 9.42 -13.47
CA GLY B 63 -6.13 9.00 -12.41
C GLY B 63 -5.87 7.52 -12.41
N VAL B 64 -5.78 6.90 -13.58
CA VAL B 64 -5.56 5.47 -13.67
C VAL B 64 -4.20 5.13 -14.22
N ALA B 65 -3.44 4.37 -13.45
CA ALA B 65 -2.15 3.89 -13.87
C ALA B 65 -2.01 2.42 -13.58
N VAL B 66 -1.54 1.68 -14.56
CA VAL B 66 -1.28 0.26 -14.37
C VAL B 66 0.15 0.04 -13.94
N ILE B 67 0.29 -0.54 -12.77
CA ILE B 67 1.59 -0.82 -12.22
C ILE B 67 2.00 -2.23 -12.60
N GLN B 68 2.97 -2.34 -13.48
CA GLN B 68 3.42 -3.65 -13.94
C GLN B 68 4.41 -4.24 -12.95
N PHE B 69 3.99 -5.28 -12.25
CA PHE B 69 4.81 -5.91 -11.22
C PHE B 69 5.42 -7.20 -11.72
N ALA B 70 6.62 -7.48 -11.25
CA ALA B 70 7.28 -8.75 -11.51
C ALA B 70 7.32 -9.58 -10.24
N VAL B 71 6.47 -10.58 -10.19
CA VAL B 71 6.37 -11.42 -9.00
C VAL B 71 7.27 -12.63 -9.12
N GLY B 72 8.26 -12.71 -8.24
CA GLY B 72 9.15 -13.86 -8.22
C GLY B 72 10.50 -13.55 -8.84
N GLU B 73 11.39 -14.53 -8.81
CA GLU B 73 12.72 -14.37 -9.39
C GLU B 73 12.67 -14.47 -10.90
N HIS B 74 11.75 -15.28 -11.41
CA HIS B 74 11.56 -15.39 -12.86
C HIS B 74 10.77 -14.18 -13.34
N ARG B 75 10.18 -13.49 -12.38
CA ARG B 75 9.52 -12.20 -12.59
C ARG B 75 8.25 -12.33 -13.42
N ALA B 76 7.22 -12.91 -12.82
CA ALA B 76 5.92 -12.97 -13.46
C ALA B 76 5.32 -11.57 -13.53
N GLN B 77 5.16 -11.07 -14.74
CA GLN B 77 4.69 -9.72 -14.93
C GLN B 77 3.17 -9.64 -14.88
N VAL B 78 2.68 -8.81 -13.99
CA VAL B 78 1.26 -8.60 -13.82
C VAL B 78 0.92 -7.14 -14.01
N SER B 79 -0.05 -6.87 -14.88
CA SER B 79 -0.45 -5.51 -15.18
C SER B 79 -1.76 -5.18 -14.48
N VAL B 80 -1.69 -4.41 -13.41
CA VAL B 80 -2.87 -4.04 -12.65
C VAL B 80 -3.15 -2.54 -12.73
N GLU B 81 -4.33 -2.18 -13.20
CA GLU B 81 -4.74 -0.78 -13.31
C GLU B 81 -5.28 -0.27 -11.99
N VAL B 82 -4.59 0.69 -11.40
CA VAL B 82 -4.96 1.23 -10.12
C VAL B 82 -5.11 2.75 -10.23
N LEU B 83 -6.00 3.32 -9.42
CA LEU B 83 -6.10 4.77 -9.35
C LEU B 83 -4.87 5.32 -8.65
N VAL B 84 -4.32 6.39 -9.19
CA VAL B 84 -3.06 6.94 -8.69
C VAL B 84 -3.16 7.44 -7.25
N GLU B 85 -4.37 7.50 -6.70
CA GLU B 85 -4.56 7.94 -5.33
C GLU B 85 -4.55 6.76 -4.37
N TYR B 86 -4.39 5.56 -4.92
CA TYR B 86 -4.37 4.35 -4.13
C TYR B 86 -2.96 4.08 -3.61
N PRO B 87 -2.78 4.13 -2.28
CA PRO B 87 -1.48 3.95 -1.64
C PRO B 87 -0.94 2.53 -1.80
N PHE B 88 0.38 2.42 -1.78
CA PHE B 88 1.06 1.13 -1.89
C PHE B 88 2.20 1.05 -0.89
N PHE B 89 2.02 0.21 0.11
CA PHE B 89 3.09 -0.06 1.05
C PHE B 89 4.18 -0.83 0.33
N VAL B 90 5.44 -0.42 0.50
CA VAL B 90 6.51 -1.03 -0.26
C VAL B 90 7.52 -1.74 0.66
N PHE B 91 7.77 -3.01 0.35
CA PHE B 91 8.53 -3.96 1.19
C PHE B 91 10.00 -3.57 1.40
N GLY B 92 10.27 -2.79 2.43
CA GLY B 92 11.63 -2.36 2.68
C GLY B 92 11.98 -1.10 1.92
N GLN B 93 11.04 -0.65 1.10
CA GLN B 93 11.24 0.53 0.29
C GLN B 93 10.60 1.75 0.95
N GLY B 94 9.39 1.60 1.52
CA GLY B 94 8.78 2.70 2.26
C GLY B 94 7.26 2.71 2.20
N TRP B 95 6.67 3.78 2.75
CA TRP B 95 5.22 3.97 2.75
C TRP B 95 4.85 4.90 1.59
N SER B 96 4.51 4.31 0.45
CA SER B 96 4.38 5.07 -0.78
C SER B 96 2.98 4.99 -1.38
N SER B 97 2.75 5.82 -2.39
CA SER B 97 1.52 5.77 -3.16
C SER B 97 1.83 6.08 -4.62
N CYS B 98 0.96 5.62 -5.50
CA CYS B 98 1.14 5.83 -6.94
C CYS B 98 1.23 7.30 -7.27
N CYS B 99 0.65 8.13 -6.40
CA CYS B 99 0.65 9.56 -6.55
C CYS B 99 0.35 10.21 -5.20
N PRO B 100 1.41 10.47 -4.42
CA PRO B 100 1.29 11.06 -3.08
C PRO B 100 0.55 12.38 -3.13
N GLU B 101 0.71 13.07 -4.25
CA GLU B 101 0.04 14.32 -4.48
C GLU B 101 -1.46 14.18 -4.25
N ARG B 102 -2.06 13.20 -4.90
CA ARG B 102 -3.51 13.02 -4.84
C ARG B 102 -3.92 12.37 -3.52
N THR B 103 -3.15 11.38 -3.07
CA THR B 103 -3.45 10.70 -1.80
C THR B 103 -3.43 11.71 -0.65
N SER B 104 -2.47 12.63 -0.68
CA SER B 104 -2.39 13.67 0.33
C SER B 104 -3.38 14.80 0.05
N GLN B 105 -3.72 15.02 -1.21
CA GLN B 105 -4.74 16.00 -1.59
C GLN B 105 -6.11 15.64 -1.07
N LEU B 106 -6.51 14.41 -1.33
CA LEU B 106 -7.88 13.99 -1.07
C LEU B 106 -8.03 13.48 0.35
N PHE B 107 -7.02 12.75 0.80
CA PHE B 107 -7.10 12.05 2.08
C PHE B 107 -6.14 12.65 3.10
N ASP B 108 -5.44 13.70 2.68
CA ASP B 108 -4.43 14.37 3.51
C ASP B 108 -3.36 13.41 3.98
N LEU B 109 -3.26 12.27 3.32
CA LEU B 109 -2.39 11.20 3.77
C LEU B 109 -1.07 11.28 3.00
N PRO B 110 0.01 11.62 3.72
CA PRO B 110 1.34 11.77 3.12
C PRO B 110 1.91 10.44 2.66
N CYS B 111 2.43 10.44 1.45
CA CYS B 111 2.94 9.22 0.83
C CYS B 111 4.25 9.51 0.09
N SER B 112 5.08 8.49 0.00
CA SER B 112 6.27 8.56 -0.82
C SER B 112 5.88 8.19 -2.25
N LYS B 113 6.67 8.56 -3.24
CA LYS B 113 6.31 8.25 -4.61
C LYS B 113 6.58 6.80 -4.93
N LEU B 114 5.51 6.05 -5.18
CA LEU B 114 5.63 4.67 -5.60
C LEU B 114 5.93 4.65 -7.09
N SER B 115 7.16 4.28 -7.42
CA SER B 115 7.60 4.26 -8.80
C SER B 115 8.22 2.92 -9.15
N VAL B 116 8.54 2.75 -10.42
CA VAL B 116 9.18 1.54 -10.92
C VAL B 116 10.51 1.29 -10.21
N GLY B 117 10.69 0.06 -9.75
CA GLY B 117 11.84 -0.28 -8.95
C GLY B 117 11.47 -0.64 -7.53
N ASP B 118 10.26 -0.25 -7.12
CA ASP B 118 9.82 -0.52 -5.75
C ASP B 118 9.14 -1.88 -5.67
N VAL B 119 9.29 -2.54 -4.53
CA VAL B 119 8.68 -3.84 -4.33
C VAL B 119 7.42 -3.74 -3.48
N CYS B 120 6.25 -3.91 -4.08
CA CYS B 120 5.01 -3.72 -3.36
C CYS B 120 4.86 -4.74 -2.23
N ILE B 121 4.29 -4.27 -1.14
CA ILE B 121 3.80 -5.16 -0.11
C ILE B 121 2.36 -5.51 -0.45
N SER B 122 2.18 -6.67 -1.03
CA SER B 122 0.85 -7.12 -1.32
C SER B 122 0.36 -7.93 -0.12
N LEU B 123 -0.66 -7.44 0.55
CA LEU B 123 -1.12 -8.07 1.75
C LEU B 123 -2.29 -8.97 1.45
N THR B 124 -2.17 -10.22 1.86
CA THR B 124 -3.22 -11.17 1.62
C THR B 124 -4.12 -11.30 2.84
N LEU B 125 -5.38 -10.97 2.64
CA LEU B 125 -6.38 -11.10 3.68
C LEU B 125 -7.17 -12.39 3.47
N LYS B 126 -6.89 -13.39 4.30
CA LYS B 126 -7.58 -14.66 4.20
C LYS B 126 -9.01 -14.55 4.73
N VAL A 1 -10.02 1.82 16.23
CA VAL A 1 -9.02 1.48 15.21
C VAL A 1 -9.64 0.80 14.01
N PHE A 2 -8.96 0.91 12.88
CA PHE A 2 -9.31 0.16 11.68
C PHE A 2 -8.27 -0.93 11.47
N PRO A 3 -8.70 -2.12 11.04
CA PRO A 3 -7.79 -3.22 10.70
C PRO A 3 -6.70 -2.74 9.77
N TRP A 4 -5.44 -3.08 10.10
CA TRP A 4 -4.29 -2.47 9.44
C TRP A 4 -4.34 -2.55 7.92
N HIS A 5 -5.01 -3.56 7.37
CA HIS A 5 -5.29 -3.56 5.94
C HIS A 5 -6.41 -2.56 5.65
N SER A 6 -6.05 -1.29 5.66
CA SER A 6 -7.00 -0.22 5.45
C SER A 6 -6.47 0.75 4.41
N LEU A 7 -5.20 0.59 4.09
CA LEU A 7 -4.47 1.52 3.23
C LEU A 7 -3.77 0.76 2.11
N VAL A 8 -3.12 -0.34 2.46
CA VAL A 8 -2.34 -1.13 1.52
C VAL A 8 -3.21 -1.78 0.45
N PRO A 9 -3.00 -1.41 -0.82
CA PRO A 9 -3.73 -2.00 -1.94
C PRO A 9 -3.25 -3.41 -2.23
N PHE A 10 -4.18 -4.32 -2.44
CA PHE A 10 -3.84 -5.70 -2.70
C PHE A 10 -3.45 -5.88 -4.17
N LEU A 11 -2.17 -6.12 -4.39
CA LEU A 11 -1.66 -6.44 -5.72
C LEU A 11 -2.43 -7.63 -6.30
N ALA A 12 -2.59 -7.63 -7.61
CA ALA A 12 -3.34 -8.67 -8.29
C ALA A 12 -2.53 -9.97 -8.31
N PRO A 13 -3.09 -11.04 -7.73
CA PRO A 13 -2.42 -12.34 -7.64
C PRO A 13 -1.96 -12.85 -9.01
N SER A 14 -0.67 -13.14 -9.11
CA SER A 14 -0.11 -13.72 -10.32
C SER A 14 -0.27 -15.23 -10.29
N GLN A 15 -0.08 -15.80 -9.11
CA GLN A 15 -0.17 -17.22 -8.92
C GLN A 15 -1.49 -17.58 -8.26
N ALA B 4 -17.75 20.02 6.36
CA ALA B 4 -16.67 19.05 6.64
C ALA B 4 -16.35 19.01 8.13
N PRO B 5 -16.08 17.81 8.67
CA PRO B 5 -15.72 17.64 10.08
C PRO B 5 -14.28 18.06 10.33
N PRO B 6 -13.96 18.49 11.57
CA PRO B 6 -12.60 18.91 11.94
C PRO B 6 -11.63 17.74 12.02
N THR B 7 -12.17 16.54 11.83
CA THR B 7 -11.38 15.33 11.87
C THR B 7 -11.41 14.63 10.52
N LEU B 8 -10.26 14.18 10.06
CA LEU B 8 -10.17 13.41 8.83
C LEU B 8 -10.73 12.00 9.05
N PRO B 9 -11.32 11.40 7.99
CA PRO B 9 -11.89 10.05 8.06
C PRO B 9 -10.91 9.03 8.65
N PRO B 10 -11.41 8.15 9.51
CA PRO B 10 -10.60 7.24 10.33
C PRO B 10 -10.11 6.01 9.59
N TYR B 11 -10.47 5.88 8.32
CA TYR B 11 -10.04 4.73 7.53
C TYR B 11 -8.52 4.68 7.37
N PHE B 12 -8.01 5.40 6.38
CA PHE B 12 -6.60 5.40 6.11
C PHE B 12 -6.10 6.83 6.01
N MET B 13 -7.02 7.77 6.22
CA MET B 13 -6.70 9.18 6.11
C MET B 13 -5.78 9.60 7.26
N LYS B 14 -5.15 10.76 7.11
CA LYS B 14 -4.14 11.22 8.06
C LYS B 14 -4.71 11.35 9.47
N GLY B 15 -4.12 10.60 10.40
CA GLY B 15 -4.52 10.69 11.79
C GLY B 15 -5.24 9.46 12.27
N SER B 16 -5.69 8.64 11.32
CA SER B 16 -6.34 7.39 11.66
C SER B 16 -5.38 6.48 12.41
N ILE B 17 -5.90 5.76 13.41
CA ILE B 17 -5.08 4.86 14.17
C ILE B 17 -5.17 3.46 13.60
N ILE B 18 -4.09 3.05 12.95
CA ILE B 18 -4.04 1.78 12.27
C ILE B 18 -3.52 0.71 13.22
N GLN B 19 -4.32 -0.32 13.47
CA GLN B 19 -3.93 -1.36 14.40
C GLN B 19 -3.44 -2.58 13.66
N LEU B 20 -2.24 -3.01 14.00
CA LEU B 20 -1.60 -4.11 13.32
C LEU B 20 -2.01 -5.45 13.90
N ALA B 21 -1.59 -6.53 13.28
CA ALA B 21 -1.96 -7.87 13.73
C ALA B 21 -1.45 -8.14 15.15
N ASN B 22 -0.28 -7.58 15.46
CA ASN B 22 0.34 -7.77 16.76
C ASN B 22 -0.39 -6.94 17.82
N GLY B 23 -1.23 -6.02 17.38
CA GLY B 23 -2.07 -5.29 18.28
C GLY B 23 -1.52 -3.92 18.67
N GLU B 24 -0.52 -3.43 17.95
CA GLU B 24 0.02 -2.11 18.26
C GLU B 24 -0.63 -1.05 17.38
N LEU B 25 -0.62 0.18 17.87
CA LEU B 25 -1.34 1.28 17.22
C LEU B 25 -0.37 2.33 16.69
N LYS B 26 -0.47 2.59 15.40
CA LYS B 26 0.39 3.58 14.76
C LYS B 26 -0.42 4.47 13.84
N LYS B 27 -0.05 5.75 13.77
CA LYS B 27 -0.71 6.68 12.87
C LYS B 27 -0.41 6.30 11.42
N VAL B 28 -1.42 6.38 10.56
CA VAL B 28 -1.26 5.96 9.16
C VAL B 28 0.02 6.51 8.56
N GLU B 29 0.20 7.80 8.78
CA GLU B 29 1.25 8.57 8.15
C GLU B 29 2.63 8.14 8.61
N ASP B 30 2.70 7.45 9.74
CA ASP B 30 3.99 7.11 10.32
C ASP B 30 4.25 5.60 10.26
N LEU B 31 3.34 4.87 9.65
CA LEU B 31 3.55 3.46 9.42
C LEU B 31 4.79 3.25 8.55
N LYS B 32 5.50 2.19 8.84
CA LYS B 32 6.78 1.89 8.22
C LYS B 32 6.81 0.41 7.89
N THR B 33 7.33 0.05 6.72
CA THR B 33 7.08 -1.27 6.11
C THR B 33 7.19 -2.45 7.10
N GLU B 34 8.06 -2.32 8.09
CA GLU B 34 8.27 -3.37 9.07
C GLU B 34 7.02 -3.69 9.88
N ASP B 35 6.13 -2.71 10.06
CA ASP B 35 4.89 -2.93 10.82
C ASP B 35 3.98 -3.93 10.10
N PHE B 36 3.70 -3.66 8.85
CA PHE B 36 2.90 -4.55 8.03
C PHE B 36 3.60 -5.87 7.82
N ILE B 37 4.92 -5.82 7.69
CA ILE B 37 5.71 -7.03 7.61
C ILE B 37 5.49 -7.91 8.83
N GLN B 38 5.77 -7.37 10.01
CA GLN B 38 5.64 -8.13 11.24
C GLN B 38 4.24 -8.67 11.41
N SER B 39 3.25 -7.81 11.29
CA SER B 39 1.86 -8.19 11.52
C SER B 39 1.48 -9.40 10.68
N ALA B 40 1.81 -9.34 9.40
CA ALA B 40 1.53 -10.45 8.49
C ALA B 40 2.36 -11.67 8.85
N GLU B 41 3.62 -11.47 9.23
CA GLU B 41 4.52 -12.57 9.54
C GLU B 41 4.08 -13.31 10.80
N ILE B 42 3.54 -12.57 11.74
CA ILE B 42 2.95 -13.12 12.96
C ILE B 42 1.71 -13.95 12.62
N SER B 43 1.30 -13.86 11.36
CA SER B 43 0.38 -14.82 10.75
C SER B 43 -0.96 -14.88 11.48
N ASN B 44 -1.76 -13.86 11.27
CA ASN B 44 -3.13 -13.85 11.78
C ASN B 44 -4.09 -13.87 10.59
N ASP B 45 -3.83 -14.81 9.67
CA ASP B 45 -4.55 -14.94 8.40
C ASP B 45 -4.01 -13.96 7.35
N LEU B 46 -2.90 -13.30 7.64
CA LEU B 46 -2.29 -12.38 6.69
C LEU B 46 -0.98 -12.93 6.15
N LYS B 47 -0.56 -12.41 5.01
CA LYS B 47 0.74 -12.74 4.41
C LYS B 47 1.26 -11.54 3.63
N ILE B 48 2.57 -11.30 3.71
CA ILE B 48 3.24 -10.30 2.90
C ILE B 48 3.71 -10.92 1.60
N ASP B 49 3.71 -10.12 0.56
CA ASP B 49 4.23 -10.54 -0.74
C ASP B 49 5.19 -9.50 -1.29
N SER B 50 6.15 -9.96 -2.07
CA SER B 50 7.11 -9.06 -2.69
C SER B 50 6.92 -9.04 -4.20
N SER B 51 6.64 -7.87 -4.75
CA SER B 51 6.46 -7.72 -6.18
C SER B 51 7.14 -6.45 -6.70
N THR B 52 8.27 -6.63 -7.37
CA THR B 52 9.03 -5.49 -7.88
C THR B 52 8.39 -4.93 -9.15
N VAL B 53 7.88 -3.70 -9.07
CA VAL B 53 7.37 -3.00 -10.23
C VAL B 53 8.46 -2.80 -11.28
N GLU B 54 8.26 -3.40 -12.44
CA GLU B 54 9.18 -3.29 -13.55
C GLU B 54 8.78 -2.16 -14.49
N ARG B 55 7.52 -1.76 -14.43
CA ARG B 55 7.01 -0.77 -15.36
C ARG B 55 5.74 -0.13 -14.84
N ILE B 56 5.54 1.14 -15.17
CA ILE B 56 4.36 1.89 -14.75
C ILE B 56 3.71 2.55 -15.96
N GLU B 57 2.48 2.16 -16.20
CA GLU B 57 1.77 2.60 -17.40
C GLU B 57 0.57 3.46 -17.03
N ASP B 58 0.35 4.52 -17.79
CA ASP B 58 -0.76 5.42 -17.53
C ASP B 58 -2.03 4.95 -18.23
N SER B 59 -3.15 5.15 -17.56
CA SER B 59 -4.44 4.73 -18.07
C SER B 59 -5.35 5.95 -18.25
N HIS B 60 -6.18 5.92 -19.29
CA HIS B 60 -7.09 7.04 -19.58
C HIS B 60 -8.22 7.09 -18.57
N SER B 61 -8.40 5.99 -17.86
CA SER B 61 -9.33 5.96 -16.75
C SER B 61 -8.88 6.98 -15.70
N PRO B 62 -9.85 7.73 -15.12
CA PRO B 62 -9.56 8.84 -14.21
C PRO B 62 -8.72 8.45 -13.01
N GLY B 63 -7.49 8.98 -12.99
CA GLY B 63 -6.59 8.73 -11.88
C GLY B 63 -6.17 7.28 -11.78
N VAL B 64 -6.03 6.62 -12.91
CA VAL B 64 -5.67 5.21 -12.93
C VAL B 64 -4.29 5.00 -13.53
N ALA B 65 -3.51 4.17 -12.87
CA ALA B 65 -2.22 3.77 -13.38
C ALA B 65 -2.06 2.28 -13.19
N VAL B 66 -1.60 1.62 -14.23
CA VAL B 66 -1.35 0.19 -14.16
C VAL B 66 0.10 -0.05 -13.85
N ILE B 67 0.34 -0.65 -12.70
CA ILE B 67 1.67 -0.95 -12.27
C ILE B 67 2.00 -2.38 -12.64
N GLN B 68 3.02 -2.55 -13.47
CA GLN B 68 3.43 -3.88 -13.90
C GLN B 68 4.49 -4.42 -12.96
N PHE B 69 4.13 -5.44 -12.20
CA PHE B 69 5.02 -6.02 -11.20
C PHE B 69 5.58 -7.35 -11.67
N ALA B 70 6.81 -7.62 -11.28
CA ALA B 70 7.39 -8.93 -11.46
C ALA B 70 7.34 -9.69 -10.14
N VAL B 71 6.34 -10.55 -10.03
CA VAL B 71 6.09 -11.27 -8.78
C VAL B 71 6.98 -12.51 -8.68
N GLY B 72 7.70 -12.60 -7.56
CA GLY B 72 8.53 -13.76 -7.31
C GLY B 72 9.88 -13.67 -8.02
N GLU B 73 10.73 -14.65 -7.76
CA GLU B 73 12.04 -14.70 -8.40
C GLU B 73 11.91 -15.16 -9.85
N HIS B 74 10.73 -15.66 -10.20
CA HIS B 74 10.43 -16.04 -11.57
C HIS B 74 10.04 -14.80 -12.37
N ARG B 75 9.77 -13.72 -11.61
CA ARG B 75 9.45 -12.41 -12.16
C ARG B 75 8.20 -12.46 -13.04
N ALA B 76 7.13 -13.04 -12.52
CA ALA B 76 5.87 -13.09 -13.25
C ALA B 76 5.24 -11.71 -13.27
N GLN B 77 5.07 -11.16 -14.47
CA GLN B 77 4.64 -9.79 -14.60
C GLN B 77 3.12 -9.66 -14.62
N VAL B 78 2.63 -8.79 -13.74
CA VAL B 78 1.22 -8.53 -13.59
C VAL B 78 0.91 -7.06 -13.87
N SER B 79 -0.11 -6.80 -14.65
CA SER B 79 -0.51 -5.45 -14.95
C SER B 79 -1.84 -5.13 -14.28
N VAL B 80 -1.80 -4.38 -13.19
CA VAL B 80 -3.00 -4.06 -12.44
C VAL B 80 -3.28 -2.55 -12.46
N GLU B 81 -4.47 -2.18 -12.90
CA GLU B 81 -4.89 -0.80 -12.96
C GLU B 81 -5.53 -0.35 -11.65
N VAL B 82 -4.80 0.40 -10.86
CA VAL B 82 -5.30 0.92 -9.61
C VAL B 82 -5.35 2.45 -9.67
N LEU B 83 -6.19 3.06 -8.83
CA LEU B 83 -6.20 4.50 -8.73
C LEU B 83 -4.90 4.99 -8.13
N VAL B 84 -4.38 6.06 -8.69
CA VAL B 84 -3.09 6.62 -8.31
C VAL B 84 -3.08 7.16 -6.88
N GLU B 85 -4.27 7.36 -6.32
CA GLU B 85 -4.41 7.90 -4.98
C GLU B 85 -4.30 6.79 -3.92
N TYR B 86 -4.11 5.57 -4.38
CA TYR B 86 -3.93 4.44 -3.49
C TYR B 86 -2.51 4.41 -2.93
N PRO B 87 -2.37 4.43 -1.60
CA PRO B 87 -1.07 4.37 -0.95
C PRO B 87 -0.52 2.96 -0.89
N PHE B 88 0.50 2.70 -1.70
CA PHE B 88 1.10 1.39 -1.78
C PHE B 88 2.20 1.24 -0.75
N PHE B 89 2.04 0.29 0.15
CA PHE B 89 3.09 -0.06 1.08
C PHE B 89 4.17 -0.82 0.35
N VAL B 90 5.38 -0.32 0.37
CA VAL B 90 6.43 -0.92 -0.41
C VAL B 90 7.45 -1.62 0.50
N PHE B 91 7.80 -2.85 0.11
CA PHE B 91 8.62 -3.79 0.89
C PHE B 91 10.04 -3.27 1.16
N GLY B 92 10.20 -2.43 2.17
CA GLY B 92 11.51 -1.89 2.49
C GLY B 92 11.74 -0.54 1.90
N GLN B 93 11.11 -0.28 0.77
CA GLN B 93 11.27 0.98 0.05
C GLN B 93 10.62 2.12 0.83
N GLY B 94 9.47 1.85 1.45
CA GLY B 94 8.86 2.85 2.30
C GLY B 94 7.35 2.93 2.15
N TRP B 95 6.81 4.05 2.62
CA TRP B 95 5.38 4.29 2.59
C TRP B 95 5.05 5.22 1.42
N SER B 96 4.61 4.63 0.31
CA SER B 96 4.56 5.35 -0.94
C SER B 96 3.17 5.32 -1.58
N SER B 97 2.99 6.15 -2.59
CA SER B 97 1.78 6.13 -3.42
C SER B 97 2.13 6.49 -4.85
N CYS B 98 1.30 6.02 -5.79
CA CYS B 98 1.52 6.28 -7.21
C CYS B 98 1.25 7.75 -7.53
N CYS B 99 0.72 8.45 -6.54
CA CYS B 99 0.47 9.87 -6.66
C CYS B 99 0.35 10.48 -5.28
N PRO B 100 1.49 10.78 -4.65
CA PRO B 100 1.52 11.42 -3.33
C PRO B 100 0.76 12.74 -3.35
N GLU B 101 0.68 13.33 -4.54
CA GLU B 101 -0.10 14.53 -4.75
C GLU B 101 -1.53 14.29 -4.26
N ARG B 102 -2.21 13.34 -4.90
CA ARG B 102 -3.61 13.06 -4.59
C ARG B 102 -3.80 12.52 -3.17
N THR B 103 -3.00 11.53 -2.79
CA THR B 103 -3.17 10.90 -1.48
C THR B 103 -3.02 11.92 -0.36
N SER B 104 -2.07 12.84 -0.49
CA SER B 104 -1.88 13.90 0.47
C SER B 104 -2.90 15.03 0.28
N GLN B 105 -3.28 15.29 -0.97
CA GLN B 105 -4.30 16.28 -1.29
C GLN B 105 -5.67 15.91 -0.75
N LEU B 106 -6.11 14.71 -1.05
CA LEU B 106 -7.49 14.32 -0.82
C LEU B 106 -7.66 13.65 0.54
N PHE B 107 -6.67 12.87 0.92
CA PHE B 107 -6.75 12.10 2.15
C PHE B 107 -5.79 12.64 3.19
N ASP B 108 -5.07 13.70 2.81
CA ASP B 108 -4.10 14.37 3.69
C ASP B 108 -2.99 13.44 4.14
N LEU B 109 -2.92 12.26 3.55
CA LEU B 109 -1.97 11.25 3.98
C LEU B 109 -0.65 11.41 3.20
N PRO B 110 0.46 11.65 3.92
CA PRO B 110 1.77 11.84 3.29
C PRO B 110 2.33 10.53 2.76
N CYS B 111 2.85 10.59 1.54
CA CYS B 111 3.31 9.41 0.85
C CYS B 111 4.53 9.71 0.00
N SER B 112 5.46 8.76 -0.02
CA SER B 112 6.61 8.83 -0.90
C SER B 112 6.20 8.40 -2.31
N LYS B 113 6.98 8.73 -3.32
CA LYS B 113 6.59 8.37 -4.67
C LYS B 113 6.85 6.89 -4.96
N LEU B 114 5.76 6.18 -5.25
CA LEU B 114 5.86 4.80 -5.69
C LEU B 114 6.23 4.80 -7.17
N SER B 115 7.38 4.24 -7.49
CA SER B 115 7.84 4.18 -8.86
C SER B 115 8.43 2.81 -9.18
N VAL B 116 8.73 2.60 -10.45
CA VAL B 116 9.34 1.37 -10.91
C VAL B 116 10.64 1.07 -10.18
N GLY B 117 10.81 -0.18 -9.78
CA GLY B 117 11.94 -0.57 -8.95
C GLY B 117 11.53 -0.89 -7.53
N ASP B 118 10.31 -0.50 -7.16
CA ASP B 118 9.86 -0.65 -5.79
C ASP B 118 9.04 -1.94 -5.62
N VAL B 119 9.50 -2.84 -4.79
CA VAL B 119 8.74 -4.06 -4.52
C VAL B 119 7.51 -3.77 -3.66
N CYS B 120 6.33 -3.81 -4.26
CA CYS B 120 5.11 -3.53 -3.53
C CYS B 120 4.73 -4.68 -2.64
N ILE B 121 4.25 -4.34 -1.47
CA ILE B 121 3.78 -5.32 -0.53
C ILE B 121 2.36 -5.72 -0.86
N SER B 122 2.16 -6.93 -1.34
CA SER B 122 0.80 -7.41 -1.50
C SER B 122 0.38 -8.07 -0.21
N LEU B 123 -0.65 -7.52 0.41
CA LEU B 123 -1.12 -8.04 1.66
C LEU B 123 -2.42 -8.79 1.43
N THR B 124 -2.42 -10.07 1.73
CA THR B 124 -3.58 -10.90 1.49
C THR B 124 -4.33 -11.19 2.79
N LEU B 125 -5.59 -10.78 2.81
CA LEU B 125 -6.48 -11.05 3.92
C LEU B 125 -7.20 -12.37 3.68
N LYS B 126 -6.73 -13.42 4.34
CA LYS B 126 -7.28 -14.75 4.14
C LYS B 126 -8.70 -14.86 4.65
N VAL A 1 -10.09 2.20 16.55
CA VAL A 1 -8.99 2.16 15.56
C VAL A 1 -9.17 0.97 14.63
N PHE A 2 -8.70 1.12 13.40
CA PHE A 2 -9.00 0.15 12.35
C PHE A 2 -7.92 -0.90 12.25
N PRO A 3 -8.32 -2.17 11.97
CA PRO A 3 -7.38 -3.24 11.66
C PRO A 3 -6.45 -2.84 10.53
N TRP A 4 -5.19 -3.16 10.68
CA TRP A 4 -4.12 -2.63 9.83
C TRP A 4 -4.39 -2.78 8.33
N HIS A 5 -5.06 -3.87 7.93
CA HIS A 5 -5.45 -4.02 6.53
C HIS A 5 -6.52 -2.99 6.15
N SER A 6 -6.06 -1.82 5.77
CA SER A 6 -6.94 -0.72 5.41
C SER A 6 -6.31 0.13 4.32
N LEU A 7 -5.12 0.60 4.61
CA LEU A 7 -4.30 1.40 3.70
C LEU A 7 -3.43 0.48 2.84
N VAL A 8 -3.12 -0.70 3.38
CA VAL A 8 -2.33 -1.67 2.66
C VAL A 8 -3.19 -2.44 1.67
N PRO A 9 -2.89 -2.28 0.38
CA PRO A 9 -3.57 -2.99 -0.69
C PRO A 9 -2.83 -4.24 -1.13
N PHE A 10 -3.21 -4.73 -2.29
CA PHE A 10 -2.52 -5.83 -2.93
C PHE A 10 -2.60 -5.66 -4.43
N LEU A 11 -1.47 -5.74 -5.11
CA LEU A 11 -1.43 -5.53 -6.54
C LEU A 11 -2.06 -6.72 -7.27
N ALA A 12 -3.32 -6.55 -7.65
CA ALA A 12 -4.06 -7.57 -8.40
C ALA A 12 -4.21 -8.86 -7.57
N PRO A 13 -4.78 -9.95 -8.13
CA PRO A 13 -4.77 -11.26 -7.45
C PRO A 13 -3.35 -11.69 -7.05
N SER A 14 -2.37 -11.33 -7.89
CA SER A 14 -0.95 -11.58 -7.64
C SER A 14 -0.63 -13.06 -7.35
N GLN A 15 -0.27 -13.76 -8.41
CA GLN A 15 0.14 -15.17 -8.35
C GLN A 15 -0.90 -16.03 -7.65
N ALA B 4 -7.13 9.21 19.62
CA ALA B 4 -8.37 9.80 19.10
C ALA B 4 -8.25 10.09 17.61
N PRO B 5 -9.30 9.77 16.84
CA PRO B 5 -9.33 10.02 15.40
C PRO B 5 -9.57 11.49 15.07
N PRO B 6 -9.04 11.95 13.93
CA PRO B 6 -9.16 13.35 13.51
C PRO B 6 -10.51 13.65 12.87
N THR B 7 -10.63 14.80 12.22
CA THR B 7 -11.86 15.16 11.54
C THR B 7 -11.99 14.39 10.23
N LEU B 8 -10.85 13.89 9.80
CA LEU B 8 -10.77 13.05 8.62
C LEU B 8 -11.24 11.64 8.97
N PRO B 9 -11.75 10.89 7.98
CA PRO B 9 -12.18 9.51 8.19
C PRO B 9 -11.05 8.66 8.78
N PRO B 10 -11.37 7.86 9.79
CA PRO B 10 -10.39 7.10 10.58
C PRO B 10 -9.90 5.83 9.88
N TYR B 11 -10.43 5.59 8.70
CA TYR B 11 -10.06 4.39 7.91
C TYR B 11 -8.56 4.34 7.63
N PHE B 12 -8.09 5.20 6.74
CA PHE B 12 -6.68 5.25 6.44
C PHE B 12 -6.24 6.70 6.24
N MET B 13 -7.19 7.60 6.40
CA MET B 13 -6.92 9.02 6.19
C MET B 13 -5.97 9.56 7.25
N LYS B 14 -5.38 10.71 6.96
CA LYS B 14 -4.33 11.30 7.80
C LYS B 14 -4.74 11.43 9.27
N GLY B 15 -3.91 10.88 10.15
CA GLY B 15 -4.12 11.07 11.58
C GLY B 15 -4.88 9.92 12.22
N SER B 16 -5.38 9.01 11.41
CA SER B 16 -6.08 7.85 11.91
C SER B 16 -5.12 6.90 12.61
N ILE B 17 -5.61 6.19 13.62
CA ILE B 17 -4.78 5.23 14.31
C ILE B 17 -5.01 3.85 13.73
N ILE B 18 -3.93 3.24 13.29
CA ILE B 18 -4.01 1.94 12.65
C ILE B 18 -3.45 0.87 13.59
N GLN B 19 -4.27 -0.14 13.89
CA GLN B 19 -3.85 -1.21 14.78
C GLN B 19 -3.23 -2.36 14.00
N LEU B 20 -1.99 -2.66 14.33
CA LEU B 20 -1.27 -3.73 13.68
C LEU B 20 -1.58 -5.08 14.33
N ALA B 21 -1.13 -6.16 13.71
CA ALA B 21 -1.47 -7.50 14.18
C ALA B 21 -1.06 -7.72 15.63
N ASN B 22 0.13 -7.24 15.97
CA ASN B 22 0.68 -7.43 17.31
C ASN B 22 -0.13 -6.64 18.35
N GLY B 23 -0.94 -5.70 17.88
CA GLY B 23 -1.80 -4.96 18.78
C GLY B 23 -1.28 -3.57 19.07
N GLU B 24 -0.29 -3.12 18.30
CA GLU B 24 0.26 -1.80 18.55
C GLU B 24 -0.40 -0.78 17.64
N LEU B 25 -0.43 0.45 18.10
CA LEU B 25 -1.13 1.52 17.40
C LEU B 25 -0.15 2.57 16.90
N LYS B 26 -0.32 2.98 15.65
CA LYS B 26 0.49 4.04 15.08
C LYS B 26 -0.38 4.98 14.27
N LYS B 27 0.18 6.13 13.92
CA LYS B 27 -0.45 7.05 12.98
C LYS B 27 -0.26 6.50 11.57
N VAL B 28 -1.25 6.72 10.70
CA VAL B 28 -1.21 6.16 9.34
C VAL B 28 0.12 6.45 8.66
N GLU B 29 0.51 7.71 8.73
CA GLU B 29 1.69 8.21 8.05
C GLU B 29 2.98 7.62 8.62
N ASP B 30 2.95 7.27 9.90
CA ASP B 30 4.15 6.83 10.60
C ASP B 30 4.27 5.31 10.64
N LEU B 31 3.33 4.64 9.99
CA LEU B 31 3.42 3.20 9.82
C LEU B 31 4.59 2.84 8.94
N LYS B 32 5.40 1.92 9.42
CA LYS B 32 6.57 1.48 8.69
C LYS B 32 6.30 0.14 8.02
N THR B 33 7.07 -0.18 7.00
CA THR B 33 6.86 -1.41 6.27
C THR B 33 7.18 -2.62 7.14
N GLU B 34 8.17 -2.47 8.02
CA GLU B 34 8.54 -3.52 8.95
C GLU B 34 7.38 -3.85 9.86
N ASP B 35 6.53 -2.86 10.11
CA ASP B 35 5.37 -3.04 10.95
C ASP B 35 4.37 -3.99 10.28
N PHE B 36 4.11 -3.75 9.00
CA PHE B 36 3.20 -4.60 8.26
C PHE B 36 3.84 -5.94 7.98
N ILE B 37 5.13 -5.95 7.72
CA ILE B 37 5.88 -7.18 7.60
C ILE B 37 5.61 -8.07 8.80
N GLN B 38 5.88 -7.55 9.98
CA GLN B 38 5.63 -8.26 11.22
C GLN B 38 4.15 -8.63 11.36
N SER B 39 3.26 -7.68 11.11
CA SER B 39 1.84 -7.91 11.33
C SER B 39 1.36 -9.16 10.62
N ALA B 40 1.69 -9.27 9.34
CA ALA B 40 1.32 -10.44 8.55
C ALA B 40 1.95 -11.69 9.14
N GLU B 41 3.23 -11.61 9.48
CA GLU B 41 4.00 -12.73 9.97
C GLU B 41 3.45 -13.25 11.30
N ILE B 42 3.07 -12.33 12.16
CA ILE B 42 2.53 -12.66 13.47
C ILE B 42 1.13 -13.28 13.36
N SER B 43 0.45 -12.98 12.26
CA SER B 43 -0.93 -13.44 12.08
C SER B 43 -0.99 -14.77 11.34
N ASN B 44 -0.06 -14.98 10.41
CA ASN B 44 0.03 -16.21 9.61
C ASN B 44 -1.06 -16.24 8.53
N ASP B 45 -2.30 -15.90 8.92
CA ASP B 45 -3.42 -15.82 7.98
C ASP B 45 -3.21 -14.64 7.03
N LEU B 46 -2.52 -13.63 7.51
CA LEU B 46 -2.09 -12.55 6.66
C LEU B 46 -0.68 -12.81 6.16
N LYS B 47 -0.45 -12.54 4.89
CA LYS B 47 0.86 -12.79 4.31
C LYS B 47 1.30 -11.63 3.45
N ILE B 48 2.56 -11.24 3.63
CA ILE B 48 3.18 -10.21 2.82
C ILE B 48 3.67 -10.82 1.51
N ASP B 49 3.66 -10.04 0.45
CA ASP B 49 4.21 -10.48 -0.82
C ASP B 49 5.26 -9.51 -1.31
N SER B 50 6.00 -9.91 -2.32
CA SER B 50 7.03 -9.08 -2.89
C SER B 50 6.89 -9.02 -4.41
N SER B 51 6.43 -7.88 -4.90
CA SER B 51 6.21 -7.68 -6.33
C SER B 51 6.92 -6.43 -6.82
N THR B 52 8.03 -6.60 -7.53
CA THR B 52 8.83 -5.48 -7.98
C THR B 52 8.25 -4.85 -9.24
N VAL B 53 7.72 -3.65 -9.12
CA VAL B 53 7.26 -2.91 -10.29
C VAL B 53 8.40 -2.71 -11.27
N GLU B 54 8.27 -3.35 -12.41
CA GLU B 54 9.25 -3.30 -13.46
C GLU B 54 8.94 -2.18 -14.45
N ARG B 55 7.68 -1.75 -14.48
CA ARG B 55 7.25 -0.78 -15.46
C ARG B 55 5.96 -0.09 -15.03
N ILE B 56 5.83 1.18 -15.39
CA ILE B 56 4.65 1.95 -15.08
C ILE B 56 4.11 2.63 -16.33
N GLU B 57 2.82 2.49 -16.56
CA GLU B 57 2.17 3.06 -17.73
C GLU B 57 0.94 3.84 -17.31
N ASP B 58 0.63 4.90 -18.03
CA ASP B 58 -0.60 5.64 -17.79
C ASP B 58 -1.70 5.05 -18.64
N SER B 59 -2.89 4.93 -18.07
CA SER B 59 -3.99 4.26 -18.73
C SER B 59 -4.87 5.23 -19.51
N HIS B 60 -4.44 6.50 -19.57
CA HIS B 60 -5.18 7.56 -20.27
C HIS B 60 -6.59 7.68 -19.72
N SER B 61 -6.75 7.33 -18.46
CA SER B 61 -8.01 7.43 -17.76
C SER B 61 -7.82 8.28 -16.51
N PRO B 62 -8.86 9.02 -16.10
CA PRO B 62 -8.79 9.94 -14.95
C PRO B 62 -8.12 9.33 -13.73
N GLY B 63 -6.93 9.83 -13.47
CA GLY B 63 -6.15 9.38 -12.34
C GLY B 63 -5.85 7.89 -12.37
N VAL B 64 -5.68 7.31 -13.55
CA VAL B 64 -5.42 5.87 -13.65
C VAL B 64 -4.04 5.58 -14.21
N ALA B 65 -3.31 4.73 -13.51
CA ALA B 65 -2.02 4.25 -13.99
C ALA B 65 -1.91 2.76 -13.69
N VAL B 66 -1.39 2.02 -14.64
CA VAL B 66 -1.20 0.59 -14.46
C VAL B 66 0.24 0.31 -14.10
N ILE B 67 0.42 -0.22 -12.91
CA ILE B 67 1.72 -0.54 -12.40
C ILE B 67 2.03 -2.01 -12.67
N GLN B 68 3.05 -2.26 -13.47
CA GLN B 68 3.39 -3.62 -13.85
C GLN B 68 4.43 -4.19 -12.90
N PHE B 69 4.01 -5.15 -12.09
CA PHE B 69 4.86 -5.72 -11.06
C PHE B 69 5.32 -7.13 -11.43
N ALA B 70 6.54 -7.46 -11.04
CA ALA B 70 7.03 -8.82 -11.10
C ALA B 70 6.79 -9.50 -9.76
N VAL B 71 5.74 -10.32 -9.70
CA VAL B 71 5.29 -10.91 -8.46
C VAL B 71 6.03 -12.19 -8.12
N GLY B 72 6.55 -12.25 -6.90
CA GLY B 72 7.06 -13.48 -6.36
C GLY B 72 8.47 -13.82 -6.81
N GLU B 73 8.85 -15.07 -6.58
CA GLU B 73 10.18 -15.55 -6.83
C GLU B 73 10.47 -15.64 -8.33
N HIS B 74 9.45 -15.99 -9.10
CA HIS B 74 9.62 -16.20 -10.54
C HIS B 74 9.37 -14.91 -11.30
N ARG B 75 9.14 -13.83 -10.55
CA ARG B 75 8.93 -12.50 -11.10
C ARG B 75 7.80 -12.49 -12.12
N ALA B 76 6.67 -13.08 -11.74
CA ALA B 76 5.52 -13.14 -12.63
C ALA B 76 4.92 -11.77 -12.79
N GLN B 77 5.00 -11.24 -14.00
CA GLN B 77 4.63 -9.86 -14.23
C GLN B 77 3.13 -9.69 -14.40
N VAL B 78 2.59 -8.79 -13.62
CA VAL B 78 1.16 -8.50 -13.62
C VAL B 78 0.95 -7.01 -13.82
N SER B 79 0.13 -6.67 -14.81
CA SER B 79 -0.21 -5.29 -15.08
C SER B 79 -1.55 -4.95 -14.44
N VAL B 80 -1.52 -4.15 -13.38
CA VAL B 80 -2.73 -3.81 -12.68
C VAL B 80 -3.05 -2.32 -12.82
N GLU B 81 -4.24 -2.03 -13.33
CA GLU B 81 -4.72 -0.66 -13.48
C GLU B 81 -5.34 -0.18 -12.18
N VAL B 82 -4.76 0.85 -11.60
CA VAL B 82 -5.27 1.43 -10.36
C VAL B 82 -5.31 2.95 -10.45
N LEU B 83 -6.08 3.58 -9.59
CA LEU B 83 -6.06 5.03 -9.51
C LEU B 83 -4.77 5.48 -8.86
N VAL B 84 -4.24 6.59 -9.32
CA VAL B 84 -2.96 7.08 -8.85
C VAL B 84 -3.04 7.58 -7.41
N GLU B 85 -4.25 7.63 -6.86
CA GLU B 85 -4.44 8.03 -5.48
C GLU B 85 -4.43 6.82 -4.55
N TYR B 86 -4.20 5.64 -5.14
CA TYR B 86 -4.07 4.41 -4.37
C TYR B 86 -2.75 4.38 -3.62
N PRO B 87 -2.80 4.23 -2.29
CA PRO B 87 -1.61 4.05 -1.46
C PRO B 87 -1.09 2.62 -1.55
N PHE B 88 0.23 2.48 -1.62
CA PHE B 88 0.86 1.19 -1.74
C PHE B 88 2.01 1.03 -0.76
N PHE B 89 1.85 0.11 0.17
CA PHE B 89 2.92 -0.22 1.09
C PHE B 89 4.00 -0.99 0.34
N VAL B 90 5.23 -0.51 0.39
CA VAL B 90 6.29 -1.14 -0.36
C VAL B 90 7.23 -1.89 0.58
N PHE B 91 7.54 -3.14 0.20
CA PHE B 91 8.19 -4.15 1.05
C PHE B 91 9.32 -3.61 1.95
N GLY B 92 10.23 -2.84 1.39
CA GLY B 92 11.29 -2.25 2.18
C GLY B 92 11.68 -0.90 1.64
N GLN B 93 10.76 -0.34 0.86
CA GLN B 93 11.05 0.85 0.08
C GLN B 93 10.38 2.06 0.72
N GLY B 94 9.27 1.82 1.43
CA GLY B 94 8.64 2.89 2.18
C GLY B 94 7.12 2.87 2.13
N TRP B 95 6.51 3.85 2.78
CA TRP B 95 5.06 4.03 2.78
C TRP B 95 4.70 4.96 1.60
N SER B 96 4.33 4.36 0.49
CA SER B 96 4.24 5.08 -0.77
C SER B 96 2.86 5.01 -1.39
N SER B 97 2.64 5.82 -2.43
CA SER B 97 1.47 5.70 -3.26
C SER B 97 1.84 6.01 -4.70
N CYS B 98 1.01 5.62 -5.65
CA CYS B 98 1.28 5.87 -7.05
C CYS B 98 1.48 7.36 -7.30
N CYS B 99 0.84 8.16 -6.48
CA CYS B 99 0.88 9.60 -6.63
C CYS B 99 0.56 10.25 -5.29
N PRO B 100 1.60 10.48 -4.48
CA PRO B 100 1.47 11.08 -3.15
C PRO B 100 0.71 12.39 -3.19
N GLU B 101 0.83 13.08 -4.32
CA GLU B 101 0.10 14.32 -4.55
C GLU B 101 -1.38 14.13 -4.27
N ARG B 102 -1.98 13.15 -4.95
CA ARG B 102 -3.41 12.94 -4.89
C ARG B 102 -3.82 12.29 -3.56
N THR B 103 -3.02 11.34 -3.08
CA THR B 103 -3.30 10.69 -1.81
C THR B 103 -3.31 11.72 -0.66
N SER B 104 -2.35 12.64 -0.71
CA SER B 104 -2.27 13.69 0.30
C SER B 104 -3.28 14.80 -0.01
N GLN B 105 -3.60 15.00 -1.27
CA GLN B 105 -4.62 15.96 -1.66
C GLN B 105 -6.00 15.58 -1.15
N LEU B 106 -6.39 14.35 -1.42
CA LEU B 106 -7.76 13.92 -1.20
C LEU B 106 -7.94 13.33 0.20
N PHE B 107 -6.95 12.59 0.65
CA PHE B 107 -7.02 11.92 1.95
C PHE B 107 -6.11 12.60 2.98
N ASP B 108 -5.43 13.64 2.51
CA ASP B 108 -4.52 14.43 3.34
C ASP B 108 -3.37 13.58 3.87
N LEU B 109 -3.20 12.41 3.29
CA LEU B 109 -2.25 11.44 3.81
C LEU B 109 -0.95 11.51 3.05
N PRO B 110 0.17 11.79 3.74
CA PRO B 110 1.47 11.88 3.10
C PRO B 110 1.97 10.52 2.63
N CYS B 111 2.47 10.47 1.42
CA CYS B 111 2.94 9.25 0.81
C CYS B 111 4.26 9.47 0.09
N SER B 112 5.03 8.40 0.00
CA SER B 112 6.24 8.42 -0.78
C SER B 112 5.91 8.03 -2.21
N LYS B 113 6.78 8.34 -3.15
CA LYS B 113 6.48 8.05 -4.54
C LYS B 113 6.69 6.57 -4.85
N LEU B 114 5.59 5.89 -5.11
CA LEU B 114 5.63 4.52 -5.60
C LEU B 114 5.97 4.55 -7.07
N SER B 115 7.20 4.17 -7.40
CA SER B 115 7.66 4.17 -8.78
C SER B 115 8.25 2.83 -9.16
N VAL B 116 8.63 2.70 -10.41
CA VAL B 116 9.26 1.50 -10.91
C VAL B 116 10.55 1.19 -10.12
N GLY B 117 10.66 -0.05 -9.68
CA GLY B 117 11.73 -0.46 -8.79
C GLY B 117 11.24 -0.78 -7.39
N ASP B 118 10.09 -0.24 -7.02
CA ASP B 118 9.58 -0.43 -5.67
C ASP B 118 8.77 -1.72 -5.55
N VAL B 119 9.32 -2.71 -4.89
CA VAL B 119 8.63 -3.99 -4.72
C VAL B 119 7.47 -3.87 -3.73
N CYS B 120 6.25 -3.91 -4.27
CA CYS B 120 5.04 -3.70 -3.50
C CYS B 120 4.80 -4.83 -2.52
N ILE B 121 4.22 -4.46 -1.39
CA ILE B 121 3.70 -5.41 -0.44
C ILE B 121 2.30 -5.82 -0.87
N SER B 122 2.13 -7.04 -1.33
CA SER B 122 0.79 -7.55 -1.59
C SER B 122 0.31 -8.27 -0.34
N LEU B 123 -0.76 -7.77 0.23
CA LEU B 123 -1.28 -8.35 1.44
C LEU B 123 -2.50 -9.19 1.13
N THR B 124 -2.45 -10.46 1.48
CA THR B 124 -3.59 -11.33 1.30
C THR B 124 -4.29 -11.52 2.64
N LEU B 125 -5.58 -11.20 2.67
CA LEU B 125 -6.35 -11.29 3.90
C LEU B 125 -7.10 -12.61 3.92
N LYS B 126 -6.55 -13.60 4.61
CA LYS B 126 -7.20 -14.89 4.72
C LYS B 126 -8.25 -14.89 5.82
N VAL A 1 -9.74 2.03 16.48
CA VAL A 1 -8.71 1.68 15.48
C VAL A 1 -9.33 1.07 14.24
N PHE A 2 -8.52 0.89 13.23
CA PHE A 2 -8.88 0.11 12.05
C PHE A 2 -7.86 -0.98 11.84
N PRO A 3 -8.32 -2.20 11.52
CA PRO A 3 -7.45 -3.33 11.19
C PRO A 3 -6.39 -2.91 10.17
N TRP A 4 -5.13 -3.18 10.49
CA TRP A 4 -4.00 -2.62 9.76
C TRP A 4 -4.11 -2.78 8.25
N HIS A 5 -4.77 -3.85 7.79
CA HIS A 5 -5.07 -3.99 6.38
C HIS A 5 -6.17 -3.00 5.96
N SER A 6 -5.78 -1.74 5.87
CA SER A 6 -6.72 -0.68 5.55
C SER A 6 -6.15 0.23 4.46
N LEU A 7 -4.84 0.37 4.46
CA LEU A 7 -4.12 1.27 3.55
C LEU A 7 -3.19 0.47 2.65
N VAL A 8 -3.35 -0.84 2.67
CA VAL A 8 -2.48 -1.72 1.90
C VAL A 8 -3.27 -2.37 0.76
N PRO A 9 -3.16 -1.80 -0.45
CA PRO A 9 -3.80 -2.34 -1.63
C PRO A 9 -2.95 -3.43 -2.27
N PHE A 10 -3.30 -4.68 -1.98
CA PHE A 10 -2.64 -5.82 -2.59
C PHE A 10 -2.74 -5.72 -4.11
N LEU A 11 -1.58 -5.67 -4.77
CA LEU A 11 -1.55 -5.47 -6.21
C LEU A 11 -2.15 -6.67 -6.94
N ALA A 12 -3.29 -6.43 -7.55
CA ALA A 12 -3.98 -7.44 -8.35
C ALA A 12 -4.26 -8.69 -7.48
N PRO A 13 -4.65 -9.84 -8.07
CA PRO A 13 -4.64 -11.11 -7.33
C PRO A 13 -3.22 -11.68 -7.18
N SER A 14 -2.22 -10.80 -7.33
CA SER A 14 -0.81 -11.19 -7.32
C SER A 14 -0.50 -12.12 -8.50
N GLN A 15 -0.67 -13.42 -8.30
CA GLN A 15 -0.40 -14.37 -9.34
C GLN A 15 -1.62 -15.27 -9.55
N ALA B 4 -15.49 23.11 16.08
CA ALA B 4 -15.03 21.72 15.90
C ALA B 4 -14.13 21.61 14.67
N PRO B 5 -13.03 20.84 14.79
CA PRO B 5 -12.08 20.68 13.69
C PRO B 5 -12.58 19.74 12.60
N PRO B 6 -12.10 19.91 11.36
CA PRO B 6 -12.50 19.07 10.24
C PRO B 6 -11.89 17.67 10.34
N THR B 7 -12.54 16.82 11.11
CA THR B 7 -12.06 15.47 11.34
C THR B 7 -12.11 14.62 10.07
N LEU B 8 -11.00 13.98 9.75
CA LEU B 8 -10.90 13.11 8.61
C LEU B 8 -11.43 11.73 8.96
N PRO B 9 -11.73 10.91 7.94
CA PRO B 9 -12.17 9.53 8.15
C PRO B 9 -11.04 8.67 8.71
N PRO B 10 -11.37 7.79 9.66
CA PRO B 10 -10.40 6.98 10.40
C PRO B 10 -9.91 5.75 9.63
N TYR B 11 -10.45 5.57 8.44
CA TYR B 11 -10.11 4.40 7.61
C TYR B 11 -8.62 4.34 7.28
N PHE B 12 -8.18 5.09 6.29
CA PHE B 12 -6.77 5.12 5.95
C PHE B 12 -6.30 6.56 5.85
N MET B 13 -7.22 7.47 6.10
CA MET B 13 -6.93 8.90 5.95
C MET B 13 -6.02 9.40 7.06
N LYS B 14 -5.44 10.57 6.87
CA LYS B 14 -4.41 11.10 7.76
C LYS B 14 -4.83 11.09 9.23
N GLY B 15 -3.89 10.69 10.09
CA GLY B 15 -4.07 10.82 11.52
C GLY B 15 -4.85 9.69 12.14
N SER B 16 -5.36 8.78 11.33
CA SER B 16 -6.11 7.64 11.83
C SER B 16 -5.20 6.71 12.62
N ILE B 17 -5.74 6.05 13.62
CA ILE B 17 -4.97 5.13 14.43
C ILE B 17 -5.13 3.71 13.92
N ILE B 18 -4.09 3.24 13.26
CA ILE B 18 -4.11 1.94 12.64
C ILE B 18 -3.51 0.91 13.60
N GLN B 19 -4.14 -0.25 13.71
CA GLN B 19 -3.69 -1.28 14.63
C GLN B 19 -3.14 -2.49 13.89
N LEU B 20 -1.90 -2.84 14.20
CA LEU B 20 -1.22 -3.94 13.54
C LEU B 20 -1.57 -5.28 14.19
N ALA B 21 -1.15 -6.38 13.58
CA ALA B 21 -1.44 -7.71 14.11
C ALA B 21 -0.89 -7.88 15.52
N ASN B 22 0.30 -7.33 15.76
CA ASN B 22 0.94 -7.42 17.06
C ASN B 22 0.26 -6.50 18.07
N GLY B 23 -0.64 -5.65 17.57
CA GLY B 23 -1.44 -4.81 18.44
C GLY B 23 -0.92 -3.39 18.56
N GLU B 24 0.01 -3.01 17.69
CA GLU B 24 0.55 -1.65 17.73
C GLU B 24 -0.43 -0.65 17.18
N LEU B 25 -0.39 0.53 17.77
CA LEU B 25 -1.29 1.60 17.41
C LEU B 25 -0.49 2.81 16.92
N LYS B 26 -0.48 2.99 15.61
CA LYS B 26 0.38 3.99 15.00
C LYS B 26 -0.39 4.83 13.99
N LYS B 27 0.08 6.05 13.77
CA LYS B 27 -0.55 6.95 12.82
C LYS B 27 -0.33 6.47 11.40
N VAL B 28 -1.30 6.70 10.54
CA VAL B 28 -1.31 6.13 9.19
C VAL B 28 0.00 6.39 8.45
N GLU B 29 0.41 7.65 8.45
CA GLU B 29 1.58 8.08 7.71
C GLU B 29 2.87 7.59 8.34
N ASP B 30 2.82 7.35 9.64
CA ASP B 30 3.98 6.94 10.41
C ASP B 30 4.23 5.44 10.26
N LEU B 31 3.21 4.72 9.83
CA LEU B 31 3.32 3.28 9.61
C LEU B 31 4.43 2.98 8.62
N LYS B 32 5.41 2.23 9.07
CA LYS B 32 6.53 1.85 8.25
C LYS B 32 6.29 0.48 7.66
N THR B 33 7.07 0.10 6.67
CA THR B 33 6.88 -1.18 6.03
C THR B 33 7.08 -2.32 7.03
N GLU B 34 8.03 -2.15 7.94
CA GLU B 34 8.32 -3.15 8.96
C GLU B 34 7.10 -3.41 9.83
N ASP B 35 6.25 -2.41 9.98
CA ASP B 35 5.02 -2.55 10.75
C ASP B 35 4.12 -3.61 10.13
N PHE B 36 3.89 -3.46 8.83
CA PHE B 36 3.05 -4.39 8.10
C PHE B 36 3.77 -5.72 7.92
N ILE B 37 5.08 -5.66 7.73
CA ILE B 37 5.89 -6.86 7.68
C ILE B 37 5.71 -7.70 8.94
N GLN B 38 6.00 -7.11 10.10
CA GLN B 38 5.93 -7.82 11.36
C GLN B 38 4.56 -8.41 11.60
N SER B 39 3.52 -7.59 11.45
CA SER B 39 2.16 -8.03 11.71
C SER B 39 1.83 -9.32 10.95
N ALA B 40 2.11 -9.31 9.66
CA ALA B 40 1.88 -10.48 8.81
C ALA B 40 2.81 -11.64 9.17
N GLU B 41 4.03 -11.33 9.59
CA GLU B 41 5.02 -12.35 9.93
C GLU B 41 4.64 -13.06 11.22
N ILE B 42 4.01 -12.32 12.11
CA ILE B 42 3.48 -12.86 13.36
C ILE B 42 2.25 -13.74 13.05
N SER B 43 1.83 -13.67 11.79
CA SER B 43 0.88 -14.61 11.19
C SER B 43 -0.41 -14.77 11.97
N ASN B 44 -1.38 -13.94 11.63
CA ASN B 44 -2.72 -14.06 12.16
C ASN B 44 -3.71 -14.06 11.00
N ASP B 45 -3.58 -15.06 10.13
CA ASP B 45 -4.37 -15.16 8.90
C ASP B 45 -4.01 -14.03 7.96
N LEU B 46 -2.73 -13.67 7.96
CA LEU B 46 -2.25 -12.49 7.23
C LEU B 46 -0.83 -12.75 6.72
N LYS B 47 -0.57 -12.41 5.46
CA LYS B 47 0.74 -12.67 4.86
C LYS B 47 1.20 -11.51 3.99
N ILE B 48 2.50 -11.22 4.05
CA ILE B 48 3.13 -10.24 3.16
C ILE B 48 3.53 -10.91 1.85
N ASP B 49 3.51 -10.14 0.78
CA ASP B 49 3.97 -10.62 -0.51
C ASP B 49 5.03 -9.68 -1.05
N SER B 50 5.71 -10.11 -2.10
CA SER B 50 6.74 -9.29 -2.71
C SER B 50 6.57 -9.27 -4.23
N SER B 51 6.23 -8.10 -4.76
CA SER B 51 6.05 -7.93 -6.18
C SER B 51 6.73 -6.64 -6.65
N THR B 52 7.86 -6.78 -7.32
CA THR B 52 8.65 -5.62 -7.73
C THR B 52 8.12 -5.00 -9.03
N VAL B 53 7.66 -3.76 -8.95
CA VAL B 53 7.26 -3.02 -10.13
C VAL B 53 8.43 -2.86 -11.10
N GLU B 54 8.22 -3.32 -12.33
CA GLU B 54 9.23 -3.24 -13.37
C GLU B 54 8.89 -2.14 -14.36
N ARG B 55 7.64 -1.71 -14.37
CA ARG B 55 7.20 -0.67 -15.30
C ARG B 55 5.96 0.03 -14.76
N ILE B 56 5.75 1.27 -15.20
CA ILE B 56 4.63 2.09 -14.75
C ILE B 56 4.09 2.88 -15.93
N GLU B 57 2.80 2.72 -16.20
CA GLU B 57 2.19 3.39 -17.32
C GLU B 57 0.96 4.16 -16.88
N ASP B 58 0.79 5.34 -17.43
CA ASP B 58 -0.39 6.14 -17.16
C ASP B 58 -1.49 5.77 -18.15
N SER B 59 -2.67 5.50 -17.63
CA SER B 59 -3.80 5.12 -18.43
C SER B 59 -4.72 6.32 -18.66
N HIS B 60 -5.43 6.31 -19.80
CA HIS B 60 -6.35 7.38 -20.15
C HIS B 60 -7.59 7.33 -19.26
N SER B 61 -7.77 6.20 -18.60
CA SER B 61 -8.76 6.10 -17.55
C SER B 61 -8.41 7.10 -16.46
N PRO B 62 -9.41 7.81 -15.92
CA PRO B 62 -9.19 8.95 -15.03
C PRO B 62 -8.58 8.58 -13.69
N GLY B 63 -7.42 9.17 -13.44
CA GLY B 63 -6.69 8.92 -12.22
C GLY B 63 -6.15 7.51 -12.17
N VAL B 64 -5.88 6.93 -13.33
CA VAL B 64 -5.44 5.54 -13.40
C VAL B 64 -4.01 5.43 -13.89
N ALA B 65 -3.21 4.67 -13.16
CA ALA B 65 -1.90 4.27 -13.61
C ALA B 65 -1.74 2.79 -13.36
N VAL B 66 -1.34 2.09 -14.40
CA VAL B 66 -1.14 0.66 -14.30
C VAL B 66 0.29 0.37 -13.90
N ILE B 67 0.43 -0.17 -12.71
CA ILE B 67 1.73 -0.53 -12.19
C ILE B 67 2.04 -1.98 -12.57
N GLN B 68 3.08 -2.16 -13.37
CA GLN B 68 3.45 -3.49 -13.85
C GLN B 68 4.44 -4.13 -12.90
N PHE B 69 4.04 -5.24 -12.29
CA PHE B 69 4.86 -5.90 -11.28
C PHE B 69 5.40 -7.23 -11.76
N ALA B 70 6.57 -7.58 -11.24
CA ALA B 70 7.13 -8.91 -11.40
C ALA B 70 6.89 -9.70 -10.12
N VAL B 71 5.86 -10.53 -10.15
CA VAL B 71 5.46 -11.30 -8.98
C VAL B 71 6.25 -12.60 -8.86
N GLY B 72 6.79 -12.84 -7.68
CA GLY B 72 7.48 -14.09 -7.43
C GLY B 72 8.90 -14.10 -7.94
N GLU B 73 9.56 -15.23 -7.78
CA GLU B 73 10.96 -15.36 -8.16
C GLU B 73 11.10 -15.52 -9.67
N HIS B 74 10.03 -15.95 -10.32
CA HIS B 74 10.04 -16.13 -11.76
C HIS B 74 9.71 -14.82 -12.47
N ARG B 75 9.39 -13.80 -11.67
CA ARG B 75 9.07 -12.47 -12.18
C ARG B 75 7.83 -12.51 -13.06
N ALA B 76 6.75 -13.10 -12.56
CA ALA B 76 5.51 -13.19 -13.30
C ALA B 76 4.92 -11.80 -13.48
N GLN B 77 4.74 -11.41 -14.73
CA GLN B 77 4.30 -10.06 -15.04
C GLN B 77 2.84 -9.86 -14.69
N VAL B 78 2.54 -8.65 -14.29
CA VAL B 78 1.21 -8.26 -13.87
C VAL B 78 0.98 -6.80 -14.19
N SER B 79 0.07 -6.53 -15.09
CA SER B 79 -0.31 -5.16 -15.40
C SER B 79 -1.66 -4.85 -14.76
N VAL B 80 -1.64 -4.11 -13.66
CA VAL B 80 -2.84 -3.79 -12.94
C VAL B 80 -3.14 -2.30 -13.00
N GLU B 81 -4.31 -1.96 -13.51
CA GLU B 81 -4.72 -0.56 -13.65
C GLU B 81 -5.35 -0.08 -12.35
N VAL B 82 -4.60 0.69 -11.59
CA VAL B 82 -5.03 1.15 -10.29
C VAL B 82 -5.16 2.66 -10.28
N LEU B 83 -6.04 3.19 -9.45
CA LEU B 83 -6.15 4.63 -9.31
C LEU B 83 -4.93 5.16 -8.59
N VAL B 84 -4.42 6.28 -9.08
CA VAL B 84 -3.18 6.85 -8.57
C VAL B 84 -3.29 7.34 -7.13
N GLU B 85 -4.50 7.30 -6.58
CA GLU B 85 -4.71 7.71 -5.19
C GLU B 85 -4.47 6.56 -4.22
N TYR B 86 -4.31 5.35 -4.76
CA TYR B 86 -4.05 4.19 -3.92
C TYR B 86 -2.62 4.19 -3.42
N PRO B 87 -2.42 4.27 -2.10
CA PRO B 87 -1.11 4.24 -1.49
C PRO B 87 -0.62 2.83 -1.28
N PHE B 88 0.44 2.45 -1.99
CA PHE B 88 0.98 1.12 -1.90
C PHE B 88 2.06 1.04 -0.84
N PHE B 89 1.91 0.09 0.06
CA PHE B 89 2.95 -0.18 1.03
C PHE B 89 4.07 -0.94 0.35
N VAL B 90 5.29 -0.48 0.57
CA VAL B 90 6.41 -0.98 -0.20
C VAL B 90 7.38 -1.80 0.66
N PHE B 91 7.56 -3.07 0.24
CA PHE B 91 8.26 -4.13 0.99
C PHE B 91 9.69 -3.78 1.40
N GLY B 92 9.85 -3.17 2.57
CA GLY B 92 11.17 -2.83 3.04
C GLY B 92 11.67 -1.53 2.46
N GLN B 93 10.77 -0.80 1.81
CA GLN B 93 11.13 0.46 1.18
C GLN B 93 10.46 1.64 1.89
N GLY B 94 9.18 1.50 2.22
CA GLY B 94 8.52 2.55 2.97
C GLY B 94 7.03 2.65 2.69
N TRP B 95 6.50 3.85 2.85
CA TRP B 95 5.07 4.13 2.72
C TRP B 95 4.84 5.03 1.51
N SER B 96 4.31 4.47 0.43
CA SER B 96 4.29 5.18 -0.86
C SER B 96 2.92 5.14 -1.53
N SER B 97 2.78 5.95 -2.58
CA SER B 97 1.58 5.98 -3.40
C SER B 97 1.93 6.31 -4.84
N CYS B 98 1.09 5.86 -5.77
CA CYS B 98 1.28 6.12 -7.20
C CYS B 98 1.16 7.61 -7.49
N CYS B 99 0.56 8.33 -6.56
CA CYS B 99 0.46 9.76 -6.64
C CYS B 99 0.23 10.31 -5.24
N PRO B 100 1.31 10.52 -4.48
CA PRO B 100 1.25 11.03 -3.12
C PRO B 100 0.44 12.30 -3.03
N GLU B 101 0.55 13.12 -4.07
CA GLU B 101 -0.18 14.38 -4.17
C GLU B 101 -1.67 14.13 -3.99
N ARG B 102 -2.22 13.23 -4.78
CA ARG B 102 -3.65 12.95 -4.75
C ARG B 102 -4.06 12.31 -3.42
N THR B 103 -3.25 11.40 -2.90
CA THR B 103 -3.55 10.76 -1.62
C THR B 103 -3.58 11.81 -0.51
N SER B 104 -2.61 12.72 -0.51
CA SER B 104 -2.57 13.79 0.48
C SER B 104 -3.61 14.86 0.19
N GLN B 105 -3.90 15.07 -1.09
CA GLN B 105 -4.92 16.01 -1.52
C GLN B 105 -6.29 15.71 -0.92
N LEU B 106 -6.72 14.48 -1.09
CA LEU B 106 -8.09 14.10 -0.78
C LEU B 106 -8.20 13.49 0.61
N PHE B 107 -7.19 12.73 0.97
CA PHE B 107 -7.22 11.97 2.21
C PHE B 107 -6.24 12.54 3.23
N ASP B 108 -5.53 13.60 2.83
CA ASP B 108 -4.54 14.28 3.68
C ASP B 108 -3.39 13.36 4.06
N LEU B 109 -3.35 12.18 3.47
CA LEU B 109 -2.35 11.20 3.81
C LEU B 109 -1.12 11.34 2.92
N PRO B 110 0.03 11.71 3.51
CA PRO B 110 1.27 11.90 2.76
C PRO B 110 1.96 10.58 2.45
N CYS B 111 2.43 10.46 1.22
CA CYS B 111 3.06 9.23 0.76
C CYS B 111 4.36 9.55 0.03
N SER B 112 5.26 8.58 0.00
CA SER B 112 6.42 8.64 -0.87
C SER B 112 6.00 8.18 -2.25
N LYS B 113 6.78 8.48 -3.27
CA LYS B 113 6.41 8.10 -4.61
C LYS B 113 6.63 6.61 -4.84
N LEU B 114 5.54 5.90 -5.12
CA LEU B 114 5.62 4.51 -5.51
C LEU B 114 6.15 4.46 -6.94
N SER B 115 7.37 4.00 -7.10
CA SER B 115 8.03 4.03 -8.40
C SER B 115 8.53 2.66 -8.81
N VAL B 116 8.85 2.55 -10.09
CA VAL B 116 9.41 1.33 -10.64
C VAL B 116 10.70 0.95 -9.92
N GLY B 117 10.78 -0.31 -9.53
CA GLY B 117 11.87 -0.76 -8.69
C GLY B 117 11.41 -1.10 -7.28
N ASP B 118 10.26 -0.54 -6.88
CA ASP B 118 9.76 -0.77 -5.52
C ASP B 118 8.92 -2.03 -5.43
N VAL B 119 9.34 -2.97 -4.59
CA VAL B 119 8.54 -4.17 -4.37
C VAL B 119 7.31 -3.84 -3.53
N CYS B 120 6.14 -4.02 -4.11
CA CYS B 120 4.89 -3.75 -3.41
C CYS B 120 4.60 -4.85 -2.42
N ILE B 121 4.04 -4.44 -1.31
CA ILE B 121 3.56 -5.37 -0.31
C ILE B 121 2.15 -5.80 -0.64
N SER B 122 1.97 -7.04 -1.08
CA SER B 122 0.63 -7.56 -1.27
C SER B 122 0.21 -8.28 0.00
N LEU B 123 -0.84 -7.80 0.61
CA LEU B 123 -1.30 -8.37 1.86
C LEU B 123 -2.54 -9.21 1.59
N THR B 124 -2.48 -10.48 1.93
CA THR B 124 -3.63 -11.34 1.76
C THR B 124 -4.35 -11.48 3.10
N LEU B 125 -5.66 -11.28 3.07
CA LEU B 125 -6.47 -11.34 4.26
C LEU B 125 -7.22 -12.66 4.28
N LYS B 126 -6.68 -13.62 4.99
CA LYS B 126 -7.23 -14.97 4.99
C LYS B 126 -8.50 -15.04 5.83
N VAL A 1 -10.34 3.20 15.54
CA VAL A 1 -9.20 2.37 15.07
C VAL A 1 -9.66 1.36 14.04
N PHE A 2 -8.79 1.10 13.07
CA PHE A 2 -9.11 0.23 11.95
C PHE A 2 -8.03 -0.81 11.75
N PRO A 3 -8.41 -2.05 11.36
CA PRO A 3 -7.46 -3.11 11.01
C PRO A 3 -6.49 -2.64 9.93
N TRP A 4 -5.24 -3.07 10.05
CA TRP A 4 -4.15 -2.49 9.28
C TRP A 4 -4.31 -2.63 7.77
N HIS A 5 -5.11 -3.59 7.29
CA HIS A 5 -5.39 -3.68 5.85
C HIS A 5 -6.34 -2.55 5.42
N SER A 6 -5.89 -1.32 5.56
CA SER A 6 -6.71 -0.17 5.26
C SER A 6 -6.06 0.69 4.18
N LEU A 7 -4.74 0.70 4.17
CA LEU A 7 -3.97 1.57 3.29
C LEU A 7 -3.02 0.75 2.44
N VAL A 8 -3.20 -0.56 2.45
CA VAL A 8 -2.36 -1.44 1.67
C VAL A 8 -3.12 -2.01 0.47
N PRO A 9 -2.73 -1.62 -0.75
CA PRO A 9 -3.38 -2.09 -1.97
C PRO A 9 -3.00 -3.53 -2.26
N PHE A 10 -3.96 -4.32 -2.69
CA PHE A 10 -3.74 -5.72 -2.91
C PHE A 10 -3.23 -5.98 -4.31
N LEU A 11 -1.92 -6.15 -4.43
CA LEU A 11 -1.29 -6.57 -5.68
C LEU A 11 -1.93 -7.87 -6.15
N ALA A 12 -2.47 -7.85 -7.37
CA ALA A 12 -3.15 -9.00 -7.95
C ALA A 12 -2.21 -10.19 -8.02
N PRO A 13 -2.70 -11.39 -7.63
CA PRO A 13 -1.90 -12.61 -7.59
C PRO A 13 -1.18 -12.89 -8.91
N SER A 14 0.08 -13.26 -8.80
CA SER A 14 0.92 -13.50 -9.96
C SER A 14 0.43 -14.70 -10.77
N GLN A 15 0.37 -14.53 -12.09
CA GLN A 15 -0.07 -15.57 -13.02
C GLN A 15 -1.53 -15.92 -12.78
N ALA B 4 -13.56 21.42 18.03
CA ALA B 4 -13.52 20.07 17.43
C ALA B 4 -12.70 20.08 16.15
N PRO B 5 -11.82 19.09 15.99
CA PRO B 5 -10.93 18.99 14.84
C PRO B 5 -11.65 18.51 13.58
N PRO B 6 -11.22 19.01 12.41
CA PRO B 6 -11.78 18.59 11.12
C PRO B 6 -11.25 17.21 10.71
N THR B 7 -11.61 16.21 11.48
CA THR B 7 -11.09 14.86 11.29
C THR B 7 -11.59 14.22 10.01
N LEU B 8 -10.66 13.69 9.24
CA LEU B 8 -10.96 12.93 8.05
C LEU B 8 -11.33 11.51 8.45
N PRO B 9 -12.10 10.79 7.61
CA PRO B 9 -12.50 9.41 7.88
C PRO B 9 -11.38 8.55 8.49
N PRO B 10 -11.74 7.76 9.49
CA PRO B 10 -10.81 7.02 10.34
C PRO B 10 -10.24 5.79 9.66
N TYR B 11 -10.65 5.57 8.43
CA TYR B 11 -10.15 4.44 7.64
C TYR B 11 -8.64 4.51 7.40
N PHE B 12 -8.24 5.29 6.40
CA PHE B 12 -6.83 5.36 6.05
C PHE B 12 -6.38 6.81 5.98
N MET B 13 -7.29 7.71 6.27
CA MET B 13 -7.00 9.14 6.10
C MET B 13 -6.16 9.66 7.25
N LYS B 14 -5.52 10.81 7.04
CA LYS B 14 -4.50 11.34 7.95
C LYS B 14 -4.87 11.20 9.43
N GLY B 15 -4.00 10.55 10.17
CA GLY B 15 -4.13 10.47 11.61
C GLY B 15 -5.10 9.42 12.09
N SER B 16 -5.63 8.62 11.17
CA SER B 16 -6.49 7.52 11.57
C SER B 16 -5.65 6.47 12.28
N ILE B 17 -6.18 5.90 13.35
CA ILE B 17 -5.40 5.00 14.15
C ILE B 17 -5.47 3.59 13.59
N ILE B 18 -4.35 3.15 13.05
CA ILE B 18 -4.26 1.87 12.37
C ILE B 18 -3.75 0.80 13.32
N GLN B 19 -4.44 -0.33 13.36
CA GLN B 19 -4.08 -1.41 14.26
C GLN B 19 -3.43 -2.55 13.51
N LEU B 20 -2.21 -2.85 13.88
CA LEU B 20 -1.45 -3.89 13.23
C LEU B 20 -1.84 -5.27 13.77
N ALA B 21 -1.29 -6.33 13.19
CA ALA B 21 -1.69 -7.68 13.57
C ALA B 21 -1.24 -8.00 15.00
N ASN B 22 -0.13 -7.39 15.40
CA ASN B 22 0.42 -7.61 16.73
C ASN B 22 -0.42 -6.84 17.76
N GLY B 23 -1.29 -5.96 17.27
CA GLY B 23 -2.23 -5.28 18.12
C GLY B 23 -1.83 -3.87 18.48
N GLU B 24 -0.72 -3.40 17.93
CA GLU B 24 -0.23 -2.07 18.27
C GLU B 24 -0.90 -1.02 17.38
N LEU B 25 -1.04 0.17 17.92
CA LEU B 25 -1.77 1.24 17.26
C LEU B 25 -0.83 2.36 16.83
N LYS B 26 -0.77 2.61 15.53
CA LYS B 26 0.12 3.62 14.98
C LYS B 26 -0.62 4.52 14.01
N LYS B 27 -0.09 5.71 13.80
CA LYS B 27 -0.67 6.68 12.88
C LYS B 27 -0.38 6.31 11.43
N VAL B 28 -1.33 6.60 10.54
CA VAL B 28 -1.25 6.16 9.15
C VAL B 28 0.09 6.49 8.52
N GLU B 29 0.49 7.74 8.66
CA GLU B 29 1.65 8.26 7.99
C GLU B 29 2.95 7.70 8.57
N ASP B 30 2.89 7.31 9.83
CA ASP B 30 4.07 6.84 10.54
C ASP B 30 4.24 5.34 10.39
N LEU B 31 3.24 4.69 9.84
CA LEU B 31 3.34 3.26 9.56
C LEU B 31 4.48 2.98 8.60
N LYS B 32 5.41 2.17 9.05
CA LYS B 32 6.55 1.79 8.24
C LYS B 32 6.32 0.41 7.67
N THR B 33 7.07 0.05 6.64
CA THR B 33 6.89 -1.25 6.00
C THR B 33 7.08 -2.37 7.02
N GLU B 34 7.99 -2.17 7.97
CA GLU B 34 8.28 -3.19 8.98
C GLU B 34 7.06 -3.46 9.86
N ASP B 35 6.23 -2.44 10.02
CA ASP B 35 4.99 -2.57 10.79
C ASP B 35 4.11 -3.63 10.15
N PHE B 36 3.89 -3.49 8.85
CA PHE B 36 3.06 -4.42 8.11
C PHE B 36 3.77 -5.76 7.95
N ILE B 37 5.09 -5.71 7.75
CA ILE B 37 5.88 -6.92 7.66
C ILE B 37 5.68 -7.80 8.87
N GLN B 38 5.95 -7.28 10.06
CA GLN B 38 5.81 -8.05 11.28
C GLN B 38 4.38 -8.54 11.43
N SER B 39 3.42 -7.66 11.18
CA SER B 39 2.02 -8.00 11.34
C SER B 39 1.65 -9.28 10.59
N ALA B 40 2.05 -9.37 9.34
CA ALA B 40 1.72 -10.52 8.53
C ALA B 40 2.56 -11.74 8.91
N GLU B 41 3.79 -11.49 9.33
CA GLU B 41 4.72 -12.55 9.68
C GLU B 41 4.30 -13.25 10.96
N ILE B 42 3.75 -12.48 11.89
CA ILE B 42 3.23 -13.01 13.15
C ILE B 42 2.05 -13.94 12.87
N SER B 43 1.50 -13.83 11.66
CA SER B 43 0.53 -14.77 11.13
C SER B 43 -0.83 -14.65 11.82
N ASN B 44 -1.78 -14.06 11.12
CA ASN B 44 -3.13 -13.86 11.64
C ASN B 44 -4.10 -13.76 10.46
N ASP B 45 -4.01 -14.74 9.56
CA ASP B 45 -4.80 -14.77 8.32
C ASP B 45 -4.35 -13.64 7.40
N LEU B 46 -3.05 -13.36 7.44
CA LEU B 46 -2.46 -12.22 6.75
C LEU B 46 -1.00 -12.53 6.41
N LYS B 47 -0.59 -12.31 5.17
CA LYS B 47 0.80 -12.55 4.78
C LYS B 47 1.32 -11.47 3.83
N ILE B 48 2.63 -11.21 3.91
CA ILE B 48 3.32 -10.26 3.04
C ILE B 48 3.85 -10.94 1.79
N ASP B 49 3.90 -10.20 0.71
CA ASP B 49 4.48 -10.70 -0.55
C ASP B 49 5.45 -9.67 -1.11
N SER B 50 6.22 -10.07 -2.10
CA SER B 50 7.21 -9.19 -2.71
C SER B 50 7.08 -9.21 -4.23
N SER B 51 6.77 -8.05 -4.82
CA SER B 51 6.68 -7.96 -6.27
C SER B 51 7.24 -6.62 -6.75
N THR B 52 8.30 -6.69 -7.56
CA THR B 52 8.99 -5.50 -8.04
C THR B 52 8.28 -4.88 -9.24
N VAL B 53 7.85 -3.63 -9.09
CA VAL B 53 7.29 -2.89 -10.21
C VAL B 53 8.33 -2.70 -11.32
N GLU B 54 8.05 -3.28 -12.46
CA GLU B 54 8.91 -3.18 -13.63
C GLU B 54 8.48 -2.04 -14.52
N ARG B 55 7.23 -1.61 -14.39
CA ARG B 55 6.69 -0.59 -15.27
C ARG B 55 5.45 0.06 -14.65
N ILE B 56 5.25 1.33 -14.96
CA ILE B 56 4.11 2.09 -14.47
C ILE B 56 3.48 2.88 -15.60
N GLU B 57 2.31 2.47 -16.01
CA GLU B 57 1.66 3.09 -17.15
C GLU B 57 0.41 3.85 -16.74
N ASP B 58 0.29 5.06 -17.25
CA ASP B 58 -0.87 5.90 -16.98
C ASP B 58 -2.04 5.48 -17.84
N SER B 59 -3.16 5.20 -17.21
CA SER B 59 -4.35 4.79 -17.91
C SER B 59 -5.29 5.99 -18.03
N HIS B 60 -5.96 6.11 -19.17
CA HIS B 60 -6.84 7.25 -19.43
C HIS B 60 -8.08 7.17 -18.53
N SER B 61 -8.29 6.00 -17.95
CA SER B 61 -9.28 5.83 -16.92
C SER B 61 -8.97 6.80 -15.77
N PRO B 62 -9.98 7.51 -15.26
CA PRO B 62 -9.79 8.58 -14.28
C PRO B 62 -8.97 8.16 -13.07
N GLY B 63 -7.78 8.74 -12.98
CA GLY B 63 -6.91 8.50 -11.85
C GLY B 63 -6.41 7.07 -11.79
N VAL B 64 -6.21 6.45 -12.94
CA VAL B 64 -5.79 5.05 -12.99
C VAL B 64 -4.39 4.90 -13.53
N ALA B 65 -3.61 4.07 -12.86
CA ALA B 65 -2.28 3.71 -13.32
C ALA B 65 -2.03 2.24 -13.05
N VAL B 66 -1.56 1.53 -14.05
CA VAL B 66 -1.26 0.12 -13.90
C VAL B 66 0.19 -0.08 -13.53
N ILE B 67 0.39 -0.64 -12.36
CA ILE B 67 1.70 -0.97 -11.89
C ILE B 67 2.03 -2.40 -12.28
N GLN B 68 2.91 -2.57 -13.23
CA GLN B 68 3.25 -3.89 -13.73
C GLN B 68 4.39 -4.46 -12.91
N PHE B 69 4.11 -5.50 -12.13
CA PHE B 69 5.08 -6.08 -11.22
C PHE B 69 5.63 -7.39 -11.75
N ALA B 70 6.85 -7.70 -11.35
CA ALA B 70 7.42 -9.01 -11.55
C ALA B 70 7.44 -9.74 -10.21
N VAL B 71 6.52 -10.67 -10.05
CA VAL B 71 6.30 -11.33 -8.77
C VAL B 71 7.17 -12.57 -8.62
N GLY B 72 7.91 -12.63 -7.53
CA GLY B 72 8.65 -13.83 -7.19
C GLY B 72 9.90 -14.02 -8.02
N GLU B 73 10.55 -15.16 -7.82
CA GLU B 73 11.77 -15.49 -8.52
C GLU B 73 11.46 -15.86 -9.97
N HIS B 74 10.22 -16.24 -10.22
CA HIS B 74 9.79 -16.58 -11.57
C HIS B 74 9.42 -15.31 -12.35
N ARG B 75 9.60 -14.17 -11.64
CA ARG B 75 9.42 -12.81 -12.18
C ARG B 75 8.20 -12.69 -13.08
N ALA B 76 7.10 -13.23 -12.59
CA ALA B 76 5.85 -13.22 -13.33
C ALA B 76 5.26 -11.83 -13.33
N GLN B 77 5.02 -11.28 -14.50
CA GLN B 77 4.58 -9.91 -14.60
C GLN B 77 3.07 -9.78 -14.57
N VAL B 78 2.61 -8.98 -13.62
CA VAL B 78 1.18 -8.75 -13.42
C VAL B 78 0.82 -7.33 -13.79
N SER B 79 -0.23 -7.18 -14.57
CA SER B 79 -0.72 -5.87 -14.97
C SER B 79 -2.00 -5.53 -14.20
N VAL B 80 -1.90 -4.64 -13.23
CA VAL B 80 -3.04 -4.27 -12.43
C VAL B 80 -3.24 -2.75 -12.44
N GLU B 81 -4.42 -2.32 -12.89
CA GLU B 81 -4.74 -0.89 -12.96
C GLU B 81 -5.38 -0.42 -11.64
N VAL B 82 -4.60 0.26 -10.82
CA VAL B 82 -5.08 0.78 -9.57
C VAL B 82 -5.26 2.29 -9.67
N LEU B 83 -6.13 2.86 -8.83
CA LEU B 83 -6.25 4.30 -8.78
C LEU B 83 -5.02 4.89 -8.12
N VAL B 84 -4.56 6.00 -8.69
CA VAL B 84 -3.36 6.67 -8.21
C VAL B 84 -3.57 7.29 -6.83
N GLU B 85 -4.80 7.19 -6.34
CA GLU B 85 -5.15 7.69 -5.03
C GLU B 85 -4.64 6.75 -3.95
N TYR B 86 -4.47 5.48 -4.34
CA TYR B 86 -4.10 4.45 -3.40
C TYR B 86 -2.60 4.46 -3.12
N PRO B 87 -2.25 4.58 -1.84
CA PRO B 87 -0.87 4.53 -1.41
C PRO B 87 -0.36 3.10 -1.33
N PHE B 88 0.74 2.83 -1.99
CA PHE B 88 1.31 1.50 -2.02
C PHE B 88 2.34 1.32 -0.92
N PHE B 89 2.09 0.37 -0.04
CA PHE B 89 3.07 -0.01 0.95
C PHE B 89 4.15 -0.83 0.27
N VAL B 90 5.38 -0.35 0.33
CA VAL B 90 6.44 -0.98 -0.43
C VAL B 90 7.39 -1.76 0.48
N PHE B 91 7.73 -2.97 0.03
CA PHE B 91 8.48 -3.99 0.78
C PHE B 91 9.89 -3.54 1.17
N GLY B 92 10.00 -2.65 2.15
CA GLY B 92 11.31 -2.21 2.59
C GLY B 92 11.72 -0.89 1.97
N GLN B 93 10.91 -0.39 1.04
CA GLN B 93 11.25 0.81 0.30
C GLN B 93 10.65 2.04 0.99
N GLY B 94 9.45 1.89 1.56
CA GLY B 94 8.85 2.97 2.31
C GLY B 94 7.35 3.03 2.19
N TRP B 95 6.76 4.07 2.77
CA TRP B 95 5.33 4.32 2.72
C TRP B 95 5.03 5.26 1.55
N SER B 96 4.66 4.69 0.41
CA SER B 96 4.63 5.42 -0.85
C SER B 96 3.25 5.39 -1.50
N SER B 97 3.08 6.22 -2.53
CA SER B 97 1.86 6.23 -3.32
C SER B 97 2.18 6.52 -4.78
N CYS B 98 1.32 6.06 -5.68
CA CYS B 98 1.46 6.30 -7.11
C CYS B 98 1.21 7.78 -7.43
N CYS B 99 0.64 8.47 -6.45
CA CYS B 99 0.43 9.89 -6.56
C CYS B 99 0.33 10.48 -5.17
N PRO B 100 1.47 10.69 -4.51
CA PRO B 100 1.51 11.28 -3.16
C PRO B 100 0.80 12.62 -3.14
N GLU B 101 0.86 13.30 -4.27
CA GLU B 101 0.16 14.56 -4.45
C GLU B 101 -1.31 14.39 -4.09
N ARG B 102 -2.01 13.56 -4.85
CA ARG B 102 -3.45 13.36 -4.68
C ARG B 102 -3.77 12.72 -3.33
N THR B 103 -2.96 11.76 -2.92
CA THR B 103 -3.19 11.09 -1.64
C THR B 103 -3.09 12.09 -0.48
N SER B 104 -2.09 12.96 -0.53
CA SER B 104 -1.93 14.00 0.48
C SER B 104 -2.93 15.14 0.27
N GLN B 105 -3.20 15.47 -0.99
CA GLN B 105 -4.17 16.50 -1.32
C GLN B 105 -5.55 16.26 -0.73
N LEU B 106 -6.06 15.07 -0.96
CA LEU B 106 -7.45 14.78 -0.65
C LEU B 106 -7.57 14.15 0.73
N PHE B 107 -6.68 13.23 1.03
CA PHE B 107 -6.77 12.44 2.26
C PHE B 107 -5.82 12.98 3.32
N ASP B 108 -5.08 14.02 2.94
CA ASP B 108 -4.09 14.66 3.83
C ASP B 108 -3.03 13.67 4.30
N LEU B 109 -2.93 12.54 3.62
CA LEU B 109 -1.99 11.50 4.00
C LEU B 109 -0.73 11.57 3.16
N PRO B 110 0.41 11.90 3.79
CA PRO B 110 1.72 11.93 3.13
C PRO B 110 2.15 10.58 2.59
N CYS B 111 2.79 10.58 1.43
CA CYS B 111 3.34 9.37 0.87
C CYS B 111 4.60 9.70 0.08
N SER B 112 5.54 8.78 0.07
CA SER B 112 6.70 8.88 -0.80
C SER B 112 6.26 8.49 -2.22
N LYS B 113 7.02 8.85 -3.24
CA LYS B 113 6.63 8.51 -4.59
C LYS B 113 6.90 7.04 -4.88
N LEU B 114 5.83 6.29 -5.12
CA LEU B 114 5.96 4.93 -5.56
C LEU B 114 6.35 4.93 -7.02
N SER B 115 7.48 4.31 -7.33
CA SER B 115 7.98 4.28 -8.69
C SER B 115 8.51 2.91 -9.06
N VAL B 116 8.72 2.70 -10.35
CA VAL B 116 9.26 1.47 -10.88
C VAL B 116 10.62 1.16 -10.24
N GLY B 117 10.79 -0.10 -9.84
CA GLY B 117 11.94 -0.50 -9.06
C GLY B 117 11.57 -0.90 -7.64
N ASP B 118 10.43 -0.41 -7.17
CA ASP B 118 10.04 -0.63 -5.78
C ASP B 118 9.21 -1.91 -5.63
N VAL B 119 9.71 -2.86 -4.85
CA VAL B 119 8.95 -4.09 -4.60
C VAL B 119 7.75 -3.81 -3.71
N CYS B 120 6.56 -3.86 -4.26
CA CYS B 120 5.36 -3.54 -3.50
C CYS B 120 4.93 -4.73 -2.65
N ILE B 121 4.35 -4.40 -1.50
CA ILE B 121 3.87 -5.41 -0.57
C ILE B 121 2.49 -5.87 -0.97
N SER B 122 2.36 -7.12 -1.38
CA SER B 122 1.05 -7.68 -1.57
C SER B 122 0.60 -8.30 -0.27
N LEU B 123 -0.48 -7.79 0.27
CA LEU B 123 -0.99 -8.32 1.51
C LEU B 123 -2.15 -9.25 1.21
N THR B 124 -2.10 -10.44 1.76
CA THR B 124 -3.17 -11.40 1.52
C THR B 124 -4.12 -11.40 2.70
N LEU B 125 -5.36 -11.04 2.43
CA LEU B 125 -6.42 -11.08 3.42
C LEU B 125 -7.16 -12.42 3.28
N LYS B 126 -6.81 -13.36 4.14
CA LYS B 126 -7.38 -14.70 4.07
C LYS B 126 -8.85 -14.68 4.49
N VAL A 1 -10.79 2.43 15.85
CA VAL A 1 -9.58 1.87 15.21
C VAL A 1 -9.97 0.88 14.13
N PHE A 2 -9.02 0.57 13.27
CA PHE A 2 -9.26 -0.33 12.16
C PHE A 2 -8.11 -1.30 12.00
N PRO A 3 -8.42 -2.53 11.56
CA PRO A 3 -7.40 -3.52 11.16
C PRO A 3 -6.47 -2.93 10.11
N TRP A 4 -5.19 -3.24 10.24
CA TRP A 4 -4.14 -2.57 9.49
C TRP A 4 -4.27 -2.66 7.96
N HIS A 5 -5.04 -3.62 7.44
CA HIS A 5 -5.29 -3.66 5.99
C HIS A 5 -6.28 -2.55 5.56
N SER A 6 -5.97 -1.33 5.95
CA SER A 6 -6.86 -0.20 5.73
C SER A 6 -6.31 0.74 4.67
N LEU A 7 -5.02 0.60 4.40
CA LEU A 7 -4.31 1.50 3.49
C LEU A 7 -3.55 0.70 2.45
N VAL A 8 -3.19 -0.53 2.80
CA VAL A 8 -2.42 -1.37 1.91
C VAL A 8 -3.31 -2.00 0.83
N PRO A 9 -3.04 -1.70 -0.45
CA PRO A 9 -3.75 -2.28 -1.57
C PRO A 9 -3.06 -3.52 -2.11
N PHE A 10 -3.78 -4.64 -2.08
CA PHE A 10 -3.26 -5.87 -2.62
C PHE A 10 -3.25 -5.80 -4.14
N LEU A 11 -2.06 -5.85 -4.74
CA LEU A 11 -1.95 -5.80 -6.19
C LEU A 11 -2.63 -7.04 -6.79
N ALA A 12 -3.06 -6.94 -8.05
CA ALA A 12 -3.83 -8.00 -8.69
C ALA A 12 -3.24 -9.38 -8.44
N PRO A 13 -4.07 -10.30 -7.89
CA PRO A 13 -3.66 -11.66 -7.51
C PRO A 13 -2.61 -12.26 -8.43
N SER A 14 -1.40 -12.33 -7.92
CA SER A 14 -0.24 -12.79 -8.69
C SER A 14 -0.45 -14.21 -9.22
N GLN A 15 -0.32 -14.35 -10.54
CA GLN A 15 -0.51 -15.64 -11.20
C GLN A 15 0.48 -16.68 -10.67
N ALA B 4 -16.06 20.04 5.52
CA ALA B 4 -14.96 19.21 6.02
C ALA B 4 -15.03 19.10 7.54
N PRO B 5 -14.83 17.89 8.08
CA PRO B 5 -14.85 17.67 9.52
C PRO B 5 -13.53 18.06 10.19
N PRO B 6 -13.53 18.33 11.50
CA PRO B 6 -12.33 18.72 12.24
C PRO B 6 -11.18 17.73 12.00
N THR B 7 -11.42 16.47 12.33
CA THR B 7 -10.48 15.41 12.04
C THR B 7 -10.99 14.61 10.84
N LEU B 8 -10.07 13.99 10.11
CA LEU B 8 -10.45 13.22 8.94
C LEU B 8 -11.02 11.88 9.37
N PRO B 9 -11.80 11.21 8.50
CA PRO B 9 -12.31 9.86 8.75
C PRO B 9 -11.23 8.95 9.33
N PRO B 10 -11.62 8.09 10.27
CA PRO B 10 -10.68 7.25 11.04
C PRO B 10 -10.11 6.11 10.21
N TYR B 11 -10.61 5.97 9.00
CA TYR B 11 -10.11 4.96 8.08
C TYR B 11 -9.07 5.54 7.12
N PHE B 12 -7.79 5.27 7.41
CA PHE B 12 -6.65 5.53 6.52
C PHE B 12 -6.33 7.02 6.28
N MET B 13 -7.28 7.91 6.53
CA MET B 13 -7.04 9.34 6.41
C MET B 13 -5.98 9.79 7.40
N LYS B 14 -5.41 10.97 7.20
CA LYS B 14 -4.37 11.48 8.08
C LYS B 14 -4.85 11.59 9.52
N GLY B 15 -4.13 10.93 10.42
CA GLY B 15 -4.45 11.00 11.83
C GLY B 15 -5.17 9.75 12.33
N SER B 16 -5.53 8.88 11.40
CA SER B 16 -6.20 7.65 11.74
C SER B 16 -5.27 6.70 12.47
N ILE B 17 -5.78 6.06 13.51
CA ILE B 17 -5.02 5.09 14.26
C ILE B 17 -5.22 3.70 13.68
N ILE B 18 -4.13 3.15 13.16
CA ILE B 18 -4.17 1.87 12.47
C ILE B 18 -3.66 0.78 13.41
N GLN B 19 -4.42 -0.30 13.53
CA GLN B 19 -4.05 -1.40 14.42
C GLN B 19 -3.39 -2.54 13.66
N LEU B 20 -2.13 -2.78 13.97
CA LEU B 20 -1.40 -3.88 13.35
C LEU B 20 -1.77 -5.19 14.01
N ALA B 21 -1.35 -6.30 13.41
CA ALA B 21 -1.70 -7.62 13.92
C ALA B 21 -1.07 -7.86 15.29
N ASN B 22 0.03 -7.18 15.57
CA ASN B 22 0.72 -7.35 16.84
C ASN B 22 0.06 -6.50 17.92
N GLY B 23 -0.84 -5.61 17.52
CA GLY B 23 -1.60 -4.83 18.47
C GLY B 23 -1.21 -3.36 18.49
N GLU B 24 -0.26 -2.97 17.66
CA GLU B 24 0.17 -1.59 17.60
C GLU B 24 -0.90 -0.68 17.05
N LEU B 25 -0.91 0.52 17.59
CA LEU B 25 -1.87 1.54 17.21
C LEU B 25 -1.13 2.81 16.82
N LYS B 26 -0.85 2.94 15.53
CA LYS B 26 0.04 3.97 15.04
C LYS B 26 -0.66 4.85 14.01
N LYS B 27 -0.16 6.07 13.83
CA LYS B 27 -0.70 6.99 12.84
C LYS B 27 -0.36 6.52 11.43
N VAL B 28 -1.28 6.73 10.51
CA VAL B 28 -1.19 6.15 9.16
C VAL B 28 0.17 6.42 8.51
N GLU B 29 0.60 7.67 8.55
CA GLU B 29 1.79 8.11 7.82
C GLU B 29 3.07 7.60 8.48
N ASP B 30 2.97 7.24 9.74
CA ASP B 30 4.14 6.83 10.51
C ASP B 30 4.31 5.32 10.46
N LEU B 31 3.31 4.64 9.93
CA LEU B 31 3.40 3.21 9.73
C LEU B 31 4.56 2.89 8.82
N LYS B 32 5.51 2.16 9.35
CA LYS B 32 6.67 1.74 8.59
C LYS B 32 6.37 0.43 7.92
N THR B 33 7.13 0.08 6.91
CA THR B 33 6.90 -1.16 6.22
C THR B 33 7.08 -2.33 7.19
N GLU B 34 8.10 -2.26 8.03
CA GLU B 34 8.40 -3.31 8.99
C GLU B 34 7.19 -3.59 9.89
N ASP B 35 6.37 -2.57 10.10
CA ASP B 35 5.15 -2.71 10.88
C ASP B 35 4.23 -3.72 10.21
N PHE B 36 4.08 -3.59 8.90
CA PHE B 36 3.25 -4.50 8.13
C PHE B 36 3.93 -5.85 7.96
N ILE B 37 5.25 -5.84 7.77
CA ILE B 37 6.03 -7.05 7.74
C ILE B 37 5.71 -7.93 8.95
N GLN B 38 5.96 -7.37 10.13
CA GLN B 38 5.78 -8.10 11.38
C GLN B 38 4.36 -8.61 11.55
N SER B 39 3.38 -7.75 11.33
CA SER B 39 1.99 -8.11 11.52
C SER B 39 1.60 -9.29 10.62
N ALA B 40 2.00 -9.21 9.37
CA ALA B 40 1.72 -10.27 8.41
C ALA B 40 2.53 -11.53 8.72
N GLU B 41 3.70 -11.37 9.33
CA GLU B 41 4.53 -12.50 9.71
C GLU B 41 3.92 -13.24 10.90
N ILE B 42 3.48 -12.46 11.88
CA ILE B 42 2.74 -12.99 13.02
C ILE B 42 1.48 -13.67 12.51
N SER B 43 0.90 -13.08 11.46
CA SER B 43 -0.08 -13.74 10.61
C SER B 43 -1.35 -14.11 11.35
N ASN B 44 -2.31 -13.20 11.34
CA ASN B 44 -3.67 -13.53 11.71
C ASN B 44 -4.49 -13.69 10.44
N ASP B 45 -4.04 -14.63 9.60
CA ASP B 45 -4.61 -14.86 8.25
C ASP B 45 -4.05 -13.86 7.24
N LEU B 46 -2.93 -13.23 7.57
CA LEU B 46 -2.25 -12.31 6.66
C LEU B 46 -0.92 -12.88 6.18
N LYS B 47 -0.40 -12.32 5.08
CA LYS B 47 0.97 -12.60 4.64
C LYS B 47 1.47 -11.50 3.71
N ILE B 48 2.77 -11.18 3.83
CA ILE B 48 3.42 -10.20 2.95
C ILE B 48 3.83 -10.87 1.64
N ASP B 49 3.87 -10.10 0.57
CA ASP B 49 4.39 -10.56 -0.69
C ASP B 49 5.36 -9.53 -1.26
N SER B 50 6.30 -10.00 -2.06
CA SER B 50 7.29 -9.12 -2.66
C SER B 50 7.16 -9.12 -4.18
N SER B 51 6.56 -8.09 -4.72
CA SER B 51 6.38 -7.96 -6.15
C SER B 51 6.97 -6.64 -6.65
N THR B 52 8.07 -6.72 -7.38
CA THR B 52 8.76 -5.54 -7.87
C THR B 52 8.06 -4.96 -9.10
N VAL B 53 7.56 -3.73 -8.97
CA VAL B 53 7.06 -3.01 -10.12
C VAL B 53 8.20 -2.78 -11.13
N GLU B 54 8.04 -3.33 -12.31
CA GLU B 54 9.02 -3.20 -13.36
C GLU B 54 8.65 -2.08 -14.32
N ARG B 55 7.39 -1.70 -14.33
CA ARG B 55 6.93 -0.66 -15.24
C ARG B 55 5.61 -0.06 -14.76
N ILE B 56 5.37 1.18 -15.15
CA ILE B 56 4.18 1.91 -14.76
C ILE B 56 3.64 2.67 -15.95
N GLU B 57 2.40 2.39 -16.31
CA GLU B 57 1.82 2.98 -17.50
C GLU B 57 0.53 3.73 -17.16
N ASP B 58 0.41 4.94 -17.70
CA ASP B 58 -0.77 5.77 -17.44
C ASP B 58 -1.93 5.33 -18.32
N SER B 59 -3.09 5.19 -17.71
CA SER B 59 -4.29 4.80 -18.43
C SER B 59 -5.14 6.03 -18.71
N HIS B 60 -6.03 5.92 -19.68
CA HIS B 60 -6.87 7.05 -20.10
C HIS B 60 -8.03 7.26 -19.13
N SER B 61 -8.23 6.29 -18.26
CA SER B 61 -9.25 6.40 -17.22
C SER B 61 -8.77 7.34 -16.11
N PRO B 62 -9.71 8.11 -15.54
CA PRO B 62 -9.41 9.13 -14.52
C PRO B 62 -8.59 8.62 -13.34
N GLY B 63 -7.36 9.10 -13.28
CA GLY B 63 -6.47 8.76 -12.20
C GLY B 63 -6.08 7.30 -12.19
N VAL B 64 -6.03 6.69 -13.37
CA VAL B 64 -5.71 5.28 -13.47
C VAL B 64 -4.34 5.07 -14.08
N ALA B 65 -3.55 4.25 -13.42
CA ALA B 65 -2.25 3.86 -13.92
C ALA B 65 -2.02 2.39 -13.60
N VAL B 66 -1.56 1.65 -14.58
CA VAL B 66 -1.33 0.22 -14.39
C VAL B 66 0.09 -0.01 -13.93
N ILE B 67 0.21 -0.59 -12.77
CA ILE B 67 1.51 -0.95 -12.23
C ILE B 67 1.85 -2.37 -12.66
N GLN B 68 2.87 -2.51 -13.48
CA GLN B 68 3.28 -3.81 -13.98
C GLN B 68 4.31 -4.42 -13.03
N PHE B 69 3.92 -5.49 -12.35
CA PHE B 69 4.77 -6.12 -11.36
C PHE B 69 5.42 -7.37 -11.91
N ALA B 70 6.61 -7.65 -11.41
CA ALA B 70 7.25 -8.93 -11.60
C ALA B 70 7.25 -9.68 -10.28
N VAL B 71 6.33 -10.62 -10.15
CA VAL B 71 6.13 -11.31 -8.89
C VAL B 71 7.11 -12.46 -8.71
N GLY B 72 7.79 -12.47 -7.57
CA GLY B 72 8.66 -13.56 -7.22
C GLY B 72 9.98 -13.53 -7.95
N GLU B 73 10.72 -14.62 -7.86
CA GLU B 73 12.03 -14.72 -8.49
C GLU B 73 11.88 -15.02 -9.97
N HIS B 74 10.75 -15.60 -10.35
CA HIS B 74 10.49 -15.92 -11.75
C HIS B 74 10.05 -14.67 -12.51
N ARG B 75 9.75 -13.62 -11.73
CA ARG B 75 9.39 -12.31 -12.27
C ARG B 75 8.14 -12.39 -13.14
N ALA B 76 7.12 -13.07 -12.64
CA ALA B 76 5.84 -13.19 -13.34
C ALA B 76 5.20 -11.82 -13.47
N GLN B 77 4.95 -11.41 -14.70
CA GLN B 77 4.49 -10.06 -14.96
C GLN B 77 2.99 -9.93 -14.80
N VAL B 78 2.60 -9.04 -13.91
CA VAL B 78 1.20 -8.77 -13.63
C VAL B 78 0.88 -7.32 -13.89
N SER B 79 -0.04 -7.09 -14.82
CA SER B 79 -0.43 -5.74 -15.18
C SER B 79 -1.81 -5.41 -14.60
N VAL B 80 -1.84 -4.54 -13.61
CA VAL B 80 -3.08 -4.16 -12.97
C VAL B 80 -3.30 -2.65 -12.99
N GLU B 81 -4.42 -2.22 -13.56
CA GLU B 81 -4.77 -0.81 -13.58
C GLU B 81 -5.32 -0.38 -12.24
N VAL B 82 -4.59 0.48 -11.55
CA VAL B 82 -4.94 0.94 -10.24
C VAL B 82 -5.09 2.45 -10.24
N LEU B 83 -5.89 3.00 -9.33
CA LEU B 83 -5.98 4.44 -9.20
C LEU B 83 -4.71 4.98 -8.55
N VAL B 84 -4.22 6.09 -9.08
CA VAL B 84 -2.96 6.67 -8.63
C VAL B 84 -3.04 7.18 -7.20
N GLU B 85 -4.26 7.25 -6.67
CA GLU B 85 -4.47 7.74 -5.31
C GLU B 85 -4.30 6.62 -4.29
N TYR B 86 -4.02 5.41 -4.75
CA TYR B 86 -3.79 4.29 -3.87
C TYR B 86 -2.36 4.27 -3.35
N PRO B 87 -2.18 4.35 -2.03
CA PRO B 87 -0.87 4.28 -1.40
C PRO B 87 -0.41 2.84 -1.21
N PHE B 88 0.65 2.47 -1.91
CA PHE B 88 1.19 1.12 -1.83
C PHE B 88 2.27 1.04 -0.76
N PHE B 89 2.07 0.15 0.19
CA PHE B 89 3.11 -0.15 1.15
C PHE B 89 4.22 -0.90 0.45
N VAL B 90 5.44 -0.43 0.57
CA VAL B 90 6.52 -1.01 -0.19
C VAL B 90 7.51 -1.75 0.73
N PHE B 91 7.73 -3.04 0.41
CA PHE B 91 8.34 -4.06 1.30
C PHE B 91 9.47 -3.55 2.20
N GLY B 92 10.46 -2.92 1.63
CA GLY B 92 11.53 -2.35 2.44
C GLY B 92 11.95 -1.01 1.89
N GLN B 93 11.06 -0.46 1.09
CA GLN B 93 11.36 0.72 0.30
C GLN B 93 10.68 1.94 0.94
N GLY B 94 9.49 1.74 1.53
CA GLY B 94 8.84 2.81 2.27
C GLY B 94 7.33 2.86 2.11
N TRP B 95 6.71 3.78 2.85
CA TRP B 95 5.27 4.01 2.77
C TRP B 95 4.99 4.95 1.59
N SER B 96 4.58 4.39 0.46
CA SER B 96 4.56 5.14 -0.78
C SER B 96 3.18 5.15 -1.43
N SER B 97 3.02 6.00 -2.44
CA SER B 97 1.80 6.06 -3.23
C SER B 97 2.14 6.36 -4.68
N CYS B 98 1.30 5.87 -5.59
CA CYS B 98 1.49 6.10 -7.03
C CYS B 98 1.37 7.58 -7.34
N CYS B 99 0.79 8.31 -6.41
CA CYS B 99 0.69 9.75 -6.51
C CYS B 99 0.51 10.33 -5.12
N PRO B 100 1.63 10.57 -4.41
CA PRO B 100 1.60 11.15 -3.07
C PRO B 100 0.85 12.46 -3.04
N GLU B 101 0.91 13.17 -4.16
CA GLU B 101 0.17 14.39 -4.35
C GLU B 101 -1.30 14.17 -4.05
N ARG B 102 -1.91 13.25 -4.79
CA ARG B 102 -3.34 13.01 -4.70
C ARG B 102 -3.72 12.39 -3.35
N THR B 103 -2.91 11.43 -2.87
CA THR B 103 -3.19 10.80 -1.59
C THR B 103 -3.13 11.83 -0.45
N SER B 104 -2.18 12.75 -0.53
CA SER B 104 -2.07 13.82 0.45
C SER B 104 -3.10 14.93 0.18
N GLN B 105 -3.46 15.10 -1.08
CA GLN B 105 -4.46 16.08 -1.48
C GLN B 105 -5.84 15.77 -0.92
N LEU B 106 -6.29 14.55 -1.14
CA LEU B 106 -7.66 14.19 -0.83
C LEU B 106 -7.78 13.60 0.57
N PHE B 107 -6.78 12.84 0.95
CA PHE B 107 -6.81 12.10 2.21
C PHE B 107 -5.86 12.71 3.22
N ASP B 108 -5.13 13.74 2.78
CA ASP B 108 -4.12 14.41 3.58
C ASP B 108 -3.05 13.44 4.07
N LEU B 109 -2.93 12.32 3.38
CA LEU B 109 -2.01 11.28 3.78
C LEU B 109 -0.75 11.34 2.93
N PRO B 110 0.38 11.72 3.55
CA PRO B 110 1.64 11.86 2.83
C PRO B 110 2.29 10.51 2.54
N CYS B 111 2.81 10.38 1.34
CA CYS B 111 3.42 9.12 0.90
C CYS B 111 4.71 9.40 0.15
N SER B 112 5.60 8.42 0.14
CA SER B 112 6.76 8.46 -0.71
C SER B 112 6.32 8.13 -2.13
N LYS B 113 7.12 8.48 -3.12
CA LYS B 113 6.73 8.21 -4.49
C LYS B 113 6.85 6.72 -4.79
N LEU B 114 5.73 6.11 -5.13
CA LEU B 114 5.71 4.74 -5.59
C LEU B 114 5.99 4.73 -7.08
N SER B 115 7.10 4.16 -7.46
CA SER B 115 7.44 4.06 -8.88
C SER B 115 8.13 2.75 -9.19
N VAL B 116 8.42 2.55 -10.46
CA VAL B 116 9.11 1.36 -10.92
C VAL B 116 10.40 1.11 -10.14
N GLY B 117 10.54 -0.11 -9.65
CA GLY B 117 11.64 -0.46 -8.78
C GLY B 117 11.18 -0.76 -7.36
N ASP B 118 10.03 -0.21 -6.98
CA ASP B 118 9.55 -0.35 -5.61
C ASP B 118 8.78 -1.65 -5.44
N VAL B 119 9.33 -2.56 -4.65
CA VAL B 119 8.67 -3.83 -4.41
C VAL B 119 7.44 -3.64 -3.55
N CYS B 120 6.27 -3.74 -4.15
CA CYS B 120 5.03 -3.49 -3.45
C CYS B 120 4.67 -4.66 -2.57
N ILE B 121 4.24 -4.34 -1.36
CA ILE B 121 3.79 -5.32 -0.43
C ILE B 121 2.39 -5.79 -0.79
N SER B 122 2.29 -6.97 -1.34
CA SER B 122 0.99 -7.56 -1.52
C SER B 122 0.57 -8.17 -0.19
N LEU B 123 -0.48 -7.65 0.39
CA LEU B 123 -0.94 -8.16 1.65
C LEU B 123 -2.16 -9.01 1.43
N THR B 124 -2.08 -10.26 1.82
CA THR B 124 -3.13 -11.20 1.54
C THR B 124 -4.05 -11.35 2.74
N LEU B 125 -5.31 -11.01 2.54
CA LEU B 125 -6.32 -11.16 3.57
C LEU B 125 -7.07 -12.48 3.34
N LYS B 126 -6.69 -13.51 4.07
CA LYS B 126 -7.34 -14.81 4.00
C LYS B 126 -8.80 -14.71 4.44
N VAL A 1 -9.53 1.99 16.80
CA VAL A 1 -8.54 1.61 15.76
C VAL A 1 -9.20 0.84 14.64
N PHE A 2 -8.50 0.76 13.52
CA PHE A 2 -8.92 -0.05 12.40
C PHE A 2 -7.86 -1.10 12.11
N PRO A 3 -8.29 -2.31 11.72
CA PRO A 3 -7.38 -3.38 11.32
C PRO A 3 -6.40 -2.87 10.27
N TRP A 4 -5.12 -3.14 10.50
CA TRP A 4 -4.03 -2.54 9.73
C TRP A 4 -4.23 -2.64 8.20
N HIS A 5 -4.88 -3.70 7.74
CA HIS A 5 -5.21 -3.79 6.32
C HIS A 5 -6.26 -2.75 5.93
N SER A 6 -5.81 -1.53 5.74
CA SER A 6 -6.69 -0.41 5.43
C SER A 6 -6.08 0.45 4.32
N LEU A 7 -4.81 0.77 4.48
CA LEU A 7 -4.09 1.64 3.56
C LEU A 7 -3.26 0.81 2.59
N VAL A 8 -3.26 -0.50 2.80
CA VAL A 8 -2.51 -1.41 1.96
C VAL A 8 -3.37 -1.88 0.79
N PRO A 9 -2.87 -1.72 -0.45
CA PRO A 9 -3.59 -2.18 -1.63
C PRO A 9 -3.39 -3.66 -1.88
N PHE A 10 -4.32 -4.25 -2.61
CA PHE A 10 -4.24 -5.67 -2.89
C PHE A 10 -3.72 -5.91 -4.30
N LEU A 11 -2.42 -5.74 -4.46
CA LEU A 11 -1.73 -6.06 -5.70
C LEU A 11 -2.08 -7.48 -6.11
N ALA A 12 -2.59 -7.63 -7.33
CA ALA A 12 -2.87 -8.94 -7.89
C ALA A 12 -1.64 -9.84 -7.78
N PRO A 13 -1.66 -10.81 -6.84
CA PRO A 13 -0.49 -11.60 -6.48
C PRO A 13 -0.17 -12.67 -7.50
N SER A 14 0.00 -12.24 -8.74
CA SER A 14 0.32 -13.12 -9.88
C SER A 14 -0.72 -14.23 -10.04
N GLN A 15 -0.49 -15.15 -10.94
CA GLN A 15 -1.42 -16.21 -11.18
C GLN A 15 -0.67 -17.51 -11.43
N ALA B 4 -17.62 20.27 9.81
CA ALA B 4 -16.67 19.15 9.69
C ALA B 4 -16.38 18.55 11.06
N PRO B 5 -16.31 17.21 11.13
CA PRO B 5 -16.03 16.50 12.37
C PRO B 5 -14.55 16.59 12.76
N PRO B 6 -14.24 16.38 14.05
CA PRO B 6 -12.86 16.46 14.54
C PRO B 6 -12.04 15.28 14.06
N THR B 7 -10.92 15.58 13.41
CA THR B 7 -10.05 14.58 12.81
C THR B 7 -10.72 13.97 11.58
N LEU B 8 -9.91 13.38 10.72
CA LEU B 8 -10.39 12.79 9.50
C LEU B 8 -10.90 11.37 9.75
N PRO B 9 -11.57 10.75 8.75
CA PRO B 9 -12.09 9.39 8.88
C PRO B 9 -11.02 8.41 9.37
N PRO B 10 -11.42 7.47 10.24
CA PRO B 10 -10.51 6.59 10.96
C PRO B 10 -10.00 5.41 10.13
N TYR B 11 -10.47 5.30 8.90
CA TYR B 11 -10.02 4.22 8.03
C TYR B 11 -8.54 4.30 7.70
N PHE B 12 -8.17 5.14 6.75
CA PHE B 12 -6.78 5.28 6.36
C PHE B 12 -6.41 6.75 6.26
N MET B 13 -7.38 7.60 6.55
CA MET B 13 -7.18 9.05 6.44
C MET B 13 -6.20 9.53 7.49
N LYS B 14 -5.63 10.71 7.29
CA LYS B 14 -4.60 11.24 8.18
C LYS B 14 -5.13 11.40 9.61
N GLY B 15 -4.44 10.78 10.55
CA GLY B 15 -4.81 10.88 11.95
C GLY B 15 -5.66 9.71 12.40
N SER B 16 -5.87 8.75 11.51
CA SER B 16 -6.48 7.50 11.89
C SER B 16 -5.43 6.64 12.57
N ILE B 17 -5.83 5.84 13.54
CA ILE B 17 -4.88 5.02 14.24
C ILE B 17 -4.96 3.59 13.75
N ILE B 18 -3.89 3.16 13.13
CA ILE B 18 -3.83 1.86 12.49
C ILE B 18 -3.29 0.83 13.45
N GLN B 19 -4.04 -0.25 13.64
CA GLN B 19 -3.65 -1.28 14.59
C GLN B 19 -3.10 -2.49 13.87
N LEU B 20 -1.83 -2.78 14.14
CA LEU B 20 -1.14 -3.89 13.49
C LEU B 20 -1.50 -5.20 14.17
N ALA B 21 -1.18 -6.31 13.51
CA ALA B 21 -1.57 -7.64 13.98
C ALA B 21 -0.89 -8.02 15.28
N ASN B 22 0.20 -7.33 15.60
CA ASN B 22 0.92 -7.57 16.84
C ASN B 22 0.28 -6.79 17.98
N GLY B 23 -0.70 -5.95 17.63
CA GLY B 23 -1.47 -5.26 18.63
C GLY B 23 -0.95 -3.88 18.96
N GLU B 24 -0.04 -3.34 18.15
CA GLU B 24 0.48 -2.01 18.40
C GLU B 24 -0.26 -0.99 17.54
N LEU B 25 -0.37 0.23 18.06
CA LEU B 25 -1.18 1.26 17.43
C LEU B 25 -0.30 2.40 16.97
N LYS B 26 -0.39 2.75 15.69
CA LYS B 26 0.46 3.78 15.12
C LYS B 26 -0.31 4.67 14.16
N LYS B 27 0.27 5.83 13.89
CA LYS B 27 -0.32 6.80 12.98
C LYS B 27 -0.05 6.44 11.52
N VAL B 28 -1.02 6.72 10.67
CA VAL B 28 -1.08 6.22 9.29
C VAL B 28 0.21 6.45 8.51
N GLU B 29 0.72 7.67 8.54
CA GLU B 29 1.82 8.05 7.67
C GLU B 29 3.15 7.60 8.23
N ASP B 30 3.21 7.53 9.55
CA ASP B 30 4.45 7.16 10.24
C ASP B 30 4.58 5.64 10.34
N LEU B 31 3.57 4.92 9.85
CA LEU B 31 3.67 3.49 9.67
C LEU B 31 4.81 3.15 8.73
N LYS B 32 5.60 2.18 9.12
CA LYS B 32 6.70 1.71 8.30
C LYS B 32 6.37 0.37 7.69
N THR B 33 7.10 -0.02 6.66
CA THR B 33 6.85 -1.27 5.99
C THR B 33 6.97 -2.45 6.96
N GLU B 34 8.00 -2.40 7.82
CA GLU B 34 8.28 -3.48 8.75
C GLU B 34 7.10 -3.72 9.69
N ASP B 35 6.35 -2.66 9.94
CA ASP B 35 5.14 -2.74 10.74
C ASP B 35 4.20 -3.78 10.14
N PHE B 36 3.99 -3.65 8.84
CA PHE B 36 3.14 -4.57 8.10
C PHE B 36 3.82 -5.91 7.92
N ILE B 37 5.15 -5.88 7.72
CA ILE B 37 5.93 -7.10 7.62
C ILE B 37 5.61 -8.02 8.80
N GLN B 38 5.83 -7.50 10.00
CA GLN B 38 5.63 -8.26 11.22
C GLN B 38 4.21 -8.76 11.33
N SER B 39 3.24 -7.86 11.14
CA SER B 39 1.84 -8.19 11.35
C SER B 39 1.43 -9.45 10.61
N ALA B 40 1.78 -9.52 9.34
CA ALA B 40 1.46 -10.66 8.50
C ALA B 40 2.30 -11.89 8.86
N GLU B 41 3.57 -11.67 9.19
CA GLU B 41 4.50 -12.76 9.50
C GLU B 41 4.13 -13.46 10.79
N ILE B 42 3.68 -12.67 11.77
CA ILE B 42 3.20 -13.21 13.04
C ILE B 42 2.04 -14.17 12.81
N SER B 43 1.37 -13.96 11.67
CA SER B 43 0.42 -14.92 11.11
C SER B 43 -0.90 -14.97 11.89
N ASN B 44 -1.93 -15.43 11.18
CA ASN B 44 -3.28 -15.57 11.71
C ASN B 44 -4.20 -15.93 10.55
N ASP B 45 -4.25 -15.03 9.59
CA ASP B 45 -5.00 -15.19 8.35
C ASP B 45 -4.39 -14.27 7.30
N LEU B 46 -3.08 -14.08 7.40
CA LEU B 46 -2.40 -13.00 6.71
C LEU B 46 -1.08 -13.46 6.10
N LYS B 47 -0.59 -12.72 5.11
CA LYS B 47 0.77 -12.90 4.62
C LYS B 47 1.20 -11.75 3.70
N ILE B 48 2.47 -11.36 3.82
CA ILE B 48 3.05 -10.31 2.98
C ILE B 48 3.53 -10.93 1.67
N ASP B 49 3.50 -10.14 0.61
CA ASP B 49 3.97 -10.58 -0.69
C ASP B 49 5.01 -9.61 -1.23
N SER B 50 5.79 -10.05 -2.19
CA SER B 50 6.81 -9.21 -2.80
C SER B 50 6.71 -9.27 -4.32
N SER B 51 6.32 -8.16 -4.92
CA SER B 51 6.26 -8.05 -6.37
C SER B 51 6.88 -6.73 -6.82
N THR B 52 7.97 -6.80 -7.57
CA THR B 52 8.73 -5.60 -7.94
C THR B 52 8.20 -4.95 -9.21
N VAL B 53 7.71 -3.72 -9.08
CA VAL B 53 7.29 -2.95 -10.23
C VAL B 53 8.43 -2.79 -11.22
N GLU B 54 8.30 -3.44 -12.36
CA GLU B 54 9.25 -3.38 -13.43
C GLU B 54 8.92 -2.24 -14.39
N ARG B 55 7.67 -1.81 -14.37
CA ARG B 55 7.23 -0.79 -15.29
C ARG B 55 5.94 -0.15 -14.80
N ILE B 56 5.76 1.12 -15.13
CA ILE B 56 4.56 1.85 -14.78
C ILE B 56 3.98 2.50 -16.02
N GLU B 57 2.73 2.21 -16.31
CA GLU B 57 2.08 2.73 -17.51
C GLU B 57 0.91 3.61 -17.13
N ASP B 58 0.83 4.77 -17.74
CA ASP B 58 -0.29 5.65 -17.53
C ASP B 58 -1.45 5.24 -18.41
N SER B 59 -2.61 5.07 -17.80
CA SER B 59 -3.80 4.71 -18.53
C SER B 59 -4.61 5.96 -18.85
N HIS B 60 -5.24 5.95 -20.02
CA HIS B 60 -6.01 7.10 -20.47
C HIS B 60 -7.38 7.11 -19.80
N SER B 61 -7.33 7.17 -18.49
CA SER B 61 -8.50 7.19 -17.65
C SER B 61 -8.21 8.05 -16.43
N PRO B 62 -9.23 8.74 -15.91
CA PRO B 62 -9.07 9.68 -14.78
C PRO B 62 -8.28 9.10 -13.62
N GLY B 63 -7.09 9.63 -13.45
CA GLY B 63 -6.22 9.22 -12.37
C GLY B 63 -5.91 7.75 -12.37
N VAL B 64 -5.77 7.14 -13.54
CA VAL B 64 -5.50 5.71 -13.61
C VAL B 64 -4.09 5.43 -14.11
N ALA B 65 -3.40 4.55 -13.40
CA ALA B 65 -2.10 4.06 -13.81
C ALA B 65 -1.99 2.59 -13.47
N VAL B 66 -1.49 1.82 -14.41
CA VAL B 66 -1.31 0.40 -14.21
C VAL B 66 0.15 0.10 -13.91
N ILE B 67 0.37 -0.51 -12.77
CA ILE B 67 1.70 -0.85 -12.33
C ILE B 67 2.02 -2.29 -12.69
N GLN B 68 3.09 -2.49 -13.42
CA GLN B 68 3.49 -3.83 -13.83
C GLN B 68 4.52 -4.38 -12.84
N PHE B 69 4.11 -5.37 -12.08
CA PHE B 69 4.94 -5.96 -11.03
C PHE B 69 5.44 -7.34 -11.42
N ALA B 70 6.71 -7.59 -11.18
CA ALA B 70 7.26 -8.92 -11.28
C ALA B 70 7.09 -9.62 -9.94
N VAL B 71 6.05 -10.44 -9.85
CA VAL B 71 5.67 -11.06 -8.60
C VAL B 71 6.57 -12.24 -8.26
N GLY B 72 7.08 -12.23 -7.04
CA GLY B 72 7.85 -13.34 -6.55
C GLY B 72 9.26 -13.38 -7.07
N GLU B 73 10.00 -14.38 -6.64
CA GLU B 73 11.37 -14.57 -7.06
C GLU B 73 11.44 -15.05 -8.50
N HIS B 74 10.32 -15.62 -8.98
CA HIS B 74 10.23 -16.07 -10.36
C HIS B 74 9.88 -14.89 -11.27
N ARG B 75 9.53 -13.77 -10.64
CA ARG B 75 9.30 -12.50 -11.32
C ARG B 75 8.22 -12.56 -12.38
N ALA B 76 7.09 -13.17 -12.05
CA ALA B 76 5.96 -13.22 -12.96
C ALA B 76 5.26 -11.88 -13.00
N GLN B 77 5.22 -11.26 -14.17
CA GLN B 77 4.76 -9.88 -14.26
C GLN B 77 3.24 -9.77 -14.31
N VAL B 78 2.74 -8.82 -13.53
CA VAL B 78 1.32 -8.54 -13.40
C VAL B 78 1.04 -7.07 -13.64
N SER B 79 0.14 -6.79 -14.56
CA SER B 79 -0.26 -5.42 -14.83
C SER B 79 -1.61 -5.13 -14.17
N VAL B 80 -1.59 -4.34 -13.12
CA VAL B 80 -2.79 -4.03 -12.38
C VAL B 80 -3.17 -2.55 -12.53
N GLU B 81 -4.37 -2.29 -13.01
CA GLU B 81 -4.85 -0.95 -13.24
C GLU B 81 -5.51 -0.38 -11.98
N VAL B 82 -4.88 0.62 -11.38
CA VAL B 82 -5.42 1.23 -10.18
C VAL B 82 -5.47 2.75 -10.33
N LEU B 83 -6.20 3.40 -9.43
CA LEU B 83 -6.20 4.86 -9.41
C LEU B 83 -4.95 5.35 -8.71
N VAL B 84 -4.43 6.47 -9.19
CA VAL B 84 -3.17 7.02 -8.70
C VAL B 84 -3.30 7.54 -7.27
N GLU B 85 -4.53 7.69 -6.81
CA GLU B 85 -4.79 8.15 -5.45
C GLU B 85 -4.55 7.01 -4.46
N TYR B 86 -4.50 5.79 -4.97
CA TYR B 86 -4.31 4.61 -4.15
C TYR B 86 -2.90 4.55 -3.59
N PRO B 87 -2.78 4.46 -2.26
CA PRO B 87 -1.49 4.32 -1.59
C PRO B 87 -0.96 2.89 -1.70
N PHE B 88 0.35 2.77 -1.78
CA PHE B 88 1.00 1.47 -1.94
C PHE B 88 2.11 1.29 -0.93
N PHE B 89 1.86 0.43 0.04
CA PHE B 89 2.89 0.07 1.00
C PHE B 89 3.95 -0.77 0.30
N VAL B 90 5.19 -0.32 0.35
CA VAL B 90 6.23 -0.99 -0.39
C VAL B 90 7.13 -1.81 0.55
N PHE B 91 7.51 -3.01 0.08
CA PHE B 91 8.15 -4.05 0.90
C PHE B 91 9.61 -3.73 1.23
N GLY B 92 9.83 -2.82 2.17
CA GLY B 92 11.20 -2.46 2.52
C GLY B 92 11.64 -1.18 1.85
N GLN B 93 10.79 -0.67 0.98
CA GLN B 93 11.12 0.51 0.19
C GLN B 93 10.52 1.76 0.83
N GLY B 94 9.34 1.61 1.44
CA GLY B 94 8.76 2.71 2.19
C GLY B 94 7.25 2.82 2.04
N TRP B 95 6.72 3.94 2.51
CA TRP B 95 5.29 4.22 2.48
C TRP B 95 5.00 5.15 1.30
N SER B 96 4.51 4.57 0.20
CA SER B 96 4.42 5.30 -1.06
C SER B 96 3.02 5.24 -1.64
N SER B 97 2.78 6.04 -2.67
CA SER B 97 1.56 5.92 -3.47
C SER B 97 1.90 6.23 -4.92
N CYS B 98 1.00 5.88 -5.83
CA CYS B 98 1.22 6.13 -7.25
C CYS B 98 1.25 7.62 -7.54
N CYS B 99 0.64 8.40 -6.64
CA CYS B 99 0.59 9.84 -6.78
C CYS B 99 0.37 10.49 -5.42
N PRO B 100 1.47 10.72 -4.68
CA PRO B 100 1.43 11.29 -3.34
C PRO B 100 0.64 12.58 -3.28
N GLU B 101 0.70 13.37 -4.35
CA GLU B 101 -0.03 14.62 -4.42
C GLU B 101 -1.49 14.38 -4.16
N ARG B 102 -2.07 13.48 -4.94
CA ARG B 102 -3.50 13.19 -4.85
C ARG B 102 -3.85 12.53 -3.52
N THR B 103 -3.01 11.63 -3.04
CA THR B 103 -3.26 10.97 -1.75
C THR B 103 -3.28 12.01 -0.62
N SER B 104 -2.30 12.91 -0.59
CA SER B 104 -2.25 13.95 0.41
C SER B 104 -3.34 15.00 0.17
N GLN B 105 -3.61 15.29 -1.09
CA GLN B 105 -4.67 16.21 -1.48
C GLN B 105 -6.03 15.81 -0.93
N LEU B 106 -6.41 14.57 -1.17
CA LEU B 106 -7.77 14.15 -0.94
C LEU B 106 -7.95 13.52 0.43
N PHE B 107 -6.94 12.79 0.87
CA PHE B 107 -7.03 12.05 2.12
C PHE B 107 -6.17 12.71 3.20
N ASP B 108 -5.46 13.77 2.79
CA ASP B 108 -4.54 14.51 3.67
C ASP B 108 -3.37 13.64 4.10
N LEU B 109 -3.32 12.43 3.58
CA LEU B 109 -2.32 11.48 4.02
C LEU B 109 -1.06 11.56 3.15
N PRO B 110 0.10 11.75 3.79
CA PRO B 110 1.39 11.79 3.10
C PRO B 110 1.75 10.48 2.43
N CYS B 111 2.44 10.58 1.32
CA CYS B 111 2.93 9.42 0.60
C CYS B 111 4.22 9.73 -0.12
N SER B 112 5.05 8.73 -0.25
CA SER B 112 6.26 8.81 -1.04
C SER B 112 5.91 8.43 -2.48
N LYS B 113 6.70 8.89 -3.44
CA LYS B 113 6.40 8.65 -4.83
C LYS B 113 6.79 7.23 -5.23
N LEU B 114 5.77 6.39 -5.42
CA LEU B 114 5.99 5.03 -5.87
C LEU B 114 6.49 5.03 -7.31
N SER B 115 7.52 4.26 -7.56
CA SER B 115 8.14 4.23 -8.86
C SER B 115 8.67 2.84 -9.18
N VAL B 116 8.93 2.59 -10.45
CA VAL B 116 9.49 1.34 -10.90
C VAL B 116 10.78 1.00 -10.12
N GLY B 117 10.83 -0.21 -9.61
CA GLY B 117 11.90 -0.60 -8.71
C GLY B 117 11.41 -0.83 -7.29
N ASP B 118 10.22 -0.33 -6.99
CA ASP B 118 9.67 -0.46 -5.64
C ASP B 118 8.76 -1.68 -5.53
N VAL B 119 9.27 -2.75 -4.93
CA VAL B 119 8.48 -3.96 -4.79
C VAL B 119 7.38 -3.78 -3.75
N CYS B 120 6.14 -3.70 -4.23
CA CYS B 120 5.02 -3.36 -3.39
C CYS B 120 4.57 -4.54 -2.55
N ILE B 121 4.03 -4.22 -1.38
CA ILE B 121 3.49 -5.21 -0.47
C ILE B 121 2.08 -5.58 -0.88
N SER B 122 1.89 -6.81 -1.34
CA SER B 122 0.55 -7.31 -1.51
C SER B 122 0.16 -8.05 -0.25
N LEU B 123 -0.89 -7.60 0.40
CA LEU B 123 -1.33 -8.25 1.60
C LEU B 123 -2.41 -9.25 1.25
N THR B 124 -2.15 -10.50 1.56
CA THR B 124 -3.11 -11.54 1.31
C THR B 124 -3.86 -11.85 2.59
N LEU B 125 -5.16 -11.62 2.56
CA LEU B 125 -6.01 -11.82 3.73
C LEU B 125 -6.98 -12.96 3.50
N LYS B 126 -6.93 -13.92 4.40
CA LYS B 126 -7.78 -15.09 4.33
C LYS B 126 -9.18 -14.76 4.84
#